data_6F2C
#
_entry.id   6F2C
#
_cell.length_a   108.930
_cell.length_b   109.710
_cell.length_c   199.950
_cell.angle_alpha   90.000
_cell.angle_beta   90.000
_cell.angle_gamma   90.000
#
_symmetry.space_group_name_H-M   'P 21 21 21'
#
loop_
_entity.id
_entity.type
_entity.pdbx_description
1 polymer 'Methylglyoxal synthase'
2 non-polymer GLYCEROL
3 non-polymer 'CHLORIDE ION'
4 water water
#
_entity_poly.entity_id   1
_entity_poly.type   'polypeptide(L)'
_entity_poly.pdbx_seq_one_letter_code
;MASWSHPQFEKGAETAVPNSSSVMKIALIAHDKKKQDMVQFTTAYRDILKNHDLYATGTTGLKIHEATGLQIERFQSGPL
GGDQQIGALIAANALDLVIFLRDPLTAQPHEPDVSALIRLCDVYSIPLATNMGTAEILVRTLDEGVFEFRDLLRGEEPNV
;
_entity_poly.pdbx_strand_id   A,D,B,F,C,E,H,K,G,I,L,J
#
loop_
_chem_comp.id
_chem_comp.type
_chem_comp.name
_chem_comp.formula
CL non-polymer 'CHLORIDE ION' 'Cl -1'
GOL non-polymer GLYCEROL 'C3 H8 O3'
#
# COMPACT_ATOMS: atom_id res chain seq x y z
N SER A 21 4.63 -29.03 -33.88
CA SER A 21 4.72 -28.83 -32.44
C SER A 21 3.35 -28.98 -31.79
N SER A 22 2.36 -28.33 -32.40
CA SER A 22 0.97 -28.30 -31.92
C SER A 22 0.83 -27.78 -30.49
N VAL A 23 1.62 -26.77 -30.16
CA VAL A 23 1.56 -26.16 -28.84
C VAL A 23 0.87 -24.82 -28.98
N MET A 24 -0.25 -24.67 -28.27
CA MET A 24 -1.02 -23.46 -28.32
C MET A 24 -0.39 -22.31 -27.53
N LYS A 25 -0.65 -21.09 -27.96
CA LYS A 25 -0.18 -19.92 -27.25
C LYS A 25 -1.44 -19.44 -26.52
N ILE A 26 -1.37 -19.41 -25.21
CA ILE A 26 -2.51 -19.12 -24.36
C ILE A 26 -2.26 -17.95 -23.42
N ALA A 27 -3.15 -16.95 -23.48
CA ALA A 27 -3.11 -15.82 -22.56
C ALA A 27 -4.05 -16.08 -21.39
N LEU A 28 -3.55 -15.83 -20.18
CA LEU A 28 -4.30 -16.06 -18.95
C LEU A 28 -4.39 -14.75 -18.17
N ILE A 29 -5.60 -14.23 -18.04
CA ILE A 29 -5.79 -12.96 -17.35
C ILE A 29 -6.85 -13.14 -16.26
N ALA A 30 -6.60 -12.54 -15.10
CA ALA A 30 -7.57 -12.59 -14.02
C ALA A 30 -7.55 -11.30 -13.22
N HIS A 31 -8.71 -10.65 -13.09
CA HIS A 31 -8.82 -9.49 -12.22
C HIS A 31 -8.70 -9.97 -10.78
N ASP A 32 -8.44 -9.03 -9.85
CA ASP A 32 -8.09 -9.38 -8.48
C ASP A 32 -9.06 -10.33 -7.80
N LYS A 33 -10.35 -10.11 -7.96
CA LYS A 33 -11.30 -10.95 -7.25
C LYS A 33 -11.52 -12.26 -7.98
N LYS A 34 -10.80 -12.44 -9.10
CA LYS A 34 -10.90 -13.67 -9.88
C LYS A 34 -9.60 -14.49 -9.80
N LYS A 35 -8.61 -13.95 -9.11
CA LYS A 35 -7.30 -14.58 -9.11
C LYS A 35 -7.32 -15.95 -8.42
N GLN A 36 -8.10 -16.10 -7.36
CA GLN A 36 -8.21 -17.42 -6.75
C GLN A 36 -8.86 -18.43 -7.70
N ASP A 37 -9.78 -17.95 -8.53
CA ASP A 37 -10.39 -18.82 -9.55
C ASP A 37 -9.35 -19.27 -10.57
N MET A 38 -8.50 -18.34 -10.99
CA MET A 38 -7.46 -18.64 -11.95
C MET A 38 -6.50 -19.68 -11.37
N VAL A 39 -6.19 -19.53 -10.08
CA VAL A 39 -5.32 -20.47 -9.39
C VAL A 39 -5.96 -21.86 -9.35
N GLN A 40 -7.26 -21.91 -9.09
CA GLN A 40 -7.96 -23.18 -9.06
C GLN A 40 -7.98 -23.81 -10.45
N PHE A 41 -8.26 -22.97 -11.44
CA PHE A 41 -8.37 -23.39 -12.83
C PHE A 41 -7.06 -23.95 -13.35
N THR A 42 -5.98 -23.19 -13.15
CA THR A 42 -4.66 -23.57 -13.65
C THR A 42 -4.12 -24.78 -12.90
N THR A 43 -4.53 -24.93 -11.65
CA THR A 43 -4.17 -26.10 -10.86
C THR A 43 -4.91 -27.35 -11.35
N ALA A 44 -6.21 -27.22 -11.58
CA ALA A 44 -7.00 -28.37 -12.04
C ALA A 44 -6.55 -28.88 -13.41
N TYR A 45 -6.08 -27.98 -14.26
CA TYR A 45 -5.71 -28.35 -15.63
C TYR A 45 -4.24 -28.12 -15.91
N ARG A 46 -3.44 -28.19 -14.86
N ARG A 46 -3.42 -28.21 -14.87
CA ARG A 46 -1.99 -28.09 -14.95
CA ARG A 46 -1.98 -28.07 -15.01
C ARG A 46 -1.37 -29.09 -15.94
C ARG A 46 -1.38 -29.08 -15.99
N ASP A 47 -1.88 -30.32 -15.95
CA ASP A 47 -1.37 -31.36 -16.83
C ASP A 47 -1.64 -31.06 -18.30
N ILE A 48 -2.73 -30.37 -18.57
CA ILE A 48 -3.04 -29.89 -19.91
C ILE A 48 -2.18 -28.67 -20.27
N LEU A 49 -2.12 -27.70 -19.35
CA LEU A 49 -1.49 -26.42 -19.63
C LEU A 49 0.03 -26.47 -19.77
N LYS A 50 0.65 -27.50 -19.20
CA LYS A 50 2.11 -27.66 -19.27
C LYS A 50 2.60 -27.92 -20.71
N ASN A 51 1.70 -28.34 -21.58
CA ASN A 51 2.07 -28.65 -22.95
C ASN A 51 1.98 -27.46 -23.88
N HIS A 52 1.76 -26.26 -23.32
CA HIS A 52 1.52 -25.08 -24.12
C HIS A 52 2.28 -23.86 -23.60
N ASP A 53 2.25 -22.79 -24.37
CA ASP A 53 2.96 -21.57 -24.03
C ASP A 53 2.02 -20.60 -23.37
N LEU A 54 2.31 -20.27 -22.12
CA LEU A 54 1.39 -19.48 -21.32
C LEU A 54 1.87 -18.04 -21.17
N TYR A 55 0.92 -17.12 -21.26
CA TYR A 55 1.17 -15.69 -21.10
C TYR A 55 0.22 -15.20 -20.02
N ALA A 56 0.69 -14.31 -19.15
CA ALA A 56 -0.21 -13.75 -18.15
C ALA A 56 0.14 -12.30 -17.84
N THR A 57 -0.85 -11.58 -17.34
CA THR A 57 -0.70 -10.18 -17.01
C THR A 57 -0.60 -9.96 -15.50
N GLY A 58 0.28 -9.05 -15.10
CA GLY A 58 0.41 -8.67 -13.70
C GLY A 58 0.70 -9.82 -12.75
N THR A 59 0.27 -9.64 -11.49
CA THR A 59 0.57 -10.58 -10.41
C THR A 59 -0.03 -11.96 -10.68
N THR A 60 -1.03 -12.02 -11.56
CA THR A 60 -1.66 -13.28 -11.94
C THR A 60 -0.64 -14.33 -12.37
N GLY A 61 0.33 -13.93 -13.19
CA GLY A 61 1.40 -14.83 -13.59
C GLY A 61 2.16 -15.40 -12.40
N LEU A 62 2.52 -14.55 -11.46
CA LEU A 62 3.16 -15.00 -10.24
C LEU A 62 2.31 -16.03 -9.51
N LYS A 63 1.03 -15.71 -9.29
CA LYS A 63 0.15 -16.61 -8.55
C LYS A 63 0.02 -17.99 -9.21
N ILE A 64 -0.04 -18.01 -10.54
CA ILE A 64 -0.20 -19.28 -11.24
C ILE A 64 1.07 -20.09 -11.10
N HIS A 65 2.20 -19.44 -11.32
CA HIS A 65 3.50 -20.11 -11.20
C HIS A 65 3.72 -20.71 -9.82
N GLU A 66 3.36 -19.96 -8.78
CA GLU A 66 3.54 -20.43 -7.41
C GLU A 66 2.65 -21.64 -7.11
N ALA A 67 1.41 -21.56 -7.55
CA ALA A 67 0.42 -22.60 -7.31
C ALA A 67 0.72 -23.91 -8.05
N THR A 68 1.31 -23.79 -9.24
CA THR A 68 1.38 -24.91 -10.18
C THR A 68 2.78 -25.28 -10.63
N GLY A 69 3.70 -24.32 -10.67
CA GLY A 69 5.03 -24.56 -11.17
C GLY A 69 5.15 -24.32 -12.66
N LEU A 70 4.01 -24.09 -13.32
CA LEU A 70 3.95 -23.77 -14.75
C LEU A 70 4.83 -22.57 -15.12
N GLN A 71 5.49 -22.66 -16.28
CA GLN A 71 6.27 -21.53 -16.81
C GLN A 71 5.36 -20.51 -17.46
N ILE A 72 5.47 -19.25 -17.04
CA ILE A 72 4.59 -18.20 -17.54
C ILE A 72 5.35 -17.02 -18.15
N GLU A 73 5.01 -16.66 -19.38
CA GLU A 73 5.53 -15.44 -19.99
C GLU A 73 4.74 -14.25 -19.44
N ARG A 74 5.45 -13.31 -18.82
CA ARG A 74 4.79 -12.31 -18.01
C ARG A 74 4.70 -10.92 -18.63
N PHE A 75 3.54 -10.29 -18.42
CA PHE A 75 3.28 -8.95 -18.93
C PHE A 75 2.83 -8.04 -17.79
N GLN A 76 2.73 -6.75 -18.10
CA GLN A 76 2.20 -5.76 -17.18
C GLN A 76 0.79 -6.10 -16.71
N SER A 77 0.39 -5.53 -15.59
CA SER A 77 -1.02 -5.59 -15.19
C SER A 77 -1.86 -4.84 -16.22
N GLY A 78 -3.14 -5.18 -16.27
CA GLY A 78 -4.08 -4.47 -17.11
C GLY A 78 -3.97 -2.94 -17.06
N PRO A 79 -4.09 -2.36 -15.86
CA PRO A 79 -4.03 -0.90 -15.83
C PRO A 79 -2.69 -0.32 -16.33
N LEU A 80 -1.59 -1.06 -16.23
CA LEU A 80 -0.31 -0.53 -16.71
C LEU A 80 0.01 -1.00 -18.14
N GLY A 81 -0.96 -1.60 -18.81
CA GLY A 81 -0.83 -1.88 -20.24
C GLY A 81 -0.86 -3.33 -20.70
N GLY A 82 -1.10 -4.25 -19.75
CA GLY A 82 -1.08 -5.66 -20.05
C GLY A 82 -2.12 -6.14 -21.07
N ASP A 83 -3.32 -5.57 -21.02
CA ASP A 83 -4.36 -6.01 -21.94
C ASP A 83 -3.98 -5.62 -23.36
N GLN A 84 -3.37 -4.46 -23.52
CA GLN A 84 -2.96 -4.03 -24.85
C GLN A 84 -1.77 -4.84 -25.33
N GLN A 85 -0.93 -5.28 -24.39
CA GLN A 85 0.16 -6.19 -24.72
C GLN A 85 -0.37 -7.51 -25.27
N ILE A 86 -1.43 -8.04 -24.65
CA ILE A 86 -2.07 -9.26 -25.14
C ILE A 86 -2.72 -8.99 -26.49
N GLY A 87 -3.47 -7.88 -26.56
CA GLY A 87 -4.07 -7.43 -27.80
C GLY A 87 -3.09 -7.35 -28.96
N ALA A 88 -1.89 -6.83 -28.70
CA ALA A 88 -0.87 -6.71 -29.73
C ALA A 88 -0.42 -8.07 -30.27
N LEU A 89 -0.45 -9.09 -29.44
CA LEU A 89 -0.13 -10.45 -29.89
C LEU A 89 -1.22 -10.94 -30.83
N ILE A 90 -2.45 -10.61 -30.50
CA ILE A 90 -3.59 -11.02 -31.30
C ILE A 90 -3.57 -10.33 -32.65
N ALA A 91 -3.18 -9.06 -32.65
CA ALA A 91 -3.04 -8.32 -33.90
C ALA A 91 -1.96 -8.92 -34.80
N ALA A 92 -1.00 -9.62 -34.21
CA ALA A 92 0.07 -10.22 -34.98
C ALA A 92 -0.16 -11.72 -35.11
N ASN A 93 -1.38 -12.17 -34.78
CA ASN A 93 -1.78 -13.57 -34.92
C ASN A 93 -0.87 -14.51 -34.15
N ALA A 94 -0.54 -14.13 -32.93
CA ALA A 94 0.41 -14.89 -32.10
C ALA A 94 -0.27 -15.46 -30.85
N LEU A 95 -1.59 -15.60 -30.89
CA LEU A 95 -2.32 -16.18 -29.77
C LEU A 95 -3.42 -17.10 -30.25
N ASP A 96 -3.59 -18.22 -29.56
CA ASP A 96 -4.54 -19.24 -29.99
C ASP A 96 -5.76 -19.29 -29.08
N LEU A 97 -5.62 -18.79 -27.85
CA LEU A 97 -6.66 -18.89 -26.84
C LEU A 97 -6.48 -17.86 -25.73
N VAL A 98 -7.58 -17.22 -25.33
CA VAL A 98 -7.55 -16.30 -24.21
C VAL A 98 -8.54 -16.72 -23.11
N ILE A 99 -8.00 -16.84 -21.91
CA ILE A 99 -8.80 -17.04 -20.71
C ILE A 99 -8.79 -15.74 -19.93
N PHE A 100 -9.91 -15.03 -19.96
CA PHE A 100 -9.98 -13.67 -19.49
C PHE A 100 -10.99 -13.63 -18.35
N LEU A 101 -10.56 -13.99 -17.15
CA LEU A 101 -11.43 -13.93 -15.99
C LEU A 101 -11.53 -12.50 -15.45
N ARG A 102 -12.34 -11.70 -16.12
CA ARG A 102 -12.54 -10.32 -15.69
C ARG A 102 -13.58 -10.28 -14.58
N ASP A 103 -13.58 -9.17 -13.85
CA ASP A 103 -14.49 -9.00 -12.74
C ASP A 103 -15.69 -8.16 -13.19
N PRO A 104 -16.84 -8.81 -13.40
CA PRO A 104 -18.06 -8.13 -13.86
C PRO A 104 -18.81 -7.39 -12.75
N LEU A 105 -18.29 -7.45 -11.53
CA LEU A 105 -18.99 -6.88 -10.38
C LEU A 105 -18.23 -5.70 -9.77
N THR A 106 -17.13 -5.32 -10.42
CA THR A 106 -16.30 -4.22 -9.94
C THR A 106 -15.94 -3.28 -11.09
N ALA A 107 -16.26 -1.99 -10.95
CA ALA A 107 -15.83 -1.00 -11.92
C ALA A 107 -14.29 -1.01 -12.06
N GLN A 108 -13.80 -1.15 -13.28
CA GLN A 108 -12.37 -1.23 -13.54
C GLN A 108 -11.85 0.11 -14.05
N PRO A 109 -10.63 0.50 -13.62
CA PRO A 109 -10.00 1.72 -14.11
C PRO A 109 -9.61 1.63 -15.59
N HIS A 110 -9.40 0.42 -16.09
CA HIS A 110 -9.00 0.20 -17.47
C HIS A 110 -10.10 -0.53 -18.26
N GLU A 111 -11.36 -0.15 -18.01
N GLU A 111 -11.36 -0.16 -18.03
CA GLU A 111 -12.52 -0.70 -18.72
CA GLU A 111 -12.46 -0.79 -18.75
C GLU A 111 -12.35 -0.66 -20.25
C GLU A 111 -12.37 -0.67 -20.28
N PRO A 112 -11.94 0.50 -20.81
CA PRO A 112 -11.75 0.47 -22.28
C PRO A 112 -10.73 -0.58 -22.74
N ASP A 113 -9.66 -0.78 -21.96
CA ASP A 113 -8.68 -1.81 -22.29
C ASP A 113 -9.33 -3.19 -22.30
N VAL A 114 -10.19 -3.42 -21.32
CA VAL A 114 -10.86 -4.70 -21.20
C VAL A 114 -11.80 -4.96 -22.39
N SER A 115 -12.61 -3.95 -22.71
CA SER A 115 -13.52 -4.06 -23.85
C SER A 115 -12.74 -4.17 -25.15
N ALA A 116 -11.61 -3.46 -25.25
CA ALA A 116 -10.80 -3.47 -26.47
C ALA A 116 -10.23 -4.86 -26.72
N LEU A 117 -9.72 -5.49 -25.67
CA LEU A 117 -9.15 -6.82 -25.81
C LEU A 117 -10.22 -7.81 -26.25
N ILE A 118 -11.37 -7.75 -25.61
CA ILE A 118 -12.48 -8.63 -25.96
C ILE A 118 -12.89 -8.38 -27.40
N ARG A 119 -12.99 -7.11 -27.79
CA ARG A 119 -13.39 -6.78 -29.15
C ARG A 119 -12.41 -7.35 -30.17
N LEU A 120 -11.12 -7.23 -29.89
CA LEU A 120 -10.10 -7.65 -30.84
C LEU A 120 -10.07 -9.17 -31.01
N CYS A 121 -10.28 -9.89 -29.90
CA CYS A 121 -10.47 -11.34 -29.97
C CYS A 121 -11.58 -11.72 -30.93
N ASP A 122 -12.70 -11.02 -30.84
CA ASP A 122 -13.83 -11.35 -31.69
C ASP A 122 -13.53 -10.99 -33.15
N VAL A 123 -12.77 -9.91 -33.37
CA VAL A 123 -12.37 -9.54 -34.72
C VAL A 123 -11.72 -10.73 -35.44
N TYR A 124 -10.83 -11.41 -34.71
CA TYR A 124 -10.03 -12.51 -35.24
C TYR A 124 -10.55 -13.91 -34.85
N SER A 125 -11.77 -13.97 -34.30
CA SER A 125 -12.36 -15.23 -33.87
C SER A 125 -11.42 -16.06 -32.99
N ILE A 126 -10.68 -15.38 -32.12
CA ILE A 126 -9.85 -16.06 -31.16
C ILE A 126 -10.73 -16.67 -30.08
N PRO A 127 -10.61 -17.99 -29.85
CA PRO A 127 -11.31 -18.62 -28.73
C PRO A 127 -11.03 -17.87 -27.44
N LEU A 128 -12.11 -17.43 -26.80
CA LEU A 128 -12.07 -16.49 -25.70
C LEU A 128 -13.05 -16.91 -24.62
N ALA A 129 -12.53 -17.13 -23.41
CA ALA A 129 -13.39 -17.36 -22.26
C ALA A 129 -13.40 -16.11 -21.40
N THR A 130 -14.59 -15.56 -21.17
CA THR A 130 -14.73 -14.39 -20.32
C THR A 130 -15.20 -14.77 -18.93
N ASN A 131 -15.47 -16.06 -18.71
CA ASN A 131 -15.81 -16.55 -17.38
C ASN A 131 -15.39 -18.01 -17.23
N MET A 132 -15.52 -18.54 -16.02
CA MET A 132 -15.09 -19.89 -15.71
C MET A 132 -15.89 -20.97 -16.45
N GLY A 133 -17.16 -20.69 -16.70
CA GLY A 133 -18.01 -21.65 -17.41
C GLY A 133 -17.46 -21.91 -18.81
N THR A 134 -17.03 -20.85 -19.47
CA THR A 134 -16.50 -20.99 -20.81
C THR A 134 -15.11 -21.60 -20.76
N ALA A 135 -14.35 -21.19 -19.76
CA ALA A 135 -12.99 -21.63 -19.64
C ALA A 135 -12.80 -23.12 -19.45
N GLU A 136 -13.55 -23.75 -18.56
CA GLU A 136 -13.34 -25.17 -18.39
C GLU A 136 -13.72 -25.95 -19.63
N ILE A 137 -14.76 -25.51 -20.33
CA ILE A 137 -15.13 -26.19 -21.56
C ILE A 137 -14.02 -26.05 -22.59
N LEU A 138 -13.50 -24.83 -22.74
CA LEU A 138 -12.44 -24.58 -23.70
C LEU A 138 -11.15 -25.32 -23.41
N VAL A 139 -10.73 -25.33 -22.15
CA VAL A 139 -9.50 -26.00 -21.78
C VAL A 139 -9.52 -27.51 -21.99
N ARG A 140 -10.64 -28.16 -21.68
CA ARG A 140 -10.75 -29.61 -21.82
C ARG A 140 -10.56 -30.01 -23.25
N THR A 141 -11.22 -29.27 -24.13
CA THR A 141 -11.15 -29.53 -25.54
C THR A 141 -9.77 -29.38 -26.09
N LEU A 142 -9.03 -28.40 -25.62
CA LEU A 142 -7.73 -28.12 -26.17
C LEU A 142 -6.76 -29.27 -26.10
N ASP A 143 -6.63 -29.94 -24.97
CA ASP A 143 -5.69 -31.05 -24.89
C ASP A 143 -6.20 -32.31 -24.22
N GLU A 144 -6.67 -32.14 -23.00
CA GLU A 144 -7.15 -33.24 -22.16
C GLU A 144 -6.12 -34.34 -22.04
N SER B 22 -41.89 33.94 -13.36
CA SER B 22 -42.56 32.64 -13.30
C SER B 22 -42.43 31.87 -14.61
N VAL B 23 -41.37 32.17 -15.36
CA VAL B 23 -41.13 31.51 -16.63
C VAL B 23 -39.96 30.55 -16.51
N MET B 24 -40.21 29.28 -16.85
CA MET B 24 -39.19 28.25 -16.78
C MET B 24 -38.16 28.30 -17.91
N LYS B 25 -36.95 27.84 -17.63
CA LYS B 25 -35.91 27.76 -18.65
C LYS B 25 -35.97 26.33 -19.14
N ILE B 26 -36.30 26.16 -20.41
CA ILE B 26 -36.48 24.83 -20.96
C ILE B 26 -35.50 24.62 -22.10
N ALA B 27 -34.76 23.52 -22.07
CA ALA B 27 -33.90 23.16 -23.18
C ALA B 27 -34.60 22.11 -24.04
N LEU B 28 -34.54 22.30 -25.35
CA LEU B 28 -35.13 21.36 -26.30
C LEU B 28 -34.05 20.78 -27.20
N ILE B 29 -33.89 19.47 -27.17
CA ILE B 29 -32.89 18.79 -27.99
C ILE B 29 -33.51 17.58 -28.70
N ALA B 30 -33.13 17.38 -29.96
CA ALA B 30 -33.59 16.23 -30.72
C ALA B 30 -32.50 15.74 -31.64
N HIS B 31 -32.24 14.43 -31.64
CA HIS B 31 -31.36 13.85 -32.64
C HIS B 31 -32.12 13.83 -33.97
N ASP B 32 -31.39 13.65 -35.07
CA ASP B 32 -31.95 13.84 -36.40
C ASP B 32 -33.25 13.09 -36.65
N LYS B 33 -33.28 11.82 -36.26
CA LYS B 33 -34.48 11.03 -36.50
C LYS B 33 -35.60 11.33 -35.49
N LYS B 34 -35.34 12.24 -34.55
CA LYS B 34 -36.34 12.66 -33.59
C LYS B 34 -36.79 14.11 -33.83
N LYS B 35 -36.14 14.77 -34.78
CA LYS B 35 -36.41 16.18 -35.06
C LYS B 35 -37.85 16.43 -35.53
N GLN B 36 -38.39 15.53 -36.36
CA GLN B 36 -39.81 15.64 -36.73
C GLN B 36 -40.70 15.52 -35.50
N ASP B 37 -40.41 14.55 -34.63
CA ASP B 37 -41.17 14.38 -33.40
C ASP B 37 -41.14 15.66 -32.55
N MET B 38 -39.97 16.26 -32.41
CA MET B 38 -39.83 17.49 -31.62
C MET B 38 -40.64 18.63 -32.24
N VAL B 39 -40.61 18.73 -33.58
CA VAL B 39 -41.36 19.77 -34.27
C VAL B 39 -42.86 19.60 -33.97
N GLN B 40 -43.38 18.38 -34.09
CA GLN B 40 -44.77 18.10 -33.77
C GLN B 40 -45.07 18.38 -32.30
N PHE B 41 -44.15 18.00 -31.43
CA PHE B 41 -44.28 18.23 -30.00
C PHE B 41 -44.42 19.72 -29.67
N THR B 42 -43.52 20.54 -30.19
CA THR B 42 -43.58 21.97 -29.93
C THR B 42 -44.81 22.58 -30.59
N THR B 43 -45.22 22.02 -31.72
CA THR B 43 -46.39 22.52 -32.44
C THR B 43 -47.65 22.31 -31.60
N ALA B 44 -47.76 21.11 -31.05
CA ALA B 44 -48.91 20.71 -30.26
C ALA B 44 -49.02 21.52 -28.98
N TYR B 45 -47.88 21.80 -28.37
CA TYR B 45 -47.86 22.44 -27.07
C TYR B 45 -47.34 23.88 -27.15
N ARG B 46 -47.50 24.49 -28.31
CA ARG B 46 -47.07 25.87 -28.54
C ARG B 46 -47.65 26.86 -27.52
N ASP B 47 -48.94 26.71 -27.22
CA ASP B 47 -49.64 27.63 -26.31
C ASP B 47 -49.09 27.57 -24.89
N ILE B 48 -48.47 26.45 -24.55
CA ILE B 48 -47.79 26.32 -23.28
C ILE B 48 -46.36 26.84 -23.38
N LEU B 49 -45.62 26.36 -24.39
CA LEU B 49 -44.21 26.68 -24.51
C LEU B 49 -43.91 28.16 -24.74
N LYS B 50 -44.90 28.91 -25.22
CA LYS B 50 -44.73 30.33 -25.50
C LYS B 50 -44.63 31.15 -24.21
N ASN B 51 -44.93 30.54 -23.08
CA ASN B 51 -44.91 31.25 -21.81
C ASN B 51 -43.59 31.09 -21.07
N HIS B 52 -42.64 30.43 -21.70
CA HIS B 52 -41.38 30.11 -21.06
C HIS B 52 -40.18 30.44 -21.96
N ASP B 53 -38.99 30.45 -21.39
CA ASP B 53 -37.79 30.73 -22.18
C ASP B 53 -37.22 29.45 -22.72
N LEU B 54 -37.05 29.40 -24.03
CA LEU B 54 -36.67 28.16 -24.71
C LEU B 54 -35.25 28.21 -25.26
N TYR B 55 -34.55 27.09 -25.08
CA TYR B 55 -33.20 26.89 -25.55
C TYR B 55 -33.16 25.62 -26.40
N ALA B 56 -32.40 25.62 -27.48
CA ALA B 56 -32.30 24.41 -28.30
C ALA B 56 -30.94 24.31 -28.96
N THR B 57 -30.54 23.07 -29.26
CA THR B 57 -29.28 22.84 -29.95
C THR B 57 -29.48 22.79 -31.44
N GLY B 58 -28.44 23.19 -32.18
CA GLY B 58 -28.35 22.94 -33.61
C GLY B 58 -29.53 23.42 -34.44
N THR B 59 -29.95 22.58 -35.38
CA THR B 59 -31.02 22.99 -36.27
C THR B 59 -32.40 22.78 -35.61
N THR B 60 -32.41 22.12 -34.46
CA THR B 60 -33.66 21.89 -33.73
C THR B 60 -34.38 23.20 -33.45
N GLY B 61 -33.66 24.18 -32.90
CA GLY B 61 -34.22 25.50 -32.66
C GLY B 61 -34.75 26.17 -33.91
N LEU B 62 -33.97 26.12 -34.99
CA LEU B 62 -34.38 26.71 -36.25
C LEU B 62 -35.70 26.10 -36.75
N LYS B 63 -35.77 24.77 -36.73
CA LYS B 63 -36.95 24.05 -37.19
C LYS B 63 -38.19 24.30 -36.33
N ILE B 64 -38.00 24.38 -35.02
CA ILE B 64 -39.09 24.71 -34.11
C ILE B 64 -39.62 26.10 -34.43
N HIS B 65 -38.69 27.04 -34.61
CA HIS B 65 -39.04 28.42 -34.95
C HIS B 65 -39.84 28.51 -36.24
N GLU B 66 -39.38 27.81 -37.27
CA GLU B 66 -40.03 27.87 -38.58
C GLU B 66 -41.43 27.26 -38.55
N ALA B 67 -41.63 26.31 -37.65
CA ALA B 67 -42.89 25.59 -37.55
C ALA B 67 -43.90 26.29 -36.65
N THR B 68 -43.42 26.96 -35.62
CA THR B 68 -44.29 27.48 -34.57
C THR B 68 -44.18 29.00 -34.39
N GLY B 69 -43.04 29.56 -34.73
CA GLY B 69 -42.78 30.97 -34.48
C GLY B 69 -42.27 31.23 -33.07
N LEU B 70 -42.04 30.17 -32.30
CA LEU B 70 -41.50 30.32 -30.94
C LEU B 70 -40.10 30.92 -30.96
N GLN B 71 -39.80 31.78 -29.99
CA GLN B 71 -38.44 32.30 -29.85
C GLN B 71 -37.57 31.27 -29.12
N ILE B 72 -36.42 30.96 -29.71
CA ILE B 72 -35.52 29.98 -29.12
C ILE B 72 -34.09 30.50 -29.11
N GLU B 73 -33.42 30.41 -27.97
CA GLU B 73 -31.99 30.69 -27.96
C GLU B 73 -31.29 29.46 -28.48
N ARG B 74 -30.48 29.65 -29.51
CA ARG B 74 -29.89 28.52 -30.22
C ARG B 74 -28.43 28.30 -29.81
N PHE B 75 -28.08 27.03 -29.65
CA PHE B 75 -26.71 26.64 -29.36
C PHE B 75 -26.17 25.80 -30.51
N GLN B 76 -24.94 25.36 -30.40
CA GLN B 76 -24.36 24.47 -31.39
C GLN B 76 -25.16 23.17 -31.47
N SER B 77 -24.97 22.43 -32.56
CA SER B 77 -25.49 21.07 -32.60
C SER B 77 -24.77 20.25 -31.52
N GLY B 78 -25.40 19.17 -31.07
CA GLY B 78 -24.80 18.26 -30.11
C GLY B 78 -23.36 17.83 -30.40
N PRO B 79 -23.11 17.28 -31.61
CA PRO B 79 -21.74 16.94 -31.98
C PRO B 79 -20.77 18.10 -31.89
N LEU B 80 -21.25 19.34 -32.01
CA LEU B 80 -20.37 20.49 -31.95
C LEU B 80 -20.43 21.21 -30.59
N GLY B 81 -20.96 20.56 -29.57
CA GLY B 81 -20.87 21.08 -28.21
C GLY B 81 -22.17 21.54 -27.58
N GLY B 82 -23.26 21.46 -28.34
CA GLY B 82 -24.55 21.92 -27.86
C GLY B 82 -25.04 21.26 -26.59
N ASP B 83 -24.79 19.95 -26.48
CA ASP B 83 -25.14 19.23 -25.25
C ASP B 83 -24.38 19.79 -24.04
N GLN B 84 -23.10 20.11 -24.25
CA GLN B 84 -22.30 20.59 -23.15
C GLN B 84 -22.68 22.04 -22.82
N GLN B 85 -23.13 22.77 -23.83
CA GLN B 85 -23.68 24.11 -23.60
C GLN B 85 -24.96 24.04 -22.77
N ILE B 86 -25.77 23.00 -22.96
CA ILE B 86 -26.94 22.84 -22.13
C ILE B 86 -26.49 22.44 -20.72
N GLY B 87 -25.55 21.50 -20.63
CA GLY B 87 -25.01 21.05 -19.35
C GLY B 87 -24.48 22.19 -18.49
N ALA B 88 -23.79 23.13 -19.13
CA ALA B 88 -23.21 24.26 -18.41
C ALA B 88 -24.28 25.13 -17.77
N LEU B 89 -25.47 25.16 -18.39
CA LEU B 89 -26.59 25.88 -17.81
C LEU B 89 -27.11 25.16 -16.57
N ILE B 90 -27.16 23.84 -16.65
CA ILE B 90 -27.51 23.02 -15.50
C ILE B 90 -26.53 23.29 -14.35
N ALA B 91 -25.24 23.22 -14.66
CA ALA B 91 -24.21 23.43 -13.64
C ALA B 91 -24.31 24.82 -13.03
N ALA B 92 -24.89 25.76 -13.74
CA ALA B 92 -25.04 27.12 -13.21
C ALA B 92 -26.44 27.36 -12.67
N ASN B 93 -27.21 26.28 -12.49
CA ASN B 93 -28.56 26.36 -11.97
C ASN B 93 -29.44 27.28 -12.83
N ALA B 94 -29.36 27.12 -14.15
CA ALA B 94 -30.01 28.06 -15.04
C ALA B 94 -30.99 27.38 -16.02
N LEU B 95 -31.43 26.18 -15.64
CA LEU B 95 -32.42 25.44 -16.44
C LEU B 95 -33.38 24.70 -15.54
N ASP B 96 -34.68 24.77 -15.85
CA ASP B 96 -35.69 24.11 -15.04
C ASP B 96 -36.12 22.76 -15.59
N LEU B 97 -35.99 22.58 -16.90
CA LEU B 97 -36.49 21.37 -17.55
C LEU B 97 -35.75 21.11 -18.85
N VAL B 98 -35.47 19.82 -19.10
CA VAL B 98 -34.83 19.40 -20.35
C VAL B 98 -35.69 18.36 -21.07
N ILE B 99 -36.04 18.64 -22.33
CA ILE B 99 -36.63 17.64 -23.21
C ILE B 99 -35.58 17.14 -24.18
N PHE B 100 -35.10 15.93 -23.96
CA PHE B 100 -33.95 15.40 -24.71
C PHE B 100 -34.39 14.20 -25.52
N LEU B 101 -34.88 14.45 -26.74
CA LEU B 101 -35.31 13.34 -27.58
C LEU B 101 -34.12 12.78 -28.35
N ARG B 102 -33.32 11.98 -27.65
CA ARG B 102 -32.19 11.27 -28.23
C ARG B 102 -32.66 10.12 -29.12
N ASP B 103 -31.79 9.64 -29.99
CA ASP B 103 -32.10 8.53 -30.85
C ASP B 103 -31.46 7.26 -30.29
N PRO B 104 -32.29 6.39 -29.70
CA PRO B 104 -31.78 5.18 -29.04
C PRO B 104 -31.50 4.06 -30.02
N LEU B 105 -31.77 4.28 -31.31
CA LEU B 105 -31.58 3.23 -32.31
C LEU B 105 -30.46 3.56 -33.31
N THR B 106 -29.72 4.64 -33.06
CA THR B 106 -28.63 5.04 -33.93
C THR B 106 -27.39 5.42 -33.14
N ALA B 107 -26.26 4.81 -33.47
CA ALA B 107 -24.97 5.13 -32.83
C ALA B 107 -24.60 6.60 -33.04
N GLN B 108 -24.36 7.31 -31.94
CA GLN B 108 -24.02 8.72 -31.99
C GLN B 108 -22.52 8.95 -31.87
N PRO B 109 -21.98 9.84 -32.71
CA PRO B 109 -20.54 10.15 -32.61
C PRO B 109 -20.22 10.86 -31.29
N HIS B 110 -21.25 11.43 -30.68
CA HIS B 110 -21.08 12.17 -29.45
C HIS B 110 -21.87 11.53 -28.31
N GLU B 111 -21.85 10.20 -28.25
CA GLU B 111 -22.58 9.52 -27.17
C GLU B 111 -22.05 9.85 -25.75
N PRO B 112 -20.74 10.13 -25.59
CA PRO B 112 -20.43 10.56 -24.21
C PRO B 112 -21.09 11.90 -23.83
N ASP B 113 -21.19 12.84 -24.76
CA ASP B 113 -21.88 14.10 -24.47
C ASP B 113 -23.32 13.81 -24.09
N VAL B 114 -23.92 12.84 -24.79
CA VAL B 114 -25.29 12.44 -24.54
C VAL B 114 -25.44 11.89 -23.12
N SER B 115 -24.60 10.91 -22.78
CA SER B 115 -24.67 10.31 -21.45
C SER B 115 -24.34 11.33 -20.37
N ALA B 116 -23.39 12.21 -20.67
CA ALA B 116 -22.94 13.22 -19.70
C ALA B 116 -24.07 14.18 -19.35
N LEU B 117 -24.80 14.64 -20.36
CA LEU B 117 -25.89 15.59 -20.14
C LEU B 117 -27.00 14.95 -19.32
N ILE B 118 -27.32 13.70 -19.64
CA ILE B 118 -28.31 12.96 -18.87
C ILE B 118 -27.82 12.81 -17.42
N ARG B 119 -26.56 12.39 -17.25
CA ARG B 119 -25.94 12.27 -15.93
C ARG B 119 -25.99 13.56 -15.13
N LEU B 120 -25.68 14.68 -15.78
CA LEU B 120 -25.62 15.96 -15.05
C LEU B 120 -27.02 16.43 -14.62
N CYS B 121 -28.03 16.17 -15.44
CA CYS B 121 -29.43 16.41 -15.05
C CYS B 121 -29.79 15.66 -13.78
N ASP B 122 -29.30 14.43 -13.65
CA ASP B 122 -29.58 13.59 -12.49
C ASP B 122 -28.82 14.09 -11.25
N VAL B 123 -27.65 14.69 -11.46
CA VAL B 123 -26.89 15.28 -10.35
C VAL B 123 -27.71 16.36 -9.67
N TYR B 124 -28.37 17.19 -10.47
CA TYR B 124 -29.08 18.35 -9.95
C TYR B 124 -30.58 18.14 -9.86
N SER B 125 -31.03 16.91 -10.11
CA SER B 125 -32.45 16.56 -10.08
C SER B 125 -33.28 17.41 -11.03
N ILE B 126 -32.72 17.72 -12.20
CA ILE B 126 -33.45 18.46 -13.19
C ILE B 126 -34.44 17.54 -13.89
N PRO B 127 -35.73 17.92 -13.89
CA PRO B 127 -36.74 17.21 -14.68
C PRO B 127 -36.26 17.03 -16.12
N LEU B 128 -36.25 15.77 -16.55
CA LEU B 128 -35.61 15.39 -17.78
C LEU B 128 -36.45 14.34 -18.50
N ALA B 129 -36.85 14.66 -19.73
CA ALA B 129 -37.50 13.67 -20.60
C ALA B 129 -36.49 13.18 -21.63
N THR B 130 -36.23 11.88 -21.63
CA THR B 130 -35.31 11.25 -22.57
C THR B 130 -36.08 10.56 -23.69
N ASN B 131 -37.41 10.67 -23.65
CA ASN B 131 -38.27 10.15 -24.70
C ASN B 131 -39.62 10.87 -24.69
N MET B 132 -40.45 10.58 -25.68
CA MET B 132 -41.69 11.32 -25.87
C MET B 132 -42.76 10.98 -24.82
N GLY B 133 -42.70 9.79 -24.25
CA GLY B 133 -43.62 9.40 -23.21
C GLY B 133 -43.44 10.29 -21.98
N THR B 134 -42.19 10.45 -21.58
CA THR B 134 -41.88 11.32 -20.45
C THR B 134 -42.19 12.77 -20.79
N ALA B 135 -41.95 13.15 -22.05
CA ALA B 135 -42.05 14.55 -22.45
C ALA B 135 -43.49 15.07 -22.38
N GLU B 136 -44.44 14.29 -22.90
CA GLU B 136 -45.83 14.71 -22.91
C GLU B 136 -46.31 14.97 -21.50
N ILE B 137 -45.84 14.17 -20.55
CA ILE B 137 -46.32 14.29 -19.18
C ILE B 137 -45.71 15.52 -18.52
N LEU B 138 -44.41 15.72 -18.70
CA LEU B 138 -43.73 16.86 -18.09
C LEU B 138 -44.30 18.18 -18.62
N VAL B 139 -44.57 18.23 -19.91
CA VAL B 139 -45.01 19.48 -20.52
C VAL B 139 -46.44 19.80 -20.13
N ARG B 140 -47.27 18.76 -19.93
CA ARG B 140 -48.66 18.96 -19.55
C ARG B 140 -48.79 19.57 -18.17
N THR B 141 -47.76 19.44 -17.33
CA THR B 141 -47.87 19.94 -15.97
C THR B 141 -47.52 21.43 -15.91
N LEU B 142 -47.09 22.00 -17.03
CA LEU B 142 -46.76 23.41 -17.10
C LEU B 142 -47.98 24.34 -17.25
N ASP B 143 -49.11 23.79 -17.69
CA ASP B 143 -50.33 24.61 -17.79
C ASP B 143 -51.39 24.15 -16.78
N SER C 22 -32.56 -33.69 -20.07
CA SER C 22 -31.18 -33.22 -20.20
C SER C 22 -30.96 -32.37 -21.46
N VAL C 23 -31.94 -31.53 -21.77
CA VAL C 23 -31.85 -30.66 -22.92
C VAL C 23 -31.43 -29.29 -22.43
N MET C 24 -30.35 -28.78 -22.99
CA MET C 24 -29.82 -27.50 -22.59
C MET C 24 -30.58 -26.37 -23.23
N LYS C 25 -30.59 -25.24 -22.55
CA LYS C 25 -31.28 -24.07 -23.10
C LYS C 25 -30.23 -23.10 -23.65
N ILE C 26 -30.38 -22.76 -24.93
CA ILE C 26 -29.33 -22.09 -25.67
C ILE C 26 -29.85 -20.83 -26.33
N ALA C 27 -29.15 -19.72 -26.12
CA ALA C 27 -29.51 -18.46 -26.77
C ALA C 27 -28.61 -18.25 -27.97
N LEU C 28 -29.21 -17.80 -29.07
CA LEU C 28 -28.48 -17.57 -30.30
C LEU C 28 -28.68 -16.13 -30.75
N ILE C 29 -27.60 -15.37 -30.77
CA ILE C 29 -27.68 -13.96 -31.13
C ILE C 29 -26.66 -13.64 -32.20
N ALA C 30 -27.09 -12.88 -33.21
CA ALA C 30 -26.18 -12.46 -34.25
C ALA C 30 -26.49 -11.05 -34.75
N HIS C 31 -25.47 -10.19 -34.73
CA HIS C 31 -25.60 -8.87 -35.31
C HIS C 31 -25.72 -9.01 -36.83
N ASP C 32 -26.18 -7.95 -37.48
CA ASP C 32 -26.52 -8.00 -38.91
C ASP C 32 -25.46 -8.64 -39.79
N LYS C 33 -24.21 -8.22 -39.66
CA LYS C 33 -23.15 -8.74 -40.52
C LYS C 33 -22.72 -10.15 -40.12
N LYS C 34 -23.29 -10.66 -39.04
CA LYS C 34 -22.93 -11.99 -38.54
C LYS C 34 -24.06 -12.99 -38.77
N LYS C 35 -25.21 -12.52 -39.20
CA LYS C 35 -26.39 -13.38 -39.30
C LYS C 35 -26.19 -14.56 -40.25
N GLN C 36 -25.57 -14.32 -41.40
CA GLN C 36 -25.30 -15.42 -42.33
C GLN C 36 -24.34 -16.42 -41.71
N ASP C 37 -23.37 -15.92 -40.94
CA ASP C 37 -22.48 -16.80 -40.20
C ASP C 37 -23.26 -17.68 -39.24
N MET C 38 -24.25 -17.08 -38.56
CA MET C 38 -25.10 -17.81 -37.62
C MET C 38 -25.89 -18.89 -38.35
N VAL C 39 -26.39 -18.55 -39.53
CA VAL C 39 -27.14 -19.49 -40.33
C VAL C 39 -26.29 -20.71 -40.73
N GLN C 40 -25.07 -20.46 -41.21
CA GLN C 40 -24.15 -21.53 -41.60
C GLN C 40 -23.81 -22.40 -40.40
N PHE C 41 -23.59 -21.73 -39.27
CA PHE C 41 -23.29 -22.39 -38.01
C PHE C 41 -24.41 -23.34 -37.59
N THR C 42 -25.65 -22.87 -37.64
CA THR C 42 -26.78 -23.66 -37.17
C THR C 42 -27.12 -24.77 -38.17
N THR C 43 -26.70 -24.59 -39.41
CA THR C 43 -26.90 -25.60 -40.42
C THR C 43 -25.88 -26.72 -40.26
N ALA C 44 -24.62 -26.33 -40.04
CA ALA C 44 -23.53 -27.29 -39.82
C ALA C 44 -23.74 -28.15 -38.57
N TYR C 45 -24.39 -27.58 -37.55
CA TYR C 45 -24.54 -28.28 -36.27
C TYR C 45 -26.01 -28.56 -35.97
N ARG C 46 -26.80 -28.68 -37.01
CA ARG C 46 -28.22 -28.98 -36.88
C ARG C 46 -28.50 -30.26 -36.09
N ASP C 47 -27.71 -31.30 -36.36
CA ASP C 47 -27.88 -32.58 -35.66
C ASP C 47 -27.68 -32.44 -34.16
N ILE C 48 -26.90 -31.46 -33.76
CA ILE C 48 -26.65 -31.19 -32.36
C ILE C 48 -27.77 -30.34 -31.79
N LEU C 49 -28.03 -29.20 -32.41
CA LEU C 49 -28.96 -28.21 -31.87
C LEU C 49 -30.41 -28.72 -31.78
N LYS C 50 -30.77 -29.69 -32.59
CA LYS C 50 -32.14 -30.19 -32.59
C LYS C 50 -32.52 -30.84 -31.27
N ASN C 51 -31.51 -31.22 -30.49
CA ASN C 51 -31.72 -31.88 -29.21
C ASN C 51 -31.85 -30.92 -28.03
N HIS C 52 -31.93 -29.63 -28.33
CA HIS C 52 -31.95 -28.62 -27.26
C HIS C 52 -33.01 -27.55 -27.48
N ASP C 53 -33.24 -26.73 -26.46
CA ASP C 53 -34.18 -25.62 -26.54
C ASP C 53 -33.45 -24.40 -27.03
N LEU C 54 -33.89 -23.87 -28.17
CA LEU C 54 -33.24 -22.75 -28.79
C LEU C 54 -34.01 -21.45 -28.55
N TYR C 55 -33.25 -20.38 -28.29
CA TYR C 55 -33.79 -19.03 -28.12
C TYR C 55 -32.99 -18.10 -29.03
N ALA C 56 -33.68 -17.18 -29.70
CA ALA C 56 -32.96 -16.22 -30.53
C ALA C 56 -33.64 -14.85 -30.53
N THR C 57 -32.86 -13.84 -30.88
CA THR C 57 -33.34 -12.47 -30.95
C THR C 57 -33.63 -12.07 -32.39
N GLY C 58 -34.70 -11.30 -32.59
CA GLY C 58 -34.95 -10.67 -33.87
C GLY C 58 -35.09 -11.60 -35.07
N THR C 59 -34.58 -11.16 -36.21
CA THR C 59 -34.71 -11.93 -37.44
C THR C 59 -33.80 -13.16 -37.42
N THR C 60 -32.85 -13.19 -36.49
CA THR C 60 -31.92 -14.30 -36.39
C THR C 60 -32.65 -15.63 -36.23
N GLY C 61 -33.61 -15.68 -35.31
CA GLY C 61 -34.43 -16.85 -35.12
C GLY C 61 -35.17 -17.28 -36.38
N LEU C 62 -35.71 -16.31 -37.11
CA LEU C 62 -36.46 -16.60 -38.32
C LEU C 62 -35.57 -17.12 -39.44
N LYS C 63 -34.39 -16.54 -39.59
CA LYS C 63 -33.44 -16.98 -40.61
C LYS C 63 -32.91 -18.38 -40.30
N ILE C 64 -32.69 -18.67 -39.02
CA ILE C 64 -32.26 -20.00 -38.65
C ILE C 64 -33.35 -21.02 -39.00
N HIS C 65 -34.61 -20.69 -38.65
CA HIS C 65 -35.71 -21.61 -38.87
C HIS C 65 -35.94 -21.88 -40.36
N GLU C 66 -35.91 -20.82 -41.15
CA GLU C 66 -36.09 -20.96 -42.60
C GLU C 66 -34.98 -21.79 -43.23
N ALA C 67 -33.80 -21.83 -42.60
CA ALA C 67 -32.68 -22.55 -43.20
C ALA C 67 -32.53 -23.97 -42.66
N THR C 68 -33.04 -24.23 -41.46
CA THR C 68 -32.77 -25.49 -40.78
C THR C 68 -34.02 -26.27 -40.36
N GLY C 69 -35.12 -25.56 -40.19
CA GLY C 69 -36.32 -26.17 -39.63
C GLY C 69 -36.30 -26.28 -38.11
N LEU C 70 -35.28 -25.70 -37.47
CA LEU C 70 -35.16 -25.78 -36.02
C LEU C 70 -36.26 -24.99 -35.31
N GLN C 71 -36.81 -25.54 -34.23
CA GLN C 71 -37.75 -24.80 -33.41
C GLN C 71 -37.01 -23.78 -32.53
N ILE C 72 -37.39 -22.52 -32.66
CA ILE C 72 -36.73 -21.44 -31.94
C ILE C 72 -37.69 -20.48 -31.29
N GLU C 73 -37.51 -20.23 -29.99
CA GLU C 73 -38.31 -19.19 -29.34
C GLU C 73 -37.71 -17.84 -29.66
N ARG C 74 -38.54 -16.98 -30.22
CA ARG C 74 -38.07 -15.72 -30.78
C ARG C 74 -38.31 -14.55 -29.85
N PHE C 75 -37.29 -13.73 -29.64
CA PHE C 75 -37.42 -12.52 -28.85
C PHE C 75 -37.27 -11.33 -29.77
N GLN C 76 -37.45 -10.14 -29.22
CA GLN C 76 -37.16 -8.92 -29.96
C GLN C 76 -35.73 -8.93 -30.46
N SER C 77 -35.46 -8.11 -31.46
CA SER C 77 -34.10 -7.85 -31.86
C SER C 77 -33.38 -7.13 -30.72
N GLY C 78 -32.06 -7.23 -30.70
CA GLY C 78 -31.22 -6.55 -29.71
C GLY C 78 -31.51 -5.08 -29.47
N PRO C 79 -31.49 -4.26 -30.53
CA PRO C 79 -31.84 -2.85 -30.39
C PRO C 79 -33.23 -2.63 -29.80
N LEU C 80 -34.13 -3.58 -30.00
CA LEU C 80 -35.48 -3.47 -29.47
C LEU C 80 -35.67 -4.20 -28.13
N GLY C 81 -34.57 -4.64 -27.51
CA GLY C 81 -34.66 -5.24 -26.17
C GLY C 81 -34.26 -6.69 -26.03
N GLY C 82 -33.86 -7.33 -27.13
CA GLY C 82 -33.60 -8.76 -27.14
C GLY C 82 -32.46 -9.21 -26.25
N ASP C 83 -31.43 -8.38 -26.16
CA ASP C 83 -30.31 -8.73 -25.30
C ASP C 83 -30.74 -8.74 -23.83
N GLN C 84 -31.63 -7.82 -23.46
CA GLN C 84 -32.06 -7.77 -22.07
C GLN C 84 -33.05 -8.89 -21.76
N GLN C 85 -33.79 -9.32 -22.78
CA GLN C 85 -34.65 -10.47 -22.65
C GLN C 85 -33.83 -11.75 -22.41
N ILE C 86 -32.73 -11.89 -23.14
CA ILE C 86 -31.83 -13.01 -22.90
C ILE C 86 -31.17 -12.89 -21.51
N GLY C 87 -30.71 -11.68 -21.19
CA GLY C 87 -30.11 -11.39 -19.89
C GLY C 87 -31.05 -11.73 -18.76
N ALA C 88 -32.33 -11.44 -18.95
CA ALA C 88 -33.34 -11.73 -17.95
C ALA C 88 -33.46 -13.25 -17.68
N LEU C 89 -33.28 -14.04 -18.72
CA LEU C 89 -33.34 -15.48 -18.53
C LEU C 89 -32.16 -15.92 -17.68
N ILE C 90 -31.02 -15.26 -17.87
CA ILE C 90 -29.82 -15.56 -17.11
C ILE C 90 -29.96 -15.17 -15.64
N ALA C 91 -30.53 -13.99 -15.40
CA ALA C 91 -30.81 -13.52 -14.05
C ALA C 91 -31.77 -14.47 -13.33
N ALA C 92 -32.54 -15.25 -14.11
CA ALA C 92 -33.51 -16.18 -13.54
C ALA C 92 -33.02 -17.61 -13.64
N ASN C 93 -31.75 -17.78 -14.00
CA ASN C 93 -31.13 -19.09 -14.08
C ASN C 93 -31.82 -20.02 -15.07
N ALA C 94 -32.14 -19.49 -16.25
CA ALA C 94 -32.92 -20.26 -17.21
C ALA C 94 -32.23 -20.41 -18.56
N LEU C 95 -30.91 -20.24 -18.59
CA LEU C 95 -30.09 -20.47 -19.79
C LEU C 95 -28.80 -21.21 -19.45
N ASP C 96 -28.37 -22.08 -20.36
CA ASP C 96 -27.15 -22.86 -20.15
C ASP C 96 -25.98 -22.44 -21.03
N LEU C 97 -26.27 -21.71 -22.10
CA LEU C 97 -25.27 -21.40 -23.10
C LEU C 97 -25.74 -20.25 -23.98
N VAL C 98 -24.84 -19.33 -24.27
CA VAL C 98 -25.13 -18.21 -25.16
C VAL C 98 -24.13 -18.19 -26.31
N ILE C 99 -24.64 -18.29 -27.54
CA ILE C 99 -23.81 -18.04 -28.70
C ILE C 99 -24.11 -16.62 -29.17
N PHE C 100 -23.17 -15.72 -28.97
CA PHE C 100 -23.40 -14.30 -29.23
C PHE C 100 -22.43 -13.77 -30.30
N LEU C 101 -22.85 -13.89 -31.56
CA LEU C 101 -22.03 -13.39 -32.67
C LEU C 101 -22.23 -11.90 -32.85
N ARG C 102 -21.58 -11.11 -31.98
CA ARG C 102 -21.62 -9.65 -32.08
C ARG C 102 -20.68 -9.22 -33.19
N ASP C 103 -20.90 -8.01 -33.67
CA ASP C 103 -20.08 -7.44 -34.73
C ASP C 103 -19.08 -6.44 -34.16
N PRO C 104 -17.82 -6.87 -34.06
CA PRO C 104 -16.74 -6.08 -33.45
C PRO C 104 -16.18 -5.02 -34.38
N LEU C 105 -16.75 -4.88 -35.58
CA LEU C 105 -16.18 -3.96 -36.55
C LEU C 105 -17.19 -2.90 -37.00
N THR C 106 -18.33 -2.84 -36.31
CA THR C 106 -19.36 -1.86 -36.64
C THR C 106 -19.96 -1.28 -35.36
N ALA C 107 -19.96 0.05 -35.24
CA ALA C 107 -20.59 0.72 -34.12
C ALA C 107 -22.07 0.31 -34.02
N GLN C 108 -22.47 -0.09 -32.83
CA GLN C 108 -23.84 -0.55 -32.59
C GLN C 108 -24.61 0.48 -31.78
N PRO C 109 -25.88 0.72 -32.14
CA PRO C 109 -26.70 1.68 -31.38
C PRO C 109 -26.99 1.18 -29.97
N HIS C 110 -26.93 -0.13 -29.77
CA HIS C 110 -27.27 -0.74 -28.49
C HIS C 110 -26.04 -1.39 -27.85
N GLU C 111 -24.89 -0.73 -27.99
N GLU C 111 -24.89 -0.72 -28.01
CA GLU C 111 -23.65 -1.25 -27.43
CA GLU C 111 -23.62 -1.14 -27.42
C GLU C 111 -23.72 -1.48 -25.89
C GLU C 111 -23.76 -1.47 -25.93
N PRO C 112 -24.34 -0.56 -25.13
CA PRO C 112 -24.47 -0.91 -23.70
C PRO C 112 -25.24 -2.20 -23.44
N ASP C 113 -26.28 -2.48 -24.23
CA ASP C 113 -26.99 -3.76 -24.11
C ASP C 113 -26.05 -4.92 -24.41
N VAL C 114 -25.22 -4.74 -25.42
CA VAL C 114 -24.29 -5.78 -25.81
C VAL C 114 -23.30 -6.06 -24.68
N SER C 115 -22.69 -5.00 -24.15
CA SER C 115 -21.78 -5.09 -23.02
C SER C 115 -22.49 -5.65 -21.76
N ALA C 116 -23.71 -5.21 -21.52
CA ALA C 116 -24.43 -5.66 -20.34
C ALA C 116 -24.72 -7.17 -20.40
N LEU C 117 -25.05 -7.69 -21.58
CA LEU C 117 -25.36 -9.12 -21.68
C LEU C 117 -24.11 -9.96 -21.44
N ILE C 118 -23.00 -9.56 -22.03
CA ILE C 118 -21.73 -10.25 -21.81
C ILE C 118 -21.31 -10.19 -20.32
N ARG C 119 -21.44 -9.03 -19.70
CA ARG C 119 -21.13 -8.87 -18.28
C ARG C 119 -22.01 -9.81 -17.42
N LEU C 120 -23.30 -9.91 -17.75
CA LEU C 120 -24.20 -10.70 -16.92
C LEU C 120 -23.88 -12.19 -17.08
N CYS C 121 -23.48 -12.60 -18.28
CA CYS C 121 -23.02 -13.96 -18.49
C CYS C 121 -21.86 -14.29 -17.56
N ASP C 122 -20.94 -13.36 -17.44
CA ASP C 122 -19.75 -13.60 -16.65
C ASP C 122 -20.09 -13.60 -15.16
N VAL C 123 -21.05 -12.78 -14.74
CA VAL C 123 -21.54 -12.82 -13.37
C VAL C 123 -22.01 -14.23 -12.99
N TYR C 124 -22.72 -14.89 -13.90
CA TYR C 124 -23.25 -16.21 -13.57
C TYR C 124 -22.43 -17.36 -14.14
N SER C 125 -21.25 -17.04 -14.69
CA SER C 125 -20.37 -18.04 -15.31
C SER C 125 -21.10 -18.90 -16.35
N ILE C 126 -22.00 -18.27 -17.09
CA ILE C 126 -22.67 -18.90 -18.20
C ILE C 126 -21.73 -19.03 -19.40
N PRO C 127 -21.53 -20.26 -19.90
CA PRO C 127 -20.74 -20.48 -21.11
C PRO C 127 -21.21 -19.57 -22.24
N LEU C 128 -20.28 -18.76 -22.72
CA LEU C 128 -20.58 -17.67 -23.65
C LEU C 128 -19.54 -17.62 -24.77
N ALA C 129 -20.02 -17.71 -26.00
CA ALA C 129 -19.17 -17.50 -27.15
C ALA C 129 -19.47 -16.12 -27.73
N THR C 130 -18.44 -15.28 -27.82
CA THR C 130 -18.59 -13.94 -28.37
C THR C 130 -18.10 -13.88 -29.81
N ASN C 131 -17.63 -15.02 -30.32
CA ASN C 131 -17.23 -15.14 -31.72
C ASN C 131 -17.30 -16.60 -32.17
N MET C 132 -17.16 -16.80 -33.47
CA MET C 132 -17.32 -18.09 -34.09
C MET C 132 -16.27 -19.10 -33.63
N GLY C 133 -15.05 -18.62 -33.33
CA GLY C 133 -13.99 -19.47 -32.85
C GLY C 133 -14.34 -20.15 -31.53
N THR C 134 -14.93 -19.37 -30.63
CA THR C 134 -15.37 -19.90 -29.34
C THR C 134 -16.58 -20.79 -29.57
N ALA C 135 -17.45 -20.34 -30.48
CA ALA C 135 -18.75 -20.96 -30.71
C ALA C 135 -18.63 -22.39 -31.22
N GLU C 136 -17.69 -22.60 -32.12
CA GLU C 136 -17.51 -23.91 -32.71
C GLU C 136 -16.98 -24.90 -31.69
N ILE C 137 -16.19 -24.41 -30.74
CA ILE C 137 -15.68 -25.30 -29.71
C ILE C 137 -16.81 -25.64 -28.73
N LEU C 138 -17.61 -24.65 -28.37
CA LEU C 138 -18.70 -24.87 -27.42
C LEU C 138 -19.78 -25.85 -27.93
N VAL C 139 -20.21 -25.77 -29.19
CA VAL C 139 -21.23 -26.72 -29.68
C VAL C 139 -20.77 -28.17 -29.76
N ARG C 140 -19.52 -28.38 -30.17
CA ARG C 140 -18.97 -29.73 -30.36
C ARG C 140 -19.09 -30.55 -29.09
N THR C 141 -19.14 -29.87 -27.95
CA THR C 141 -19.21 -30.53 -26.65
C THR C 141 -20.64 -30.87 -26.24
N LEU C 142 -21.61 -30.55 -27.09
CA LEU C 142 -23.01 -30.84 -26.78
C LEU C 142 -23.49 -32.20 -27.29
N ASP C 143 -22.63 -32.95 -27.97
CA ASP C 143 -22.98 -34.32 -28.36
C ASP C 143 -22.25 -35.34 -27.49
N SER D 22 18.28 12.52 -29.06
CA SER D 22 18.61 11.82 -30.30
C SER D 22 17.36 11.65 -31.15
N VAL D 23 17.07 10.42 -31.55
CA VAL D 23 15.91 10.16 -32.38
C VAL D 23 14.73 9.75 -31.53
N MET D 24 13.63 10.46 -31.68
CA MET D 24 12.44 10.16 -30.92
C MET D 24 11.61 9.08 -31.59
N LYS D 25 11.00 8.22 -30.80
CA LYS D 25 10.12 7.22 -31.37
C LYS D 25 8.69 7.75 -31.35
N ILE D 26 8.13 7.91 -32.54
CA ILE D 26 6.89 8.65 -32.71
C ILE D 26 5.84 7.79 -33.42
N ALA D 27 4.65 7.70 -32.82
CA ALA D 27 3.53 7.01 -33.44
C ALA D 27 2.60 8.02 -34.11
N LEU D 28 2.19 7.69 -35.33
CA LEU D 28 1.27 8.52 -36.10
C LEU D 28 0.01 7.73 -36.45
N ILE D 29 -1.12 8.18 -35.90
CA ILE D 29 -2.42 7.56 -36.13
C ILE D 29 -3.43 8.57 -36.67
N ALA D 30 -4.22 8.14 -37.64
CA ALA D 30 -5.24 9.01 -38.22
C ALA D 30 -6.46 8.18 -38.59
N HIS D 31 -7.62 8.54 -38.07
CA HIS D 31 -8.86 7.93 -38.52
C HIS D 31 -9.12 8.36 -39.97
N ASP D 32 -9.97 7.62 -40.67
CA ASP D 32 -10.11 7.82 -42.13
C ASP D 32 -10.34 9.26 -42.54
N LYS D 33 -11.26 9.95 -41.88
CA LYS D 33 -11.55 11.34 -42.25
C LYS D 33 -10.45 12.31 -41.82
N LYS D 34 -9.38 11.78 -41.22
CA LYS D 34 -8.27 12.61 -40.76
C LYS D 34 -6.98 12.29 -41.51
N LYS D 35 -7.03 11.31 -42.41
CA LYS D 35 -5.84 10.86 -43.12
C LYS D 35 -5.21 11.93 -44.01
N GLN D 36 -6.03 12.76 -44.66
CA GLN D 36 -5.47 13.82 -45.47
C GLN D 36 -4.78 14.84 -44.60
N ASP D 37 -5.42 15.17 -43.47
CA ASP D 37 -4.83 16.06 -42.48
C ASP D 37 -3.49 15.54 -42.04
N MET D 38 -3.39 14.23 -41.84
CA MET D 38 -2.14 13.62 -41.41
C MET D 38 -1.08 13.68 -42.50
N VAL D 39 -1.47 13.36 -43.74
CA VAL D 39 -0.57 13.46 -44.88
C VAL D 39 -0.04 14.89 -45.01
N GLN D 40 -0.92 15.86 -44.93
CA GLN D 40 -0.56 17.28 -45.03
C GLN D 40 0.36 17.68 -43.89
N PHE D 41 0.10 17.14 -42.71
CA PHE D 41 0.90 17.39 -41.53
C PHE D 41 2.34 16.88 -41.68
N THR D 42 2.47 15.61 -42.06
CA THR D 42 3.79 15.01 -42.18
C THR D 42 4.59 15.60 -43.33
N THR D 43 3.90 16.13 -44.34
CA THR D 43 4.55 16.82 -45.44
C THR D 43 5.13 18.16 -44.99
N ALA D 44 4.32 18.91 -44.24
CA ALA D 44 4.72 20.22 -43.75
C ALA D 44 5.94 20.10 -42.82
N TYR D 45 6.02 19.00 -42.09
CA TYR D 45 7.04 18.85 -41.06
C TYR D 45 8.00 17.72 -41.38
N ARG D 46 8.05 17.34 -42.65
CA ARG D 46 8.96 16.32 -43.15
C ARG D 46 10.41 16.52 -42.69
N ASP D 47 10.92 17.74 -42.80
CA ASP D 47 12.31 18.01 -42.43
C ASP D 47 12.56 17.75 -40.94
N ILE D 48 11.52 17.87 -40.13
CA ILE D 48 11.64 17.54 -38.72
C ILE D 48 11.51 16.02 -38.50
N LEU D 49 10.47 15.44 -39.07
CA LEU D 49 10.16 14.03 -38.86
C LEU D 49 11.23 13.08 -39.40
N LYS D 50 11.96 13.49 -40.43
CA LYS D 50 12.99 12.64 -41.03
C LYS D 50 14.08 12.23 -40.02
N ASN D 51 14.17 12.98 -38.92
CA ASN D 51 15.22 12.76 -37.95
C ASN D 51 14.80 11.78 -36.85
N HIS D 52 13.58 11.28 -36.95
CA HIS D 52 13.04 10.39 -35.92
C HIS D 52 12.52 9.08 -36.49
N ASP D 53 12.25 8.11 -35.62
CA ASP D 53 11.75 6.80 -36.02
C ASP D 53 10.25 6.79 -35.92
N LEU D 54 9.60 6.51 -37.05
CA LEU D 54 8.18 6.70 -37.18
C LEU D 54 7.41 5.38 -37.21
N TYR D 55 6.30 5.35 -36.49
CA TYR D 55 5.39 4.21 -36.47
C TYR D 55 4.01 4.70 -36.91
N ALA D 56 3.28 3.85 -37.63
CA ALA D 56 1.95 4.24 -38.09
C ALA D 56 1.02 3.04 -38.27
N THR D 57 -0.27 3.29 -38.09
CA THR D 57 -1.26 2.24 -38.19
C THR D 57 -2.00 2.29 -39.53
N GLY D 58 -2.25 1.13 -40.12
CA GLY D 58 -3.09 1.05 -41.30
C GLY D 58 -2.50 1.71 -42.53
N THR D 59 -3.37 2.12 -43.45
CA THR D 59 -2.94 2.71 -44.70
C THR D 59 -2.34 4.10 -44.51
N THR D 60 -2.53 4.65 -43.32
CA THR D 60 -1.98 5.95 -42.97
C THR D 60 -0.48 5.96 -43.22
N GLY D 61 0.20 4.90 -42.81
CA GLY D 61 1.63 4.76 -43.03
C GLY D 61 2.01 4.80 -44.49
N LEU D 62 1.28 4.06 -45.32
CA LEU D 62 1.56 4.02 -46.76
C LEU D 62 1.37 5.40 -47.37
N LYS D 63 0.29 6.06 -47.00
CA LYS D 63 -0.01 7.40 -47.51
C LYS D 63 1.06 8.42 -47.09
N ILE D 64 1.58 8.30 -45.88
CA ILE D 64 2.63 9.20 -45.43
C ILE D 64 3.89 8.94 -46.23
N HIS D 65 4.28 7.66 -46.31
CA HIS D 65 5.46 7.27 -47.06
C HIS D 65 5.41 7.72 -48.52
N GLU D 66 4.24 7.62 -49.14
CA GLU D 66 4.13 7.95 -50.54
C GLU D 66 4.20 9.44 -50.78
N ALA D 67 3.75 10.23 -49.82
CA ALA D 67 3.74 11.67 -50.00
C ALA D 67 5.06 12.32 -49.56
N THR D 68 5.86 11.58 -48.78
CA THR D 68 7.03 12.17 -48.16
C THR D 68 8.34 11.40 -48.38
N GLY D 69 8.25 10.10 -48.61
CA GLY D 69 9.44 9.26 -48.64
C GLY D 69 9.96 8.87 -47.25
N LEU D 70 9.32 9.36 -46.20
CA LEU D 70 9.68 8.99 -44.83
C LEU D 70 9.58 7.47 -44.62
N GLN D 71 10.53 6.91 -43.87
CA GLN D 71 10.46 5.50 -43.49
C GLN D 71 9.48 5.32 -42.34
N ILE D 72 8.57 4.37 -42.49
CA ILE D 72 7.53 4.13 -41.51
C ILE D 72 7.46 2.67 -41.11
N GLU D 73 7.52 2.38 -39.81
CA GLU D 73 7.27 1.04 -39.35
C GLU D 73 5.76 0.88 -39.21
N ARG D 74 5.20 -0.11 -39.89
CA ARG D 74 3.76 -0.19 -40.08
C ARG D 74 3.06 -1.23 -39.21
N PHE D 75 1.91 -0.86 -38.69
CA PHE D 75 1.08 -1.76 -37.90
C PHE D 75 -0.31 -1.84 -38.51
N GLN D 76 -1.17 -2.68 -37.94
CA GLN D 76 -2.53 -2.84 -38.45
C GLN D 76 -3.30 -1.54 -38.30
N SER D 77 -4.45 -1.46 -38.96
CA SER D 77 -5.34 -0.33 -38.72
C SER D 77 -5.92 -0.47 -37.31
N GLY D 78 -6.45 0.62 -36.78
CA GLY D 78 -7.12 0.59 -35.49
C GLY D 78 -8.09 -0.56 -35.27
N PRO D 79 -9.16 -0.63 -36.09
CA PRO D 79 -10.17 -1.70 -35.92
C PRO D 79 -9.55 -3.10 -35.93
N LEU D 80 -8.41 -3.27 -36.59
CA LEU D 80 -7.77 -4.58 -36.67
C LEU D 80 -6.61 -4.74 -35.68
N GLY D 81 -6.48 -3.82 -34.73
CA GLY D 81 -5.53 -4.01 -33.64
C GLY D 81 -4.39 -3.00 -33.51
N GLY D 82 -4.32 -2.06 -34.45
CA GLY D 82 -3.25 -1.07 -34.50
C GLY D 82 -3.04 -0.26 -33.22
N ASP D 83 -4.14 0.20 -32.62
CA ASP D 83 -4.05 0.99 -31.40
C ASP D 83 -3.48 0.20 -30.23
N GLN D 84 -3.76 -1.10 -30.19
CA GLN D 84 -3.26 -1.94 -29.10
C GLN D 84 -1.80 -2.33 -29.36
N GLN D 85 -1.41 -2.33 -30.62
CA GLN D 85 -0.01 -2.51 -30.99
C GLN D 85 0.83 -1.29 -30.57
N ILE D 86 0.29 -0.10 -30.78
CA ILE D 86 0.92 1.13 -30.30
C ILE D 86 0.99 1.12 -28.77
N GLY D 87 -0.15 0.78 -28.14
CA GLY D 87 -0.24 0.73 -26.70
C GLY D 87 0.74 -0.26 -26.08
N ALA D 88 0.95 -1.40 -26.74
CA ALA D 88 1.95 -2.36 -26.29
C ALA D 88 3.33 -1.70 -26.24
N LEU D 89 3.59 -0.81 -27.19
CA LEU D 89 4.90 -0.17 -27.25
C LEU D 89 5.07 0.79 -26.07
N ILE D 90 3.97 1.43 -25.68
CA ILE D 90 3.96 2.33 -24.54
C ILE D 90 4.05 1.56 -23.22
N ALA D 91 3.38 0.42 -23.14
CA ALA D 91 3.51 -0.47 -21.99
C ALA D 91 4.97 -0.85 -21.77
N ALA D 92 5.72 -0.98 -22.87
CA ALA D 92 7.12 -1.35 -22.79
C ALA D 92 8.03 -0.12 -22.75
N ASN D 93 7.43 1.05 -22.50
CA ASN D 93 8.08 2.36 -22.64
C ASN D 93 9.04 2.43 -23.82
N ALA D 94 8.48 2.29 -25.02
CA ALA D 94 9.27 2.33 -26.24
C ALA D 94 8.78 3.39 -27.21
N LEU D 95 8.02 4.35 -26.71
CA LEU D 95 7.53 5.47 -27.51
C LEU D 95 7.69 6.79 -26.77
N ASP D 96 8.04 7.83 -27.51
CA ASP D 96 8.27 9.14 -26.92
C ASP D 96 7.16 10.14 -27.23
N LEU D 97 6.40 9.89 -28.29
CA LEU D 97 5.39 10.85 -28.72
C LEU D 97 4.33 10.18 -29.57
N VAL D 98 3.07 10.55 -29.34
CA VAL D 98 1.95 10.00 -30.11
C VAL D 98 1.13 11.11 -30.75
N ILE D 99 1.04 11.11 -32.07
CA ILE D 99 0.14 12.02 -32.75
C ILE D 99 -1.07 11.21 -33.16
N PHE D 100 -2.20 11.45 -32.51
CA PHE D 100 -3.39 10.63 -32.66
C PHE D 100 -4.53 11.47 -33.23
N LEU D 101 -4.61 11.53 -34.56
CA LEU D 101 -5.68 12.30 -35.19
C LEU D 101 -6.99 11.48 -35.27
N ARG D 102 -7.65 11.34 -34.13
CA ARG D 102 -8.92 10.61 -34.06
C ARG D 102 -10.04 11.43 -34.70
N ASP D 103 -11.09 10.76 -35.11
CA ASP D 103 -12.24 11.44 -35.70
C ASP D 103 -13.33 11.59 -34.64
N PRO D 104 -13.49 12.82 -34.10
CA PRO D 104 -14.43 13.06 -32.99
C PRO D 104 -15.87 13.22 -33.46
N LEU D 105 -16.10 13.19 -34.76
CA LEU D 105 -17.43 13.39 -35.31
C LEU D 105 -17.99 12.14 -35.96
N THR D 106 -17.28 11.02 -35.86
CA THR D 106 -17.77 9.75 -36.42
C THR D 106 -17.68 8.63 -35.39
N ALA D 107 -18.77 7.90 -35.19
CA ALA D 107 -18.77 6.76 -34.27
C ALA D 107 -17.80 5.68 -34.76
N GLN D 108 -16.81 5.36 -33.94
CA GLN D 108 -15.77 4.39 -34.29
C GLN D 108 -16.09 2.98 -33.78
N PRO D 109 -15.89 1.96 -34.62
CA PRO D 109 -16.18 0.59 -34.15
C PRO D 109 -15.19 0.13 -33.07
N HIS D 110 -14.05 0.81 -33.00
CA HIS D 110 -13.02 0.46 -32.03
C HIS D 110 -12.83 1.58 -31.02
N GLU D 111 -13.94 2.23 -30.68
N GLU D 111 -13.91 2.24 -30.64
CA GLU D 111 -13.99 3.25 -29.65
CA GLU D 111 -13.81 3.32 -29.67
C GLU D 111 -13.22 2.86 -28.38
C GLU D 111 -13.17 2.87 -28.33
N PRO D 112 -13.42 1.63 -27.85
CA PRO D 112 -12.66 1.29 -26.64
C PRO D 112 -11.15 1.22 -26.87
N ASP D 113 -10.70 0.72 -28.02
CA ASP D 113 -9.27 0.72 -28.32
C ASP D 113 -8.74 2.15 -28.28
N VAL D 114 -9.54 3.07 -28.78
CA VAL D 114 -9.13 4.46 -28.87
C VAL D 114 -8.96 5.05 -27.46
N SER D 115 -9.99 4.89 -26.63
CA SER D 115 -9.95 5.34 -25.24
C SER D 115 -8.81 4.68 -24.48
N ALA D 116 -8.61 3.38 -24.73
CA ALA D 116 -7.56 2.62 -24.07
C ALA D 116 -6.18 3.18 -24.37
N LEU D 117 -5.94 3.56 -25.63
CA LEU D 117 -4.63 4.07 -26.02
C LEU D 117 -4.39 5.42 -25.38
N ILE D 118 -5.41 6.28 -25.39
CA ILE D 118 -5.27 7.58 -24.78
C ILE D 118 -5.03 7.43 -23.27
N ARG D 119 -5.76 6.52 -22.63
CA ARG D 119 -5.59 6.23 -21.22
C ARG D 119 -4.18 5.77 -20.92
N LEU D 120 -3.69 4.83 -21.71
CA LEU D 120 -2.34 4.32 -21.50
C LEU D 120 -1.28 5.43 -21.63
N CYS D 121 -1.41 6.31 -22.63
CA CYS D 121 -0.46 7.41 -22.79
C CYS D 121 -0.44 8.26 -21.53
N ASP D 122 -1.63 8.51 -21.00
CA ASP D 122 -1.76 9.34 -19.82
C ASP D 122 -1.15 8.64 -18.60
N VAL D 123 -1.27 7.32 -18.54
CA VAL D 123 -0.69 6.56 -17.45
C VAL D 123 0.80 6.82 -17.36
N TYR D 124 1.44 6.86 -18.52
CA TYR D 124 2.88 7.00 -18.59
C TYR D 124 3.34 8.43 -18.94
N SER D 125 2.40 9.39 -18.88
CA SER D 125 2.68 10.78 -19.21
C SER D 125 3.35 10.95 -20.58
N ILE D 126 2.94 10.13 -21.55
CA ILE D 126 3.50 10.25 -22.89
C ILE D 126 2.87 11.45 -23.58
N PRO D 127 3.71 12.36 -24.09
CA PRO D 127 3.21 13.47 -24.92
C PRO D 127 2.31 12.94 -26.03
N LEU D 128 1.08 13.46 -26.05
CA LEU D 128 0.03 12.91 -26.89
C LEU D 128 -0.78 14.05 -27.50
N ALA D 129 -0.89 14.05 -28.83
CA ALA D 129 -1.78 14.96 -29.53
C ALA D 129 -3.02 14.20 -29.97
N THR D 130 -4.19 14.73 -29.63
CA THR D 130 -5.46 14.12 -30.04
C THR D 130 -6.13 14.94 -31.15
N ASN D 131 -5.55 16.10 -31.46
CA ASN D 131 -6.02 16.93 -32.56
C ASN D 131 -4.85 17.69 -33.16
N MET D 132 -5.10 18.37 -34.27
CA MET D 132 -4.08 19.08 -35.03
C MET D 132 -3.54 20.32 -34.30
N GLY D 133 -4.37 20.89 -33.42
CA GLY D 133 -3.94 22.02 -32.61
C GLY D 133 -2.77 21.62 -31.73
N THR D 134 -2.90 20.46 -31.08
CA THR D 134 -1.85 19.96 -30.18
C THR D 134 -0.66 19.45 -30.97
N ALA D 135 -0.96 18.77 -32.08
CA ALA D 135 0.06 18.14 -32.91
C ALA D 135 1.07 19.15 -33.42
N GLU D 136 0.58 20.29 -33.91
CA GLU D 136 1.46 21.31 -34.47
C GLU D 136 2.36 21.92 -33.41
N ILE D 137 1.90 21.97 -32.18
CA ILE D 137 2.75 22.52 -31.14
C ILE D 137 3.78 21.47 -30.74
N LEU D 138 3.33 20.23 -30.64
CA LEU D 138 4.22 19.15 -30.22
C LEU D 138 5.39 18.89 -31.19
N VAL D 139 5.17 18.95 -32.51
CA VAL D 139 6.27 18.66 -33.42
C VAL D 139 7.27 19.79 -33.57
N ARG D 140 6.82 21.02 -33.36
CA ARG D 140 7.72 22.18 -33.46
C ARG D 140 8.78 22.18 -32.36
N THR D 141 8.60 21.35 -31.34
CA THR D 141 9.54 21.28 -30.24
C THR D 141 10.61 20.21 -30.47
N LEU D 142 10.38 19.32 -31.44
CA LEU D 142 11.40 18.33 -31.81
C LEU D 142 12.56 18.96 -32.59
N ASP D 143 12.40 20.23 -32.94
CA ASP D 143 13.42 20.96 -33.67
C ASP D 143 14.44 21.56 -32.71
N SER E 22 -56.78 -0.99 -14.79
CA SER E 22 -56.66 0.42 -14.46
C SER E 22 -55.47 0.69 -13.57
N VAL E 23 -54.75 -0.38 -13.22
CA VAL E 23 -53.57 -0.28 -12.38
C VAL E 23 -52.35 -0.34 -13.27
N MET E 24 -51.47 0.65 -13.14
CA MET E 24 -50.28 0.71 -13.94
C MET E 24 -49.22 -0.20 -13.39
N LYS E 25 -48.30 -0.62 -14.25
CA LYS E 25 -47.15 -1.41 -13.83
C LYS E 25 -45.96 -0.48 -13.69
N ILE E 26 -45.39 -0.41 -12.50
CA ILE E 26 -44.33 0.55 -12.22
C ILE E 26 -43.05 -0.13 -11.72
N ALA E 27 -41.92 0.20 -12.34
CA ALA E 27 -40.64 -0.33 -11.88
C ALA E 27 -39.95 0.69 -10.99
N LEU E 28 -39.32 0.21 -9.92
CA LEU E 28 -38.63 1.07 -8.97
C LEU E 28 -37.20 0.62 -8.81
N ILE E 29 -36.26 1.50 -9.10
CA ILE E 29 -34.83 1.16 -8.98
C ILE E 29 -34.06 2.29 -8.32
N ALA E 30 -33.21 1.93 -7.37
CA ALA E 30 -32.36 2.92 -6.72
C ALA E 30 -30.97 2.33 -6.45
N HIS E 31 -29.94 3.06 -6.88
CA HIS E 31 -28.58 2.72 -6.54
C HIS E 31 -28.38 3.01 -5.06
N ASP E 32 -27.41 2.34 -4.46
CA ASP E 32 -27.21 2.35 -3.01
C ASP E 32 -27.27 3.74 -2.35
N LYS E 33 -26.66 4.75 -2.96
CA LYS E 33 -26.67 6.09 -2.38
C LYS E 33 -27.98 6.82 -2.66
N LYS E 34 -28.87 6.19 -3.42
CA LYS E 34 -30.20 6.78 -3.66
C LYS E 34 -31.31 6.01 -2.93
N LYS E 35 -30.96 4.90 -2.29
CA LYS E 35 -31.97 3.99 -1.75
C LYS E 35 -32.81 4.68 -0.67
N GLN E 36 -32.19 5.51 0.14
CA GLN E 36 -32.94 6.24 1.16
C GLN E 36 -33.90 7.25 0.50
N ASP E 37 -33.45 7.86 -0.59
CA ASP E 37 -34.31 8.77 -1.35
C ASP E 37 -35.54 8.04 -1.87
N MET E 38 -35.32 6.85 -2.42
CA MET E 38 -36.41 6.04 -2.93
C MET E 38 -37.41 5.72 -1.82
N VAL E 39 -36.88 5.32 -0.66
CA VAL E 39 -37.73 5.00 0.48
C VAL E 39 -38.54 6.22 0.87
N GLN E 40 -37.89 7.38 0.93
CA GLN E 40 -38.57 8.62 1.28
C GLN E 40 -39.66 8.94 0.25
N PHE E 41 -39.34 8.66 -1.00
CA PHE E 41 -40.21 8.95 -2.12
C PHE E 41 -41.47 8.08 -2.06
N THR E 42 -41.27 6.77 -1.90
CA THR E 42 -42.38 5.84 -1.85
C THR E 42 -43.18 6.04 -0.56
N THR E 43 -42.55 6.63 0.45
CA THR E 43 -43.26 6.93 1.68
C THR E 43 -44.22 8.08 1.43
N ALA E 44 -43.68 9.15 0.83
CA ALA E 44 -44.46 10.36 0.57
C ALA E 44 -45.62 10.11 -0.41
N TYR E 45 -45.41 9.25 -1.40
CA TYR E 45 -46.47 8.96 -2.36
C TYR E 45 -47.03 7.54 -2.20
N ARG E 46 -46.97 7.02 -0.97
CA ARG E 46 -47.43 5.66 -0.68
C ARG E 46 -48.88 5.47 -1.06
N ASP E 47 -49.69 6.50 -0.82
CA ASP E 47 -51.13 6.39 -1.03
C ASP E 47 -51.52 6.44 -2.51
N ILE E 48 -50.58 6.85 -3.35
CA ILE E 48 -50.77 6.79 -4.79
C ILE E 48 -50.32 5.43 -5.31
N LEU E 49 -49.14 5.02 -4.86
CA LEU E 49 -48.47 3.83 -5.35
C LEU E 49 -49.19 2.53 -4.97
N LYS E 50 -49.93 2.56 -3.87
CA LYS E 50 -50.60 1.36 -3.38
C LYS E 50 -51.70 0.92 -4.34
N ASN E 51 -52.10 1.82 -5.23
CA ASN E 51 -53.16 1.51 -6.19
C ASN E 51 -52.62 0.92 -7.49
N HIS E 52 -51.31 0.70 -7.53
CA HIS E 52 -50.68 0.16 -8.73
C HIS E 52 -49.81 -1.05 -8.38
N ASP E 53 -49.29 -1.70 -9.43
CA ASP E 53 -48.51 -2.91 -9.28
C ASP E 53 -47.03 -2.61 -9.44
N LEU E 54 -46.26 -2.95 -8.42
CA LEU E 54 -44.89 -2.46 -8.31
C LEU E 54 -43.84 -3.54 -8.51
N TYR E 55 -42.70 -3.13 -9.07
CA TYR E 55 -41.60 -4.02 -9.40
C TYR E 55 -40.34 -3.34 -8.94
N ALA E 56 -39.43 -4.09 -8.34
CA ALA E 56 -38.18 -3.50 -7.90
C ALA E 56 -37.04 -4.50 -7.93
N THR E 57 -35.84 -3.94 -7.98
CA THR E 57 -34.61 -4.72 -8.05
C THR E 57 -33.96 -4.82 -6.67
N GLY E 58 -33.36 -5.97 -6.39
CA GLY E 58 -32.50 -6.15 -5.22
C GLY E 58 -33.10 -5.77 -3.86
N THR E 59 -32.32 -5.07 -3.05
CA THR E 59 -32.79 -4.72 -1.71
C THR E 59 -33.71 -3.50 -1.74
N THR E 60 -33.81 -2.84 -2.90
CA THR E 60 -34.72 -1.71 -3.01
C THR E 60 -36.16 -2.11 -2.68
N GLY E 61 -36.59 -3.25 -3.22
CA GLY E 61 -37.94 -3.72 -3.00
C GLY E 61 -38.19 -3.95 -1.53
N LEU E 62 -37.24 -4.63 -0.89
CA LEU E 62 -37.39 -5.00 0.51
C LEU E 62 -37.41 -3.75 1.39
N LYS E 63 -36.58 -2.76 1.05
CA LYS E 63 -36.52 -1.56 1.88
C LYS E 63 -37.79 -0.75 1.75
N ILE E 64 -38.34 -0.66 0.54
CA ILE E 64 -39.61 0.02 0.31
C ILE E 64 -40.73 -0.64 1.13
N HIS E 65 -40.84 -1.95 0.97
CA HIS E 65 -41.85 -2.71 1.70
C HIS E 65 -41.72 -2.51 3.20
N GLU E 66 -40.50 -2.60 3.71
CA GLU E 66 -40.29 -2.53 5.15
C GLU E 66 -40.69 -1.16 5.70
N ALA E 67 -40.57 -0.12 4.88
CA ALA E 67 -40.92 1.22 5.34
C ALA E 67 -42.37 1.64 5.08
N THR E 68 -43.04 1.02 4.11
CA THR E 68 -44.29 1.58 3.60
C THR E 68 -45.47 0.62 3.65
N GLY E 69 -45.18 -0.67 3.72
CA GLY E 69 -46.23 -1.68 3.61
C GLY E 69 -46.52 -2.07 2.17
N LEU E 70 -46.04 -1.28 1.21
CA LEU E 70 -46.27 -1.56 -0.22
C LEU E 70 -45.82 -2.95 -0.60
N GLN E 71 -46.63 -3.65 -1.37
CA GLN E 71 -46.21 -4.95 -1.90
C GLN E 71 -45.39 -4.79 -3.20
N ILE E 72 -44.28 -5.51 -3.29
CA ILE E 72 -43.35 -5.37 -4.40
C ILE E 72 -42.93 -6.70 -4.98
N GLU E 73 -43.01 -6.81 -6.30
CA GLU E 73 -42.40 -7.92 -7.02
C GLU E 73 -40.90 -7.64 -7.11
N ARG E 74 -40.10 -8.56 -6.58
CA ARG E 74 -38.67 -8.33 -6.45
C ARG E 74 -37.87 -9.12 -7.48
N PHE E 75 -36.90 -8.43 -8.07
CA PHE E 75 -35.95 -9.04 -8.99
C PHE E 75 -34.55 -8.92 -8.40
N GLN E 76 -33.58 -9.46 -9.12
CA GLN E 76 -32.19 -9.36 -8.72
C GLN E 76 -31.77 -7.90 -8.58
N SER E 77 -30.71 -7.66 -7.83
CA SER E 77 -30.07 -6.36 -7.85
C SER E 77 -29.56 -6.08 -9.25
N GLY E 78 -29.36 -4.81 -9.55
CA GLY E 78 -28.82 -4.36 -10.83
C GLY E 78 -27.59 -5.13 -11.29
N PRO E 79 -26.53 -5.16 -10.46
CA PRO E 79 -25.32 -5.90 -10.85
C PRO E 79 -25.60 -7.39 -11.09
N LEU E 80 -26.60 -7.96 -10.42
CA LEU E 80 -26.91 -9.38 -10.61
C LEU E 80 -28.04 -9.60 -11.63
N GLY E 81 -28.38 -8.55 -12.40
CA GLY E 81 -29.25 -8.72 -13.54
C GLY E 81 -30.61 -8.04 -13.48
N GLY E 82 -30.89 -7.35 -12.39
CA GLY E 82 -32.19 -6.74 -12.19
C GLY E 82 -32.58 -5.72 -13.24
N ASP E 83 -31.61 -4.92 -13.69
CA ASP E 83 -31.91 -3.91 -14.70
C ASP E 83 -32.36 -4.56 -16.02
N GLN E 84 -31.76 -5.68 -16.38
CA GLN E 84 -32.17 -6.38 -17.59
C GLN E 84 -33.50 -7.10 -17.41
N GLN E 85 -33.81 -7.46 -16.16
CA GLN E 85 -35.10 -8.07 -15.86
C GLN E 85 -36.20 -7.03 -16.06
N ILE E 86 -35.94 -5.79 -15.66
CA ILE E 86 -36.86 -4.69 -15.94
C ILE E 86 -36.92 -4.43 -17.45
N GLY E 87 -35.76 -4.40 -18.10
CA GLY E 87 -35.68 -4.28 -19.54
C GLY E 87 -36.55 -5.28 -20.29
N ALA E 88 -36.48 -6.55 -19.88
CA ALA E 88 -37.28 -7.60 -20.51
C ALA E 88 -38.77 -7.28 -20.45
N LEU E 89 -39.21 -6.69 -19.33
CA LEU E 89 -40.61 -6.34 -19.17
C LEU E 89 -41.01 -5.26 -20.18
N ILE E 90 -40.10 -4.31 -20.38
CA ILE E 90 -40.31 -3.27 -21.36
C ILE E 90 -40.36 -3.82 -22.78
N ALA E 91 -39.47 -4.77 -23.09
CA ALA E 91 -39.46 -5.42 -24.41
C ALA E 91 -40.77 -6.14 -24.69
N ALA E 92 -41.47 -6.53 -23.63
CA ALA E 92 -42.73 -7.26 -23.75
C ALA E 92 -43.93 -6.37 -23.47
N ASN E 93 -43.70 -5.06 -23.39
CA ASN E 93 -44.77 -4.08 -23.18
C ASN E 93 -45.52 -4.30 -21.88
N ALA E 94 -44.79 -4.57 -20.80
CA ALA E 94 -45.42 -4.87 -19.53
C ALA E 94 -45.14 -3.83 -18.46
N LEU E 95 -44.62 -2.65 -18.85
CA LEU E 95 -44.41 -1.57 -17.89
C LEU E 95 -44.94 -0.24 -18.40
N ASP E 96 -45.51 0.54 -17.49
CA ASP E 96 -46.06 1.85 -17.84
C ASP E 96 -45.17 2.99 -17.37
N LEU E 97 -44.33 2.71 -16.39
CA LEU E 97 -43.55 3.74 -15.72
C LEU E 97 -42.32 3.13 -15.07
N VAL E 98 -41.20 3.85 -15.16
CA VAL E 98 -39.96 3.43 -14.54
C VAL E 98 -39.38 4.59 -13.72
N ILE E 99 -39.17 4.36 -12.42
CA ILE E 99 -38.50 5.33 -11.55
C ILE E 99 -37.10 4.80 -11.26
N PHE E 100 -36.11 5.34 -11.96
CA PHE E 100 -34.76 4.82 -11.93
C PHE E 100 -33.83 5.82 -11.25
N LEU E 101 -33.74 5.75 -9.92
CA LEU E 101 -32.85 6.63 -9.17
C LEU E 101 -31.42 6.10 -9.19
N ARG E 102 -30.80 6.24 -10.35
CA ARG E 102 -29.39 5.91 -10.52
C ARG E 102 -28.51 6.92 -9.77
N ASP E 103 -27.31 6.49 -9.41
CA ASP E 103 -26.33 7.34 -8.74
C ASP E 103 -25.34 7.90 -9.76
N PRO E 104 -25.49 9.18 -10.12
CA PRO E 104 -24.63 9.85 -11.12
C PRO E 104 -23.28 10.27 -10.56
N LEU E 105 -23.05 10.05 -9.27
CA LEU E 105 -21.81 10.48 -8.64
C LEU E 105 -20.90 9.33 -8.19
N THR E 106 -21.29 8.10 -8.53
CA THR E 106 -20.49 6.93 -8.18
C THR E 106 -20.37 6.00 -9.39
N ALA E 107 -19.14 5.65 -9.76
CA ALA E 107 -18.92 4.67 -10.84
C ALA E 107 -19.56 3.32 -10.49
N GLN E 108 -20.37 2.80 -11.41
CA GLN E 108 -21.11 1.56 -11.20
C GLN E 108 -20.46 0.41 -11.96
N PRO E 109 -20.41 -0.79 -11.34
CA PRO E 109 -19.82 -1.93 -12.03
C PRO E 109 -20.69 -2.38 -13.23
N HIS E 110 -21.95 -1.97 -13.21
CA HIS E 110 -22.88 -2.37 -14.25
C HIS E 110 -23.39 -1.15 -15.02
N GLU E 111 -22.51 -0.18 -15.25
CA GLU E 111 -22.86 0.99 -16.05
C GLU E 111 -23.57 0.65 -17.38
N PRO E 112 -23.06 -0.37 -18.12
CA PRO E 112 -23.77 -0.61 -19.38
C PRO E 112 -25.20 -1.10 -19.18
N ASP E 113 -25.45 -1.89 -18.14
CA ASP E 113 -26.81 -2.30 -17.80
C ASP E 113 -27.68 -1.06 -17.53
N VAL E 114 -27.09 -0.07 -16.85
CA VAL E 114 -27.82 1.15 -16.49
C VAL E 114 -28.14 1.93 -17.76
N SER E 115 -27.13 2.14 -18.61
CA SER E 115 -27.34 2.83 -19.88
C SER E 115 -28.31 2.08 -20.79
N ALA E 116 -28.21 0.75 -20.80
CA ALA E 116 -29.04 -0.08 -21.67
C ALA E 116 -30.52 0.04 -21.31
N LEU E 117 -30.81 0.10 -20.02
CA LEU E 117 -32.22 0.14 -19.59
C LEU E 117 -32.83 1.49 -19.95
N ILE E 118 -32.09 2.56 -19.69
CA ILE E 118 -32.50 3.88 -20.07
C ILE E 118 -32.77 3.96 -21.59
N ARG E 119 -31.82 3.46 -22.38
CA ARG E 119 -31.95 3.41 -23.83
C ARG E 119 -33.23 2.67 -24.24
N LEU E 120 -33.48 1.53 -23.60
CA LEU E 120 -34.60 0.68 -23.99
C LEU E 120 -35.94 1.34 -23.65
N CYS E 121 -36.01 2.01 -22.50
CA CYS E 121 -37.18 2.83 -22.18
C CYS E 121 -37.47 3.84 -23.29
N ASP E 122 -36.41 4.46 -23.78
CA ASP E 122 -36.55 5.49 -24.79
C ASP E 122 -37.01 4.90 -26.11
N VAL E 123 -36.54 3.69 -26.44
CA VAL E 123 -37.01 2.98 -27.62
C VAL E 123 -38.54 2.87 -27.64
N TYR E 124 -39.12 2.53 -26.50
CA TYR E 124 -40.55 2.27 -26.46
C TYR E 124 -41.35 3.47 -25.93
N SER E 125 -40.65 4.58 -25.68
CA SER E 125 -41.26 5.83 -25.22
C SER E 125 -41.95 5.60 -23.86
N ILE E 126 -41.31 4.81 -23.02
CA ILE E 126 -41.81 4.54 -21.69
C ILE E 126 -41.41 5.67 -20.76
N PRO E 127 -42.42 6.32 -20.13
CA PRO E 127 -42.19 7.37 -19.12
C PRO E 127 -41.14 6.92 -18.11
N LEU E 128 -40.06 7.68 -18.05
CA LEU E 128 -38.89 7.28 -17.30
C LEU E 128 -38.35 8.44 -16.47
N ALA E 129 -38.25 8.22 -15.17
CA ALA E 129 -37.63 9.19 -14.29
C ALA E 129 -36.22 8.71 -13.96
N THR E 130 -35.22 9.50 -14.33
CA THR E 130 -33.84 9.18 -13.98
C THR E 130 -33.36 9.96 -12.76
N ASN E 131 -34.22 10.80 -12.21
CA ASN E 131 -33.90 11.51 -10.96
C ASN E 131 -35.17 11.92 -10.22
N MET E 132 -35.01 12.36 -8.98
CA MET E 132 -36.14 12.72 -8.13
C MET E 132 -37.00 13.85 -8.69
N GLY E 133 -36.38 14.83 -9.33
CA GLY E 133 -37.13 15.93 -9.94
C GLY E 133 -38.16 15.40 -10.94
N THR E 134 -37.71 14.52 -11.82
CA THR E 134 -38.61 13.90 -12.77
C THR E 134 -39.63 12.98 -12.08
N ALA E 135 -39.16 12.19 -11.11
CA ALA E 135 -39.99 11.21 -10.41
C ALA E 135 -41.22 11.85 -9.75
N GLU E 136 -41.01 12.97 -9.09
CA GLU E 136 -42.09 13.61 -8.35
C GLU E 136 -43.15 14.14 -9.29
N ILE E 137 -42.74 14.68 -10.43
CA ILE E 137 -43.73 15.17 -11.38
C ILE E 137 -44.50 13.98 -11.95
N LEU E 138 -43.79 12.95 -12.39
CA LEU E 138 -44.43 11.78 -13.00
C LEU E 138 -45.48 11.13 -12.09
N VAL E 139 -45.17 10.97 -10.80
N VAL E 139 -45.17 10.98 -10.81
CA VAL E 139 -46.10 10.28 -9.90
CA VAL E 139 -46.07 10.27 -9.90
C VAL E 139 -47.27 11.13 -9.45
C VAL E 139 -47.26 11.12 -9.49
N ARG E 140 -47.11 12.45 -9.49
CA ARG E 140 -48.22 13.36 -9.23
C ARG E 140 -49.39 13.07 -10.18
N THR E 141 -49.06 12.70 -11.40
CA THR E 141 -50.06 12.56 -12.46
C THR E 141 -50.78 11.22 -12.43
N LEU E 142 -50.37 10.32 -11.53
CA LEU E 142 -51.02 9.02 -11.42
C LEU E 142 -52.41 9.07 -10.80
N ASP E 143 -52.62 9.95 -9.82
CA ASP E 143 -53.93 10.08 -9.20
C ASP E 143 -54.89 10.91 -10.05
N SER F 22 -4.20 38.76 -27.20
CA SER F 22 -2.90 38.73 -26.55
C SER F 22 -2.89 37.79 -25.35
N VAL F 23 -3.95 37.82 -24.56
CA VAL F 23 -4.04 36.96 -23.39
C VAL F 23 -4.90 35.75 -23.69
N MET F 24 -4.31 34.58 -23.61
N MET F 24 -4.31 34.68 -23.61
CA MET F 24 -4.99 33.33 -23.87
CA MET F 24 -4.99 33.43 -23.87
C MET F 24 -5.95 32.94 -22.75
C MET F 24 -5.95 33.04 -22.75
N LYS F 25 -6.95 32.16 -23.09
CA LYS F 25 -7.89 31.63 -22.12
C LYS F 25 -7.48 30.18 -21.94
N ILE F 26 -7.20 29.81 -20.70
CA ILE F 26 -6.66 28.49 -20.38
C ILE F 26 -7.50 27.82 -19.31
N ALA F 27 -7.99 26.63 -19.61
CA ALA F 27 -8.69 25.81 -18.63
C ALA F 27 -7.71 24.87 -17.93
N LEU F 28 -7.84 24.76 -16.62
CA LEU F 28 -7.01 23.87 -15.83
C LEU F 28 -7.90 22.91 -15.06
N ILE F 29 -7.72 21.62 -15.32
CA ILE F 29 -8.52 20.60 -14.68
C ILE F 29 -7.61 19.51 -14.13
N ALA F 30 -7.89 19.06 -12.91
CA ALA F 30 -7.13 17.98 -12.32
C ALA F 30 -8.05 17.08 -11.51
N HIS F 31 -7.97 15.77 -11.75
CA HIS F 31 -8.67 14.84 -10.88
C HIS F 31 -7.93 14.79 -9.54
N ASP F 32 -8.59 14.23 -8.53
CA ASP F 32 -8.10 14.25 -7.17
C ASP F 32 -6.65 13.81 -7.03
N LYS F 33 -6.33 12.65 -7.59
CA LYS F 33 -4.96 12.15 -7.51
C LYS F 33 -3.96 12.98 -8.32
N LYS F 34 -4.43 13.88 -9.17
CA LYS F 34 -3.54 14.76 -9.95
C LYS F 34 -3.48 16.21 -9.40
N LYS F 35 -4.31 16.54 -8.43
CA LYS F 35 -4.42 17.92 -7.99
C LYS F 35 -3.10 18.52 -7.45
N GLN F 36 -2.37 17.74 -6.65
CA GLN F 36 -1.06 18.17 -6.20
C GLN F 36 -0.13 18.43 -7.39
N ASP F 37 -0.24 17.61 -8.43
CA ASP F 37 0.53 17.81 -9.66
C ASP F 37 0.13 19.12 -10.32
N MET F 38 -1.16 19.43 -10.36
CA MET F 38 -1.59 20.69 -10.95
C MET F 38 -1.01 21.87 -10.18
N VAL F 39 -1.03 21.78 -8.85
CA VAL F 39 -0.53 22.87 -8.04
C VAL F 39 0.95 23.09 -8.33
N GLN F 40 1.72 22.01 -8.30
CA GLN F 40 3.15 22.06 -8.65
C GLN F 40 3.38 22.63 -10.05
N PHE F 41 2.55 22.18 -10.99
CA PHE F 41 2.58 22.70 -12.36
C PHE F 41 2.40 24.23 -12.41
N THR F 42 1.33 24.71 -11.79
CA THR F 42 1.02 26.13 -11.80
C THR F 42 2.02 26.93 -10.96
N THR F 43 2.63 26.27 -9.98
CA THR F 43 3.68 26.91 -9.21
C THR F 43 4.92 27.08 -10.09
N ALA F 44 5.30 25.99 -10.76
CA ALA F 44 6.46 26.00 -11.64
C ALA F 44 6.36 27.03 -12.77
N TYR F 45 5.17 27.14 -13.36
CA TYR F 45 5.00 27.99 -14.54
C TYR F 45 4.19 29.25 -14.27
N ARG F 46 4.17 29.70 -13.00
CA ARG F 46 3.33 30.83 -12.63
C ARG F 46 3.61 32.10 -13.41
N ASP F 47 4.88 32.39 -13.67
CA ASP F 47 5.24 33.63 -14.33
C ASP F 47 4.85 33.61 -15.81
N ILE F 48 4.53 32.42 -16.32
CA ILE F 48 3.91 32.29 -17.64
C ILE F 48 2.39 32.43 -17.52
N LEU F 49 1.81 31.63 -16.63
CA LEU F 49 0.36 31.56 -16.50
C LEU F 49 -0.27 32.89 -16.09
N LYS F 50 0.50 33.73 -15.39
CA LYS F 50 -0.02 34.99 -14.85
C LYS F 50 -0.30 36.00 -15.95
N ASN F 51 0.15 35.71 -17.17
CA ASN F 51 -0.08 36.60 -18.30
C ASN F 51 -1.33 36.23 -19.09
N HIS F 52 -2.10 35.28 -18.57
CA HIS F 52 -3.26 34.78 -19.28
C HIS F 52 -4.46 34.69 -18.38
N ASP F 53 -5.60 34.30 -18.94
CA ASP F 53 -6.85 34.21 -18.18
C ASP F 53 -7.16 32.76 -17.89
N LEU F 54 -7.28 32.44 -16.61
CA LEU F 54 -7.32 31.05 -16.17
C LEU F 54 -8.69 30.64 -15.67
N TYR F 55 -9.07 29.43 -16.05
CA TYR F 55 -10.32 28.82 -15.63
C TYR F 55 -9.98 27.49 -14.99
N ALA F 56 -10.64 27.16 -13.87
CA ALA F 56 -10.44 25.86 -13.25
C ALA F 56 -11.71 25.33 -12.61
N THR F 57 -11.77 24.00 -12.50
CA THR F 57 -12.94 23.32 -11.97
C THR F 57 -12.72 22.84 -10.54
N GLY F 58 -13.77 22.92 -9.71
CA GLY F 58 -13.74 22.34 -8.38
C GLY F 58 -12.77 23.04 -7.42
N THR F 59 -12.23 22.27 -6.48
CA THR F 59 -11.28 22.81 -5.50
C THR F 59 -9.95 23.17 -6.17
N THR F 60 -9.77 22.77 -7.42
CA THR F 60 -8.51 22.98 -8.12
C THR F 60 -8.14 24.45 -8.23
N GLY F 61 -9.13 25.31 -8.49
CA GLY F 61 -8.88 26.74 -8.59
C GLY F 61 -8.45 27.35 -7.28
N LEU F 62 -9.12 26.96 -6.20
CA LEU F 62 -8.79 27.48 -4.88
C LEU F 62 -7.37 27.06 -4.51
N LYS F 63 -7.05 25.79 -4.78
CA LYS F 63 -5.73 25.24 -4.49
C LYS F 63 -4.61 25.94 -5.26
N ILE F 64 -4.86 26.24 -6.53
CA ILE F 64 -3.88 26.96 -7.36
C ILE F 64 -3.66 28.36 -6.81
N HIS F 65 -4.77 29.09 -6.62
CA HIS F 65 -4.73 30.43 -6.07
C HIS F 65 -4.05 30.53 -4.73
N GLU F 66 -4.28 29.53 -3.89
CA GLU F 66 -3.80 29.57 -2.53
C GLU F 66 -2.28 29.39 -2.54
N ALA F 67 -1.79 28.68 -3.55
CA ALA F 67 -0.36 28.40 -3.64
C ALA F 67 0.41 29.40 -4.50
N THR F 68 -0.28 30.11 -5.39
CA THR F 68 0.44 30.88 -6.41
C THR F 68 0.11 32.37 -6.46
N GLY F 69 -1.05 32.73 -5.92
CA GLY F 69 -1.56 34.09 -6.05
C GLY F 69 -2.31 34.29 -7.36
N LEU F 70 -2.21 33.32 -8.27
CA LEU F 70 -2.91 33.39 -9.55
C LEU F 70 -4.43 33.56 -9.36
N GLN F 71 -5.03 34.41 -10.17
CA GLN F 71 -6.47 34.56 -10.18
C GLN F 71 -7.11 33.54 -11.11
N ILE F 72 -8.10 32.83 -10.60
CA ILE F 72 -8.76 31.79 -11.37
C ILE F 72 -10.27 31.97 -11.41
N GLU F 73 -10.86 31.87 -12.60
CA GLU F 73 -12.30 31.81 -12.71
C GLU F 73 -12.73 30.38 -12.35
N ARG F 74 -13.60 30.26 -11.35
CA ARG F 74 -13.88 28.96 -10.76
C ARG F 74 -15.21 28.38 -11.25
N PHE F 75 -15.15 27.14 -11.73
CA PHE F 75 -16.33 26.39 -12.15
C PHE F 75 -16.58 25.23 -11.19
N GLN F 76 -17.72 24.57 -11.36
CA GLN F 76 -18.05 23.37 -10.58
C GLN F 76 -16.98 22.30 -10.74
N SER F 77 -16.95 21.36 -9.80
CA SER F 77 -16.13 20.17 -9.99
C SER F 77 -16.68 19.39 -11.17
N GLY F 78 -15.83 18.58 -11.79
CA GLY F 78 -16.22 17.75 -12.92
C GLY F 78 -17.50 16.94 -12.73
N PRO F 79 -17.55 16.12 -11.67
CA PRO F 79 -18.79 15.38 -11.42
C PRO F 79 -20.01 16.30 -11.26
N LEU F 80 -19.78 17.55 -10.83
CA LEU F 80 -20.88 18.50 -10.68
C LEU F 80 -21.05 19.44 -11.90
N GLY F 81 -20.40 19.12 -13.01
CA GLY F 81 -20.65 19.82 -14.26
C GLY F 81 -19.54 20.67 -14.85
N GLY F 82 -18.38 20.70 -14.19
CA GLY F 82 -17.30 21.58 -14.58
C GLY F 82 -16.71 21.29 -15.95
N ASP F 83 -16.62 20.02 -16.30
CA ASP F 83 -16.11 19.64 -17.62
C ASP F 83 -17.03 20.17 -18.72
N GLN F 84 -18.33 20.17 -18.46
CA GLN F 84 -19.27 20.66 -19.46
C GLN F 84 -19.25 22.17 -19.51
N GLN F 85 -18.97 22.81 -18.37
CA GLN F 85 -18.81 24.26 -18.33
C GLN F 85 -17.61 24.69 -19.16
N ILE F 86 -16.50 23.95 -19.06
CA ILE F 86 -15.34 24.17 -19.93
C ILE F 86 -15.69 23.90 -21.40
N GLY F 87 -16.34 22.77 -21.65
CA GLY F 87 -16.78 22.40 -22.97
C GLY F 87 -17.65 23.46 -23.61
N ALA F 88 -18.48 24.10 -22.81
CA ALA F 88 -19.33 25.19 -23.28
C ALA F 88 -18.50 26.38 -23.78
N LEU F 89 -17.36 26.63 -23.13
CA LEU F 89 -16.49 27.71 -23.55
C LEU F 89 -15.85 27.36 -24.89
N ILE F 90 -15.54 26.09 -25.08
CA ILE F 90 -14.99 25.64 -26.34
C ILE F 90 -16.01 25.81 -27.44
N ALA F 91 -17.23 25.37 -27.16
CA ALA F 91 -18.31 25.49 -28.12
C ALA F 91 -18.55 26.96 -28.50
N ALA F 92 -18.19 27.88 -27.60
CA ALA F 92 -18.41 29.31 -27.85
C ALA F 92 -17.13 29.96 -28.37
N ASN F 93 -16.14 29.12 -28.70
CA ASN F 93 -14.85 29.58 -29.17
C ASN F 93 -14.18 30.56 -28.22
N ALA F 94 -14.20 30.24 -26.93
CA ALA F 94 -13.71 31.16 -25.92
C ALA F 94 -12.63 30.50 -25.07
N LEU F 95 -11.86 29.60 -25.69
CA LEU F 95 -10.78 28.90 -25.00
C LEU F 95 -9.65 28.57 -25.97
N ASP F 96 -8.41 28.80 -25.53
CA ASP F 96 -7.25 28.57 -26.38
C ASP F 96 -6.47 27.32 -25.99
N LEU F 97 -6.61 26.90 -24.75
CA LEU F 97 -5.80 25.79 -24.25
C LEU F 97 -6.48 25.10 -23.09
N VAL F 98 -6.40 23.77 -23.09
CA VAL F 98 -6.94 22.97 -22.00
C VAL F 98 -5.85 22.07 -21.44
N ILE F 99 -5.60 22.21 -20.14
CA ILE F 99 -4.73 21.30 -19.43
C ILE F 99 -5.59 20.40 -18.56
N PHE F 100 -5.80 19.18 -19.04
CA PHE F 100 -6.72 18.24 -18.42
C PHE F 100 -5.95 17.10 -17.77
N LEU F 101 -5.55 17.27 -16.51
CA LEU F 101 -4.84 16.21 -15.80
C LEU F 101 -5.83 15.20 -15.24
N ARG F 102 -6.35 14.35 -16.12
CA ARG F 102 -7.27 13.29 -15.73
C ARG F 102 -6.52 12.14 -15.06
N ASP F 103 -7.22 11.38 -14.24
CA ASP F 103 -6.68 10.21 -13.56
C ASP F 103 -6.98 8.95 -14.37
N PRO F 104 -5.96 8.39 -15.03
CA PRO F 104 -6.15 7.21 -15.89
C PRO F 104 -6.13 5.90 -15.09
N LEU F 105 -5.94 5.97 -13.77
CA LEU F 105 -5.84 4.75 -12.97
C LEU F 105 -7.02 4.55 -12.00
N THR F 106 -8.00 5.44 -12.08
CA THR F 106 -9.16 5.38 -11.19
C THR F 106 -10.43 5.54 -12.00
N ALA F 107 -11.37 4.60 -11.86
CA ALA F 107 -12.67 4.72 -12.53
C ALA F 107 -13.43 5.96 -12.04
N GLN F 108 -13.90 6.76 -12.99
CA GLN F 108 -14.53 8.04 -12.70
C GLN F 108 -16.05 7.97 -12.84
N PRO F 109 -16.79 8.60 -11.92
CA PRO F 109 -18.24 8.56 -12.00
C PRO F 109 -18.76 9.41 -13.18
N HIS F 110 -17.93 10.33 -13.65
CA HIS F 110 -18.30 11.20 -14.77
C HIS F 110 -17.42 10.92 -15.99
N GLU F 111 -17.12 9.66 -16.23
CA GLU F 111 -16.34 9.25 -17.39
C GLU F 111 -16.93 9.81 -18.71
N PRO F 112 -18.26 9.73 -18.92
CA PRO F 112 -18.76 10.34 -20.16
C PRO F 112 -18.39 11.83 -20.31
N ASP F 113 -18.50 12.61 -19.23
CA ASP F 113 -18.12 14.02 -19.26
C ASP F 113 -16.65 14.18 -19.61
N VAL F 114 -15.81 13.30 -19.07
CA VAL F 114 -14.38 13.33 -19.33
C VAL F 114 -14.12 13.10 -20.83
N SER F 115 -14.70 12.00 -21.35
CA SER F 115 -14.58 11.67 -22.76
C SER F 115 -15.16 12.76 -23.64
N ALA F 116 -16.27 13.35 -23.21
CA ALA F 116 -16.95 14.38 -23.99
C ALA F 116 -16.12 15.64 -24.14
N LEU F 117 -15.40 16.02 -23.08
CA LEU F 117 -14.63 17.25 -23.11
C LEU F 117 -13.44 17.06 -24.04
N ILE F 118 -12.80 15.90 -23.94
CA ILE F 118 -11.69 15.56 -24.80
C ILE F 118 -12.14 15.55 -26.27
N ARG F 119 -13.27 14.88 -26.53
CA ARG F 119 -13.84 14.81 -27.87
C ARG F 119 -14.11 16.20 -28.44
N LEU F 120 -14.61 17.11 -27.61
CA LEU F 120 -15.00 18.43 -28.10
C LEU F 120 -13.78 19.30 -28.39
N CYS F 121 -12.72 19.15 -27.59
CA CYS F 121 -11.45 19.80 -27.87
C CYS F 121 -10.96 19.40 -29.24
N ASP F 122 -11.16 18.13 -29.57
CA ASP F 122 -10.67 17.60 -30.82
C ASP F 122 -11.51 18.09 -31.99
N VAL F 123 -12.81 18.29 -31.76
CA VAL F 123 -13.67 18.89 -32.79
C VAL F 123 -13.16 20.26 -33.24
N TYR F 124 -12.76 21.09 -32.27
CA TYR F 124 -12.35 22.46 -32.56
C TYR F 124 -10.84 22.63 -32.64
N SER F 125 -10.11 21.51 -32.70
CA SER F 125 -8.65 21.50 -32.71
C SER F 125 -8.07 22.39 -31.61
N ILE F 126 -8.63 22.29 -30.41
CA ILE F 126 -8.09 23.02 -29.28
C ILE F 126 -6.90 22.27 -28.68
N PRO F 127 -5.74 22.96 -28.56
CA PRO F 127 -4.58 22.36 -27.91
C PRO F 127 -4.94 21.83 -26.52
N LEU F 128 -4.67 20.55 -26.32
CA LEU F 128 -5.19 19.82 -25.17
C LEU F 128 -4.12 18.92 -24.58
N ALA F 129 -3.84 19.09 -23.30
CA ALA F 129 -2.95 18.19 -22.61
C ALA F 129 -3.77 17.28 -21.72
N THR F 130 -3.64 15.97 -21.93
CA THR F 130 -4.37 15.01 -21.11
C THR F 130 -3.45 14.38 -20.06
N ASN F 131 -2.19 14.78 -20.05
CA ASN F 131 -1.24 14.34 -19.03
C ASN F 131 -0.09 15.34 -18.88
N MET F 132 0.76 15.13 -17.89
CA MET F 132 1.78 16.12 -17.56
C MET F 132 2.87 16.16 -18.64
N GLY F 133 3.10 15.04 -19.31
CA GLY F 133 4.06 15.01 -20.39
C GLY F 133 3.69 16.02 -21.46
N THR F 134 2.43 15.98 -21.90
CA THR F 134 1.93 16.92 -22.89
C THR F 134 1.87 18.34 -22.32
N ALA F 135 1.42 18.45 -21.07
CA ALA F 135 1.23 19.74 -20.40
C ALA F 135 2.48 20.60 -20.39
N GLU F 136 3.62 20.00 -20.06
CA GLU F 136 4.85 20.75 -19.90
C GLU F 136 5.34 21.29 -21.24
N ILE F 137 5.10 20.54 -22.30
CA ILE F 137 5.47 21.01 -23.63
C ILE F 137 4.55 22.16 -24.06
N LEU F 138 3.24 22.01 -23.87
CA LEU F 138 2.30 23.06 -24.26
C LEU F 138 2.52 24.39 -23.51
N VAL F 139 2.71 24.32 -22.20
CA VAL F 139 2.86 25.53 -21.41
C VAL F 139 4.16 26.28 -21.74
N ARG F 140 5.22 25.57 -22.13
CA ARG F 140 6.50 26.21 -22.34
C ARG F 140 6.51 27.06 -23.62
N THR F 141 5.65 26.70 -24.57
CA THR F 141 5.57 27.44 -25.82
C THR F 141 4.89 28.78 -25.61
N LEU F 142 4.14 28.92 -24.52
CA LEU F 142 3.63 30.24 -24.14
C LEU F 142 4.78 31.08 -23.59
N ASP F 143 5.39 31.88 -24.45
CA ASP F 143 6.46 32.79 -24.06
C ASP F 143 6.89 33.62 -25.25
N SER G 22 38.30 10.67 -8.62
CA SER G 22 37.49 9.50 -8.90
C SER G 22 37.74 8.40 -7.86
N VAL G 23 38.34 8.78 -6.75
CA VAL G 23 38.67 7.82 -5.70
C VAL G 23 37.69 7.95 -4.56
N MET G 24 37.11 6.82 -4.15
CA MET G 24 36.15 6.83 -3.07
C MET G 24 36.73 6.29 -1.78
N LYS G 25 36.16 6.76 -0.68
CA LYS G 25 36.56 6.31 0.65
C LYS G 25 35.69 5.12 1.03
N ILE G 26 36.31 3.96 1.13
CA ILE G 26 35.57 2.75 1.43
C ILE G 26 36.04 2.14 2.74
N ALA G 27 35.10 1.83 3.61
CA ALA G 27 35.41 1.19 4.88
C ALA G 27 35.04 -0.29 4.81
N LEU G 28 35.93 -1.15 5.30
CA LEU G 28 35.70 -2.58 5.26
C LEU G 28 35.75 -3.15 6.69
N ILE G 29 34.68 -3.82 7.10
CA ILE G 29 34.55 -4.37 8.44
C ILE G 29 34.03 -5.79 8.39
N ALA G 30 34.64 -6.68 9.15
CA ALA G 30 34.21 -8.06 9.20
C ALA G 30 34.35 -8.65 10.60
N HIS G 31 33.25 -9.18 11.13
CA HIS G 31 33.31 -9.94 12.38
C HIS G 31 34.10 -11.21 12.13
N ASP G 32 34.49 -11.89 13.21
CA ASP G 32 35.40 -13.03 13.11
C ASP G 32 34.95 -14.10 12.13
N LYS G 33 33.70 -14.52 12.21
CA LYS G 33 33.20 -15.58 11.33
C LYS G 33 33.09 -15.15 9.88
N LYS G 34 33.22 -13.84 9.62
CA LYS G 34 33.07 -13.32 8.26
C LYS G 34 34.39 -12.82 7.66
N LYS G 35 35.46 -12.89 8.44
CA LYS G 35 36.74 -12.31 8.00
C LYS G 35 37.33 -13.03 6.78
N GLN G 36 37.16 -14.36 6.73
CA GLN G 36 37.59 -15.10 5.55
C GLN G 36 36.75 -14.72 4.33
N ASP G 37 35.45 -14.51 4.52
CA ASP G 37 34.60 -14.03 3.44
C ASP G 37 35.11 -12.68 2.92
N MET G 38 35.54 -11.82 3.84
CA MET G 38 36.04 -10.49 3.48
C MET G 38 37.32 -10.58 2.65
N VAL G 39 38.19 -11.51 3.04
CA VAL G 39 39.45 -11.73 2.34
C VAL G 39 39.17 -12.27 0.95
N GLN G 40 38.30 -13.27 0.88
CA GLN G 40 37.84 -13.83 -0.37
C GLN G 40 37.24 -12.73 -1.24
N PHE G 41 36.46 -11.83 -0.60
CA PHE G 41 35.83 -10.70 -1.28
C PHE G 41 36.84 -9.70 -1.85
N THR G 42 37.77 -9.25 -1.02
CA THR G 42 38.74 -8.26 -1.43
C THR G 42 39.75 -8.84 -2.42
N THR G 43 39.93 -10.15 -2.41
CA THR G 43 40.80 -10.77 -3.38
C THR G 43 40.11 -10.80 -4.73
N ALA G 44 38.82 -11.14 -4.72
CA ALA G 44 38.07 -11.26 -5.96
C ALA G 44 37.91 -9.90 -6.67
N TYR G 45 37.79 -8.83 -5.88
CA TYR G 45 37.55 -7.52 -6.47
C TYR G 45 38.73 -6.58 -6.28
N ARG G 46 39.91 -7.18 -6.10
CA ARG G 46 41.13 -6.42 -5.87
C ARG G 46 41.41 -5.38 -6.95
N ASP G 47 41.14 -5.73 -8.21
CA ASP G 47 41.42 -4.84 -9.32
C ASP G 47 40.54 -3.59 -9.29
N ILE G 48 39.39 -3.69 -8.65
CA ILE G 48 38.50 -2.56 -8.46
C ILE G 48 38.85 -1.76 -7.20
N LEU G 49 39.01 -2.47 -6.09
CA LEU G 49 39.32 -1.85 -4.81
C LEU G 49 40.63 -1.07 -4.79
N LYS G 50 41.60 -1.48 -5.60
CA LYS G 50 42.92 -0.84 -5.61
C LYS G 50 42.89 0.60 -6.10
N ASN G 51 41.82 0.97 -6.80
CA ASN G 51 41.66 2.34 -7.29
C ASN G 51 40.99 3.24 -6.24
N HIS G 52 40.79 2.72 -5.04
CA HIS G 52 40.10 3.50 -4.02
C HIS G 52 40.84 3.54 -2.68
N ASP G 53 40.43 4.45 -1.81
CA ASP G 53 41.03 4.59 -0.49
C ASP G 53 40.31 3.71 0.52
N LEU G 54 41.05 2.76 1.08
CA LEU G 54 40.46 1.75 1.95
C LEU G 54 40.71 2.02 3.43
N TYR G 55 39.65 1.83 4.23
CA TYR G 55 39.76 1.85 5.69
C TYR G 55 39.22 0.55 6.23
N ALA G 56 39.80 0.07 7.33
CA ALA G 56 39.33 -1.17 7.95
C ALA G 56 39.67 -1.23 9.43
N THR G 57 38.89 -2.03 10.15
CA THR G 57 39.04 -2.19 11.58
C THR G 57 39.85 -3.44 11.95
N GLY G 58 40.64 -3.33 13.02
CA GLY G 58 41.26 -4.49 13.62
C GLY G 58 42.12 -5.33 12.69
N THR G 59 42.03 -6.65 12.82
CA THR G 59 42.87 -7.52 12.02
C THR G 59 42.34 -7.68 10.58
N THR G 60 41.13 -7.17 10.33
CA THR G 60 40.55 -7.22 8.98
C THR G 60 41.46 -6.53 7.96
N GLY G 61 42.00 -5.37 8.32
CA GLY G 61 42.94 -4.68 7.47
C GLY G 61 44.18 -5.50 7.20
N LEU G 62 44.78 -6.03 8.26
CA LEU G 62 45.98 -6.86 8.15
C LEU G 62 45.75 -8.05 7.21
N LYS G 63 44.65 -8.76 7.41
CA LYS G 63 44.33 -9.95 6.62
C LYS G 63 44.10 -9.62 5.15
N ILE G 64 43.32 -8.58 4.88
CA ILE G 64 43.13 -8.08 3.53
C ILE G 64 44.48 -7.71 2.91
N HIS G 65 45.27 -6.93 3.63
CA HIS G 65 46.58 -6.50 3.14
C HIS G 65 47.50 -7.69 2.84
N GLU G 66 47.47 -8.68 3.72
CA GLU G 66 48.34 -9.84 3.56
C GLU G 66 47.95 -10.68 2.34
N ALA G 67 46.65 -10.74 2.04
CA ALA G 67 46.19 -11.58 0.95
C ALA G 67 46.23 -10.86 -0.41
N THR G 68 46.18 -9.55 -0.39
CA THR G 68 46.01 -8.79 -1.63
C THR G 68 47.11 -7.77 -1.89
N GLY G 69 47.77 -7.29 -0.83
CA GLY G 69 48.74 -6.22 -0.97
C GLY G 69 48.10 -4.85 -1.04
N LEU G 70 46.78 -4.80 -0.85
CA LEU G 70 46.07 -3.53 -0.85
C LEU G 70 46.50 -2.64 0.29
N GLN G 71 46.54 -1.33 0.05
CA GLN G 71 46.88 -0.40 1.11
C GLN G 71 45.61 -0.05 1.89
N ILE G 72 45.66 -0.27 3.21
CA ILE G 72 44.50 -0.08 4.08
C ILE G 72 44.85 0.73 5.33
N GLU G 73 44.17 1.86 5.52
CA GLU G 73 44.31 2.59 6.78
C GLU G 73 43.53 1.83 7.85
N ARG G 74 44.17 1.62 8.99
CA ARG G 74 43.64 0.68 9.97
C ARG G 74 43.16 1.36 11.25
N PHE G 75 42.08 0.82 11.80
CA PHE G 75 41.55 1.29 13.07
C PHE G 75 41.49 0.15 14.07
N GLN G 76 41.04 0.44 15.29
CA GLN G 76 40.86 -0.59 16.30
C GLN G 76 39.86 -1.63 15.85
N SER G 77 39.87 -2.80 16.47
CA SER G 77 38.82 -3.77 16.25
C SER G 77 37.48 -3.21 16.72
N GLY G 78 36.40 -3.81 16.24
CA GLY G 78 35.05 -3.39 16.60
C GLY G 78 34.84 -3.16 18.09
N PRO G 79 35.06 -4.19 18.92
CA PRO G 79 34.90 -4.07 20.36
C PRO G 79 35.76 -2.97 20.99
N LEU G 80 36.88 -2.65 20.34
CA LEU G 80 37.83 -1.69 20.91
C LEU G 80 37.67 -0.29 20.30
N GLY G 81 36.56 -0.05 19.61
CA GLY G 81 36.25 1.30 19.16
C GLY G 81 36.19 1.51 17.66
N GLY G 82 36.49 0.46 16.90
CA GLY G 82 36.65 0.57 15.46
C GLY G 82 35.39 1.01 14.74
N ASP G 83 34.25 0.51 15.19
CA ASP G 83 32.98 0.91 14.62
C ASP G 83 32.72 2.40 14.85
N GLN G 84 33.05 2.90 16.03
CA GLN G 84 32.84 4.32 16.31
C GLN G 84 33.86 5.18 15.55
N GLN G 85 35.05 4.63 15.28
CA GLN G 85 36.03 5.36 14.47
C GLN G 85 35.55 5.53 13.03
N ILE G 86 34.94 4.49 12.50
CA ILE G 86 34.31 4.56 11.19
C ILE G 86 33.13 5.55 11.22
N GLY G 87 32.31 5.43 12.27
CA GLY G 87 31.16 6.30 12.45
C GLY G 87 31.57 7.76 12.45
N ALA G 88 32.70 8.06 13.10
CA ALA G 88 33.21 9.43 13.17
C ALA G 88 33.54 9.98 11.78
N LEU G 89 34.06 9.12 10.91
CA LEU G 89 34.31 9.51 9.52
C LEU G 89 33.01 9.82 8.80
N ILE G 90 31.99 9.02 9.10
CA ILE G 90 30.70 9.27 8.50
C ILE G 90 30.10 10.58 9.01
N ALA G 91 30.28 10.87 10.31
CA ALA G 91 29.76 12.12 10.86
C ALA G 91 30.42 13.35 10.22
N ALA G 92 31.67 13.18 9.76
CA ALA G 92 32.41 14.28 9.12
C ALA G 92 32.35 14.18 7.60
N ASN G 93 31.40 13.39 7.11
N ASN G 93 31.43 13.36 7.10
CA ASN G 93 31.23 13.11 5.67
CA ASN G 93 31.24 13.18 5.67
C ASN G 93 32.53 12.77 4.97
C ASN G 93 32.52 12.75 4.95
N ALA G 94 33.23 11.78 5.52
CA ALA G 94 34.52 11.38 4.96
C ALA G 94 34.54 9.92 4.48
N LEU G 95 33.35 9.38 4.19
CA LEU G 95 33.24 8.03 3.63
C LEU G 95 32.16 7.96 2.57
N ASP G 96 32.41 7.16 1.54
CA ASP G 96 31.45 7.00 0.45
C ASP G 96 30.70 5.68 0.50
N LEU G 97 31.31 4.67 1.12
CA LEU G 97 30.76 3.32 1.06
C LEU G 97 31.24 2.51 2.24
N VAL G 98 30.35 1.69 2.80
CA VAL G 98 30.72 0.82 3.92
C VAL G 98 30.35 -0.62 3.62
N ILE G 99 31.34 -1.51 3.67
CA ILE G 99 31.08 -2.94 3.60
C ILE G 99 31.20 -3.49 5.03
N PHE G 100 30.06 -3.83 5.61
CA PHE G 100 29.99 -4.22 7.01
C PHE G 100 29.52 -5.67 7.12
N LEU G 101 30.46 -6.60 7.05
CA LEU G 101 30.10 -8.01 7.16
C LEU G 101 30.03 -8.42 8.64
N ARG G 102 28.93 -8.00 9.28
CA ARG G 102 28.64 -8.37 10.66
C ARG G 102 28.21 -9.81 10.71
N ASP G 103 28.36 -10.43 11.87
CA ASP G 103 27.97 -11.82 12.06
C ASP G 103 26.60 -11.86 12.73
N PRO G 104 25.55 -12.21 11.97
CA PRO G 104 24.17 -12.25 12.47
C PRO G 104 23.86 -13.47 13.34
N LEU G 105 24.81 -14.40 13.46
CA LEU G 105 24.54 -15.65 14.15
C LEU G 105 25.33 -15.78 15.45
N THR G 106 25.97 -14.71 15.87
CA THR G 106 26.80 -14.71 17.07
C THR G 106 26.54 -13.45 17.90
N ALA G 107 26.20 -13.63 19.18
CA ALA G 107 26.01 -12.49 20.08
C ALA G 107 27.29 -11.67 20.22
N GLN G 108 27.22 -10.40 19.88
CA GLN G 108 28.38 -9.51 19.93
C GLN G 108 28.39 -8.69 21.22
N PRO G 109 29.56 -8.52 21.82
CA PRO G 109 29.64 -7.68 23.02
C PRO G 109 29.49 -6.19 22.69
N HIS G 110 29.80 -5.82 21.44
CA HIS G 110 29.67 -4.44 20.99
C HIS G 110 28.49 -4.27 20.04
N GLU G 111 27.43 -5.03 20.28
CA GLU G 111 26.18 -4.87 19.55
C GLU G 111 25.73 -3.39 19.44
N PRO G 112 25.77 -2.61 20.55
CA PRO G 112 25.31 -1.23 20.33
C PRO G 112 26.17 -0.46 19.33
N ASP G 113 27.48 -0.69 19.32
CA ASP G 113 28.36 -0.06 18.32
C ASP G 113 27.92 -0.47 16.92
N VAL G 114 27.61 -1.75 16.77
CA VAL G 114 27.19 -2.30 15.50
C VAL G 114 25.93 -1.59 14.97
N SER G 115 24.90 -1.54 15.81
CA SER G 115 23.64 -0.90 15.42
C SER G 115 23.80 0.60 15.23
N ALA G 116 24.70 1.20 16.02
CA ALA G 116 24.94 2.63 15.95
C ALA G 116 25.63 2.99 14.62
N LEU G 117 26.59 2.18 14.19
CA LEU G 117 27.24 2.43 12.90
C LEU G 117 26.23 2.34 11.74
N ILE G 118 25.40 1.31 11.77
CA ILE G 118 24.39 1.13 10.74
C ILE G 118 23.40 2.31 10.76
N ARG G 119 22.94 2.68 11.96
CA ARG G 119 22.06 3.83 12.13
C ARG G 119 22.66 5.11 11.55
N LEU G 120 23.95 5.34 11.80
CA LEU G 120 24.57 6.58 11.35
C LEU G 120 24.73 6.57 9.82
N CYS G 121 25.02 5.41 9.24
CA CYS G 121 25.06 5.31 7.79
C CYS G 121 23.73 5.74 7.20
N ASP G 122 22.66 5.27 7.83
CA ASP G 122 21.33 5.54 7.32
C ASP G 122 20.97 7.03 7.50
N VAL G 123 21.43 7.65 8.59
CA VAL G 123 21.24 9.08 8.76
C VAL G 123 21.73 9.85 7.52
N TYR G 124 22.90 9.47 7.03
CA TYR G 124 23.51 10.20 5.93
C TYR G 124 23.39 9.50 4.58
N SER G 125 22.50 8.52 4.47
CA SER G 125 22.27 7.79 3.22
C SER G 125 23.56 7.28 2.58
N ILE G 126 24.52 6.89 3.43
CA ILE G 126 25.75 6.25 2.98
C ILE G 126 25.48 4.83 2.47
N PRO G 127 25.85 4.54 1.21
CA PRO G 127 25.74 3.17 0.69
C PRO G 127 26.40 2.16 1.64
N LEU G 128 25.61 1.19 2.08
CA LEU G 128 26.00 0.31 3.17
C LEU G 128 25.60 -1.11 2.85
N ALA G 129 26.60 -2.00 2.84
CA ALA G 129 26.33 -3.42 2.70
C ALA G 129 26.47 -4.08 4.07
N THR G 130 25.40 -4.74 4.51
CA THR G 130 25.44 -5.43 5.80
C THR G 130 25.63 -6.95 5.62
N ASN G 131 25.65 -7.40 4.37
CA ASN G 131 25.94 -8.79 4.07
C ASN G 131 26.59 -8.89 2.68
N MET G 132 27.01 -10.09 2.28
CA MET G 132 27.76 -10.26 1.04
C MET G 132 26.89 -10.07 -0.23
N GLY G 133 25.60 -10.39 -0.13
CA GLY G 133 24.69 -10.20 -1.25
C GLY G 133 24.70 -8.73 -1.65
N THR G 134 24.56 -7.85 -0.67
CA THR G 134 24.56 -6.42 -0.92
C THR G 134 25.94 -5.97 -1.39
N ALA G 135 26.97 -6.46 -0.72
CA ALA G 135 28.34 -6.04 -0.97
C ALA G 135 28.75 -6.24 -2.43
N GLU G 136 28.49 -7.44 -2.95
CA GLU G 136 28.87 -7.76 -4.32
C GLU G 136 28.20 -6.84 -5.31
N ILE G 137 26.96 -6.44 -5.03
CA ILE G 137 26.26 -5.56 -5.95
C ILE G 137 26.86 -4.15 -5.86
N LEU G 138 27.06 -3.65 -4.65
CA LEU G 138 27.63 -2.32 -4.46
C LEU G 138 29.03 -2.19 -5.10
N VAL G 139 29.90 -3.17 -4.87
CA VAL G 139 31.28 -3.06 -5.35
C VAL G 139 31.38 -3.13 -6.88
N ARG G 140 30.50 -3.89 -7.53
CA ARG G 140 30.53 -4.03 -8.99
C ARG G 140 30.20 -2.72 -9.70
N THR G 141 29.48 -1.82 -9.03
CA THR G 141 29.12 -0.54 -9.64
C THR G 141 30.24 0.50 -9.47
N LEU G 142 31.39 0.05 -8.96
CA LEU G 142 32.57 0.90 -8.89
C LEU G 142 33.49 0.62 -10.08
N ASP G 143 33.10 -0.32 -10.93
CA ASP G 143 33.89 -0.70 -12.09
C ASP G 143 33.54 0.15 -13.31
N SER H 22 -2.47 -19.75 51.36
CA SER H 22 -3.52 -19.82 50.34
C SER H 22 -3.63 -18.50 49.59
N VAL H 23 -2.96 -17.48 50.10
CA VAL H 23 -3.00 -16.17 49.47
C VAL H 23 -1.75 -15.95 48.63
N MET H 24 -1.98 -15.65 47.36
CA MET H 24 -0.91 -15.43 46.41
C MET H 24 -0.41 -14.02 46.47
N LYS H 25 0.85 -13.83 46.10
CA LYS H 25 1.42 -12.50 46.00
C LYS H 25 1.51 -12.13 44.53
N ILE H 26 0.77 -11.10 44.15
CA ILE H 26 0.56 -10.74 42.76
C ILE H 26 1.01 -9.32 42.50
N ALA H 27 1.87 -9.15 41.49
CA ALA H 27 2.30 -7.83 41.06
C ALA H 27 1.50 -7.41 39.83
N LEU H 28 1.11 -6.14 39.79
CA LEU H 28 0.30 -5.60 38.71
C LEU H 28 0.97 -4.35 38.14
N ILE H 29 1.24 -4.38 36.84
CA ILE H 29 1.93 -3.28 36.18
C ILE H 29 1.22 -2.94 34.87
N ALA H 30 1.07 -1.65 34.60
CA ALA H 30 0.48 -1.21 33.35
C ALA H 30 1.20 0.03 32.83
N HIS H 31 1.60 -0.01 31.55
CA HIS H 31 2.10 1.20 30.92
C HIS H 31 0.93 2.14 30.66
N ASP H 32 1.22 3.42 30.43
CA ASP H 32 0.19 4.44 30.35
C ASP H 32 -1.01 4.12 29.47
N LYS H 33 -0.76 3.59 28.28
CA LYS H 33 -1.85 3.32 27.36
C LYS H 33 -2.57 2.05 27.73
N LYS H 34 -2.05 1.34 28.73
CA LYS H 34 -2.65 0.09 29.20
C LYS H 34 -3.33 0.26 30.57
N LYS H 35 -3.22 1.43 31.17
CA LYS H 35 -3.69 1.62 32.54
C LYS H 35 -5.20 1.43 32.67
N GLN H 36 -5.95 2.00 31.74
CA GLN H 36 -7.40 1.76 31.66
C GLN H 36 -7.73 0.27 31.56
N ASP H 37 -6.98 -0.48 30.75
CA ASP H 37 -7.20 -1.92 30.63
C ASP H 37 -6.96 -2.65 31.96
N MET H 38 -5.97 -2.17 32.72
CA MET H 38 -5.67 -2.75 34.02
C MET H 38 -6.82 -2.50 35.00
N VAL H 39 -7.31 -1.27 35.03
CA VAL H 39 -8.46 -0.93 35.85
C VAL H 39 -9.67 -1.80 35.53
N GLN H 40 -10.00 -1.93 34.24
CA GLN H 40 -11.13 -2.77 33.83
C GLN H 40 -10.90 -4.22 34.22
N PHE H 41 -9.65 -4.66 34.10
CA PHE H 41 -9.25 -6.00 34.50
C PHE H 41 -9.45 -6.21 36.00
N THR H 42 -8.87 -5.33 36.82
CA THR H 42 -8.96 -5.52 38.25
C THR H 42 -10.40 -5.29 38.73
N THR H 43 -11.19 -4.54 37.97
CA THR H 43 -12.60 -4.35 38.31
C THR H 43 -13.38 -5.62 38.03
N ALA H 44 -13.12 -6.21 36.87
CA ALA H 44 -13.81 -7.42 36.44
C ALA H 44 -13.53 -8.62 37.35
N TYR H 45 -12.31 -8.70 37.89
CA TYR H 45 -11.93 -9.84 38.73
C TYR H 45 -11.67 -9.44 40.17
N ARG H 46 -12.30 -8.35 40.60
CA ARG H 46 -12.13 -7.84 41.95
C ARG H 46 -12.39 -8.92 43.02
N ASP H 47 -13.44 -9.70 42.82
CA ASP H 47 -13.85 -10.71 43.79
C ASP H 47 -12.86 -11.88 43.86
N ILE H 48 -11.94 -11.93 42.91
CA ILE H 48 -10.85 -12.89 42.93
C ILE H 48 -9.63 -12.26 43.61
N LEU H 49 -9.28 -11.06 43.14
CA LEU H 49 -8.09 -10.36 43.61
C LEU H 49 -8.15 -9.91 45.07
N LYS H 50 -9.34 -9.88 45.66
CA LYS H 50 -9.49 -9.45 47.04
C LYS H 50 -8.87 -10.46 48.01
N ASN H 51 -8.69 -11.70 47.55
CA ASN H 51 -8.17 -12.77 48.41
C ASN H 51 -6.67 -12.96 48.30
N HIS H 52 -5.98 -12.01 47.69
CA HIS H 52 -4.54 -12.14 47.50
C HIS H 52 -3.83 -10.84 47.85
N ASP H 53 -2.52 -10.91 48.02
CA ASP H 53 -1.73 -9.73 48.34
C ASP H 53 -1.26 -9.07 47.06
N LEU H 54 -1.60 -7.81 46.91
CA LEU H 54 -1.39 -7.11 45.66
C LEU H 54 -0.27 -6.09 45.74
N TYR H 55 0.53 -6.05 44.67
CA TYR H 55 1.64 -5.13 44.52
C TYR H 55 1.47 -4.44 43.18
N ALA H 56 1.77 -3.14 43.13
CA ALA H 56 1.72 -2.41 41.87
C ALA H 56 2.68 -1.22 41.85
N THR H 57 3.10 -0.86 40.65
CA THR H 57 3.99 0.28 40.43
C THR H 57 3.23 1.58 40.20
N GLY H 58 3.81 2.69 40.62
CA GLY H 58 3.30 4.01 40.31
C GLY H 58 1.81 4.25 40.49
N THR H 59 1.21 4.93 39.52
CA THR H 59 -0.18 5.35 39.62
C THR H 59 -1.13 4.20 39.32
N THR H 60 -0.58 3.09 38.82
CA THR H 60 -1.35 1.89 38.55
C THR H 60 -2.06 1.42 39.84
N GLY H 61 -1.32 1.35 40.93
CA GLY H 61 -1.89 0.92 42.20
C GLY H 61 -2.93 1.89 42.70
N LEU H 62 -2.67 3.17 42.53
CA LEU H 62 -3.62 4.21 42.94
C LEU H 62 -4.91 4.15 42.09
N LYS H 63 -4.77 3.96 40.79
CA LYS H 63 -5.92 3.86 39.91
C LYS H 63 -6.78 2.62 40.16
N ILE H 64 -6.13 1.49 40.45
CA ILE H 64 -6.85 0.27 40.80
C ILE H 64 -7.63 0.46 42.09
N HIS H 65 -6.97 1.00 43.10
CA HIS H 65 -7.60 1.24 44.39
C HIS H 65 -8.79 2.20 44.26
N GLU H 66 -8.59 3.29 43.51
CA GLU H 66 -9.65 4.27 43.35
C GLU H 66 -10.88 3.68 42.67
N ALA H 67 -10.67 2.68 41.83
CA ALA H 67 -11.77 2.08 41.08
C ALA H 67 -12.43 0.92 41.81
N THR H 68 -11.65 0.18 42.61
CA THR H 68 -12.11 -1.09 43.15
C THR H 68 -12.06 -1.17 44.67
N GLY H 69 -11.30 -0.27 45.29
CA GLY H 69 -11.13 -0.30 46.73
C GLY H 69 -10.15 -1.35 47.21
N LEU H 70 -9.56 -2.12 46.30
CA LEU H 70 -8.61 -3.16 46.69
C LEU H 70 -7.38 -2.54 47.36
N GLN H 71 -6.85 -3.26 48.37
CA GLN H 71 -5.61 -2.85 49.01
C GLN H 71 -4.42 -3.20 48.13
N ILE H 72 -3.59 -2.20 47.85
CA ILE H 72 -2.41 -2.40 47.01
C ILE H 72 -1.15 -1.87 47.68
N GLU H 73 -0.08 -2.64 47.69
CA GLU H 73 1.20 -2.06 48.07
C GLU H 73 1.80 -1.41 46.83
N ARG H 74 2.26 -0.17 47.02
CA ARG H 74 2.66 0.68 45.90
C ARG H 74 4.16 0.94 45.87
N PHE H 75 4.73 0.75 44.69
CA PHE H 75 6.14 1.06 44.44
C PHE H 75 6.24 2.26 43.51
N GLN H 76 7.47 2.66 43.20
CA GLN H 76 7.71 3.70 42.21
C GLN H 76 7.14 3.32 40.85
N SER H 77 6.96 4.32 39.99
CA SER H 77 6.62 4.05 38.59
C SER H 77 7.78 3.34 37.90
N GLY H 78 7.47 2.65 36.79
CA GLY H 78 8.47 1.96 36.01
C GLY H 78 9.75 2.72 35.71
N PRO H 79 9.63 3.92 35.13
CA PRO H 79 10.84 4.72 34.85
C PRO H 79 11.62 5.10 36.11
N LEU H 80 10.95 5.12 37.26
CA LEU H 80 11.58 5.54 38.51
C LEU H 80 12.00 4.34 39.37
N GLY H 81 11.88 3.14 38.83
CA GLY H 81 12.44 1.97 39.47
C GLY H 81 11.47 0.87 39.87
N GLY H 82 10.17 1.11 39.65
CA GLY H 82 9.15 0.15 39.98
C GLY H 82 9.39 -1.26 39.46
N ASP H 83 9.85 -1.38 38.22
CA ASP H 83 10.08 -2.70 37.63
C ASP H 83 11.19 -3.44 38.37
N GLN H 84 12.22 -2.71 38.76
CA GLN H 84 13.32 -3.32 39.49
C GLN H 84 12.91 -3.62 40.93
N GLN H 85 11.93 -2.88 41.46
CA GLN H 85 11.41 -3.19 42.79
C GLN H 85 10.60 -4.49 42.76
N ILE H 86 9.84 -4.70 41.69
CA ILE H 86 9.16 -5.97 41.47
C ILE H 86 10.19 -7.09 41.28
N GLY H 87 11.19 -6.82 40.44
CA GLY H 87 12.27 -7.76 40.21
C GLY H 87 12.94 -8.25 41.49
N ALA H 88 13.22 -7.33 42.40
CA ALA H 88 13.84 -7.68 43.66
C ALA H 88 12.96 -8.64 44.46
N LEU H 89 11.64 -8.45 44.39
CA LEU H 89 10.71 -9.36 45.07
C LEU H 89 10.83 -10.74 44.45
N ILE H 90 10.99 -10.81 43.13
CA ILE H 90 11.14 -12.10 42.44
C ILE H 90 12.47 -12.77 42.80
N ALA H 91 13.53 -11.98 42.90
CA ALA H 91 14.84 -12.51 43.25
C ALA H 91 14.82 -13.10 44.67
N ALA H 92 13.86 -12.66 45.49
CA ALA H 92 13.77 -13.13 46.87
C ALA H 92 12.61 -14.11 47.03
N ASN H 93 12.10 -14.62 45.91
N ASN H 93 12.10 -14.62 45.92
CA ASN H 93 11.03 -15.61 45.92
CA ASN H 93 11.03 -15.62 45.93
C ASN H 93 9.81 -15.10 46.70
C ASN H 93 9.76 -15.13 46.63
N ALA H 94 9.41 -13.86 46.43
CA ALA H 94 8.31 -13.26 47.19
C ALA H 94 7.09 -12.91 46.34
N LEU H 95 7.10 -13.28 45.07
CA LEU H 95 5.93 -13.12 44.20
C LEU H 95 5.49 -14.43 43.55
N ASP H 96 4.19 -14.61 43.38
CA ASP H 96 3.67 -15.84 42.79
C ASP H 96 3.21 -15.68 41.33
N LEU H 97 2.99 -14.44 40.92
CA LEU H 97 2.32 -14.16 39.66
C LEU H 97 2.51 -12.69 39.30
N VAL H 98 2.79 -12.43 38.03
CA VAL H 98 3.01 -11.07 37.57
C VAL H 98 2.12 -10.77 36.37
N ILE H 99 1.30 -9.73 36.48
CA ILE H 99 0.52 -9.23 35.34
C ILE H 99 1.19 -7.96 34.87
N PHE H 100 1.89 -8.06 33.75
CA PHE H 100 2.69 -6.96 33.26
C PHE H 100 2.09 -6.48 31.94
N LEU H 101 1.20 -5.49 32.03
CA LEU H 101 0.55 -4.97 30.82
C LEU H 101 1.41 -3.90 30.20
N ARG H 102 2.47 -4.33 29.53
CA ARG H 102 3.37 -3.41 28.85
C ARG H 102 2.68 -2.88 27.60
N ASP H 103 3.19 -1.75 27.10
CA ASP H 103 2.70 -1.16 25.85
C ASP H 103 3.68 -1.47 24.72
N PRO H 104 3.30 -2.42 23.84
CA PRO H 104 4.18 -2.88 22.76
C PRO H 104 4.18 -1.94 21.53
N LEU H 105 3.44 -0.85 21.61
CA LEU H 105 3.32 0.07 20.48
C LEU H 105 3.88 1.46 20.78
N THR H 106 4.54 1.59 21.93
CA THR H 106 5.13 2.86 22.31
C THR H 106 6.54 2.63 22.82
N ALA H 107 7.52 3.34 22.28
CA ALA H 107 8.90 3.20 22.74
C ALA H 107 9.02 3.68 24.20
N GLN H 108 9.54 2.81 25.05
CA GLN H 108 9.64 3.10 26.48
C GLN H 108 11.04 3.58 26.86
N PRO H 109 11.11 4.62 27.72
CA PRO H 109 12.43 5.11 28.15
C PRO H 109 13.15 4.07 29.01
N HIS H 110 12.37 3.15 29.57
CA HIS H 110 12.91 2.15 30.48
C HIS H 110 12.73 0.75 29.92
N GLU H 111 12.88 0.63 28.61
N GLU H 111 12.89 0.60 28.62
CA GLU H 111 12.87 -0.65 27.91
CA GLU H 111 12.79 -0.71 27.99
C GLU H 111 13.77 -1.71 28.58
C GLU H 111 13.79 -1.74 28.56
N PRO H 112 15.02 -1.32 28.96
CA PRO H 112 15.84 -2.34 29.64
C PRO H 112 15.22 -2.88 30.94
N ASP H 113 14.64 -2.00 31.77
CA ASP H 113 13.94 -2.44 32.98
C ASP H 113 12.83 -3.43 32.61
N VAL H 114 12.05 -3.07 31.59
CA VAL H 114 10.97 -3.92 31.11
C VAL H 114 11.47 -5.31 30.71
N SER H 115 12.49 -5.35 29.86
CA SER H 115 13.06 -6.61 29.43
C SER H 115 13.70 -7.37 30.61
N ALA H 116 14.34 -6.64 31.51
CA ALA H 116 14.99 -7.27 32.65
C ALA H 116 13.97 -8.00 33.54
N LEU H 117 12.83 -7.36 33.79
CA LEU H 117 11.83 -7.94 34.67
C LEU H 117 11.22 -9.21 34.05
N ILE H 118 10.90 -9.15 32.76
CA ILE H 118 10.41 -10.35 32.07
C ILE H 118 11.44 -11.48 32.15
N ARG H 119 12.71 -11.13 31.86
CA ARG H 119 13.79 -12.10 31.91
C ARG H 119 13.86 -12.76 33.29
N LEU H 120 13.82 -11.94 34.34
CA LEU H 120 13.98 -12.47 35.69
C LEU H 120 12.81 -13.38 36.07
N CYS H 121 11.61 -13.06 35.58
CA CYS H 121 10.47 -13.94 35.78
C CYS H 121 10.72 -15.31 35.17
N ASP H 122 11.36 -15.33 34.00
CA ASP H 122 11.57 -16.59 33.30
C ASP H 122 12.67 -17.40 33.98
N VAL H 123 13.64 -16.71 34.57
CA VAL H 123 14.68 -17.39 35.34
C VAL H 123 14.05 -18.23 36.44
N TYR H 124 13.02 -17.68 37.07
CA TYR H 124 12.41 -18.34 38.21
C TYR H 124 11.08 -19.02 37.87
N SER H 125 10.75 -19.12 36.58
CA SER H 125 9.52 -19.77 36.15
C SER H 125 8.28 -19.19 36.84
N ILE H 126 8.31 -17.89 37.08
CA ILE H 126 7.18 -17.20 37.67
C ILE H 126 6.11 -16.95 36.62
N PRO H 127 4.88 -17.41 36.85
CA PRO H 127 3.73 -17.14 35.97
C PRO H 127 3.63 -15.65 35.65
N LEU H 128 3.76 -15.35 34.36
CA LEU H 128 3.87 -13.97 33.89
C LEU H 128 2.96 -13.71 32.69
N ALA H 129 2.11 -12.71 32.83
CA ALA H 129 1.26 -12.26 31.74
C ALA H 129 1.80 -10.95 31.16
N THR H 130 2.19 -10.98 29.89
CA THR H 130 2.72 -9.77 29.25
C THR H 130 1.63 -9.08 28.44
N ASN H 131 0.44 -9.67 28.41
CA ASN H 131 -0.72 -9.02 27.79
C ASN H 131 -2.02 -9.54 28.39
N MET H 132 -3.15 -8.96 27.96
CA MET H 132 -4.47 -9.30 28.50
C MET H 132 -4.94 -10.72 28.17
N GLY H 133 -4.59 -11.23 26.99
CA GLY H 133 -4.93 -12.59 26.64
C GLY H 133 -4.38 -13.55 27.67
N THR H 134 -3.09 -13.40 27.98
CA THR H 134 -2.47 -14.25 29.00
C THR H 134 -3.09 -13.96 30.37
N ALA H 135 -3.34 -12.68 30.64
CA ALA H 135 -3.76 -12.24 31.98
C ALA H 135 -5.09 -12.85 32.39
N GLU H 136 -6.05 -12.82 31.47
CA GLU H 136 -7.37 -13.35 31.76
C GLU H 136 -7.32 -14.85 32.02
N ILE H 137 -6.41 -15.55 31.36
CA ILE H 137 -6.28 -16.97 31.63
C ILE H 137 -5.66 -17.21 33.01
N LEU H 138 -4.59 -16.49 33.32
CA LEU H 138 -3.89 -16.68 34.59
C LEU H 138 -4.77 -16.34 35.78
N VAL H 139 -5.56 -15.28 35.68
CA VAL H 139 -6.31 -14.83 36.84
C VAL H 139 -7.48 -15.78 37.13
N ARG H 140 -7.96 -16.47 36.11
CA ARG H 140 -9.10 -17.37 36.31
C ARG H 140 -8.69 -18.64 37.03
N THR H 141 -7.39 -18.83 37.21
CA THR H 141 -6.90 -20.02 37.89
C THR H 141 -6.69 -19.76 39.38
N LEU H 142 -7.04 -18.56 39.82
CA LEU H 142 -7.12 -18.26 41.24
C LEU H 142 -8.53 -18.60 41.73
N ASP H 143 -9.30 -19.21 40.84
CA ASP H 143 -10.65 -19.74 41.09
C ASP H 143 -11.71 -18.66 41.29
N SER I 22 13.64 -14.22 -13.97
CA SER I 22 13.74 -12.90 -14.55
C SER I 22 12.99 -11.87 -13.71
N VAL I 23 11.94 -12.32 -13.03
CA VAL I 23 11.17 -11.42 -12.20
C VAL I 23 11.53 -11.62 -10.74
N MET I 24 12.09 -10.58 -10.14
CA MET I 24 12.52 -10.64 -8.76
C MET I 24 11.42 -10.30 -7.79
N LYS I 25 11.52 -10.85 -6.59
CA LYS I 25 10.57 -10.52 -5.54
C LYS I 25 11.23 -9.49 -4.63
N ILE I 26 10.56 -8.35 -4.47
CA ILE I 26 11.11 -7.20 -3.79
C ILE I 26 10.20 -6.72 -2.68
N ALA I 27 10.73 -6.66 -1.46
CA ALA I 27 9.98 -6.07 -0.37
C ALA I 27 10.36 -4.60 -0.24
N LEU I 28 9.37 -3.77 0.03
CA LEU I 28 9.54 -2.34 0.16
C LEU I 28 8.94 -1.93 1.50
N ILE I 29 9.76 -1.31 2.35
CA ILE I 29 9.32 -0.91 3.69
C ILE I 29 9.77 0.50 3.99
N ALA I 30 8.88 1.30 4.54
CA ALA I 30 9.18 2.68 4.87
C ALA I 30 8.57 3.09 6.19
N HIS I 31 9.38 3.56 7.13
CA HIS I 31 8.82 4.18 8.32
C HIS I 31 8.15 5.49 7.91
N ASP I 32 7.33 6.03 8.81
CA ASP I 32 6.50 7.20 8.51
C ASP I 32 7.22 8.38 7.88
N LYS I 33 8.37 8.76 8.44
CA LYS I 33 9.09 9.91 7.90
C LYS I 33 9.77 9.58 6.58
N LYS I 34 9.82 8.31 6.20
CA LYS I 34 10.45 7.90 4.94
C LYS I 34 9.43 7.56 3.86
N LYS I 35 8.14 7.55 4.20
CA LYS I 35 7.12 7.07 3.26
C LYS I 35 7.07 7.91 2.00
N GLN I 36 7.14 9.23 2.15
CA GLN I 36 7.15 10.09 0.98
C GLN I 36 8.38 9.81 0.10
N ASP I 37 9.51 9.53 0.74
CA ASP I 37 10.71 9.13 0.01
C ASP I 37 10.50 7.83 -0.74
N MET I 38 9.79 6.89 -0.11
CA MET I 38 9.50 5.62 -0.76
C MET I 38 8.58 5.84 -1.97
N VAL I 39 7.61 6.73 -1.83
CA VAL I 39 6.66 6.99 -2.91
C VAL I 39 7.38 7.61 -4.11
N GLN I 40 8.24 8.59 -3.86
CA GLN I 40 9.05 9.23 -4.91
C GLN I 40 10.00 8.23 -5.57
N PHE I 41 10.54 7.34 -4.75
CA PHE I 41 11.41 6.27 -5.21
C PHE I 41 10.69 5.34 -6.19
N THR I 42 9.52 4.86 -5.79
CA THR I 42 8.76 3.95 -6.63
C THR I 42 8.25 4.66 -7.87
N THR I 43 7.97 5.96 -7.74
CA THR I 43 7.49 6.74 -8.88
C THR I 43 8.60 6.87 -9.92
N ALA I 44 9.80 7.24 -9.47
CA ALA I 44 10.91 7.47 -10.38
C ALA I 44 11.37 6.18 -11.05
N TYR I 45 11.32 5.06 -10.33
CA TYR I 45 11.79 3.80 -10.89
C TYR I 45 10.69 2.83 -11.30
N ARG I 46 9.49 3.36 -11.57
CA ARG I 46 8.36 2.50 -11.93
C ARG I 46 8.62 1.62 -13.14
N ASP I 47 9.34 2.13 -14.14
CA ASP I 47 9.56 1.34 -15.35
C ASP I 47 10.45 0.14 -15.09
N ILE I 48 11.20 0.20 -14.00
CA ILE I 48 11.96 -0.95 -13.55
C ILE I 48 11.09 -1.84 -12.67
N LEU I 49 10.43 -1.25 -11.68
CA LEU I 49 9.72 -2.02 -10.66
C LEU I 49 8.47 -2.73 -11.22
N LYS I 50 7.93 -2.22 -12.33
CA LYS I 50 6.73 -2.83 -12.92
C LYS I 50 7.05 -4.18 -13.52
N ASN I 51 8.34 -4.50 -13.65
CA ASN I 51 8.75 -5.79 -14.20
C ASN I 51 9.09 -6.80 -13.11
N HIS I 52 8.74 -6.47 -11.87
CA HIS I 52 9.02 -7.37 -10.76
C HIS I 52 7.82 -7.52 -9.82
N ASP I 53 7.92 -8.45 -8.90
CA ASP I 53 6.86 -8.73 -7.95
C ASP I 53 7.15 -8.05 -6.62
N LEU I 54 6.27 -7.13 -6.23
CA LEU I 54 6.51 -6.23 -5.11
C LEU I 54 5.71 -6.61 -3.87
N TYR I 55 6.34 -6.44 -2.71
CA TYR I 55 5.72 -6.70 -1.40
C TYR I 55 5.97 -5.49 -0.51
N ALA I 56 4.95 -5.07 0.24
CA ALA I 56 5.13 -3.91 1.11
C ALA I 56 4.34 -4.03 2.42
N THR I 57 4.80 -3.30 3.42
CA THR I 57 4.13 -3.27 4.72
C THR I 57 3.15 -2.11 4.80
N GLY I 58 2.06 -2.30 5.54
CA GLY I 58 1.23 -1.18 5.98
C GLY I 58 0.70 -0.25 4.91
N THR I 59 0.62 1.04 5.23
CA THR I 59 0.08 2.00 4.28
C THR I 59 1.13 2.31 3.19
N THR I 60 2.35 1.83 3.37
CA THR I 60 3.41 2.03 2.38
C THR I 60 2.97 1.43 1.05
N GLY I 61 2.44 0.22 1.10
CA GLY I 61 1.96 -0.44 -0.10
C GLY I 61 0.83 0.33 -0.75
N LEU I 62 -0.12 0.78 0.06
CA LEU I 62 -1.27 1.53 -0.44
C LEU I 62 -0.82 2.84 -1.10
N LYS I 63 0.15 3.49 -0.50
CA LYS I 63 0.63 4.77 -1.01
C LYS I 63 1.37 4.62 -2.33
N ILE I 64 2.20 3.58 -2.44
CA ILE I 64 2.90 3.28 -3.68
C ILE I 64 1.89 3.02 -4.80
N HIS I 65 0.94 2.12 -4.49
CA HIS I 65 -0.07 1.75 -5.45
C HIS I 65 -0.85 2.95 -5.94
N GLU I 66 -1.23 3.84 -5.02
CA GLU I 66 -2.06 4.98 -5.37
C GLU I 66 -1.30 6.00 -6.19
N ALA I 67 0.01 6.07 -6.00
CA ALA I 67 0.81 7.05 -6.72
C ALA I 67 1.30 6.52 -8.05
N THR I 68 1.43 5.21 -8.18
CA THR I 68 2.15 4.62 -9.33
C THR I 68 1.32 3.65 -10.16
N GLY I 69 0.32 3.03 -9.53
CA GLY I 69 -0.45 1.98 -10.17
C GLY I 69 0.19 0.62 -10.04
N LEU I 70 1.39 0.54 -9.45
CA LEU I 70 2.05 -0.75 -9.27
C LEU I 70 1.23 -1.71 -8.41
N GLN I 71 1.21 -2.99 -8.78
CA GLN I 71 0.58 -4.01 -7.95
C GLN I 71 1.49 -4.34 -6.78
N ILE I 72 0.93 -4.38 -5.57
CA ILE I 72 1.68 -4.63 -4.35
C ILE I 72 1.00 -5.68 -3.47
N GLU I 73 1.74 -6.70 -3.07
CA GLU I 73 1.26 -7.61 -2.02
C GLU I 73 1.41 -6.91 -0.67
N ARG I 74 0.30 -6.71 0.04
CA ARG I 74 0.32 -5.88 1.24
C ARG I 74 0.28 -6.70 2.53
N PHE I 75 1.19 -6.38 3.44
CA PHE I 75 1.23 -7.01 4.76
C PHE I 75 0.88 -5.98 5.82
N GLN I 76 0.82 -6.40 7.08
CA GLN I 76 0.56 -5.46 8.17
C GLN I 76 1.64 -4.37 8.22
N SER I 77 1.34 -3.25 8.89
CA SER I 77 2.37 -2.28 9.21
C SER I 77 3.43 -2.94 10.10
N GLY I 78 4.61 -2.36 10.14
CA GLY I 78 5.71 -2.87 10.95
C GLY I 78 5.36 -3.15 12.40
N PRO I 79 4.86 -2.12 13.12
CA PRO I 79 4.43 -2.31 14.52
C PRO I 79 3.37 -3.41 14.67
N LEU I 80 2.66 -3.69 13.59
CA LEU I 80 1.61 -4.69 13.63
C LEU I 80 2.07 -6.03 13.04
N GLY I 81 3.37 -6.17 12.80
CA GLY I 81 3.92 -7.46 12.40
C GLY I 81 4.45 -7.58 10.98
N GLY I 82 4.39 -6.47 10.23
CA GLY I 82 4.79 -6.49 8.84
C GLY I 82 6.24 -6.88 8.62
N ASP I 83 7.12 -6.44 9.51
CA ASP I 83 8.53 -6.77 9.43
C ASP I 83 8.74 -8.28 9.58
N GLN I 84 8.01 -8.89 10.50
CA GLN I 84 8.13 -10.33 10.72
C GLN I 84 7.49 -11.12 9.57
N GLN I 85 6.51 -10.53 8.91
CA GLN I 85 5.91 -11.15 7.73
C GLN I 85 6.89 -11.12 6.55
N ILE I 86 7.65 -10.03 6.43
CA ILE I 86 8.70 -9.95 5.41
C ILE I 86 9.82 -10.94 5.76
N GLY I 87 10.22 -10.96 7.03
CA GLY I 87 11.24 -11.86 7.51
C GLY I 87 10.89 -13.32 7.27
N ALA I 88 9.61 -13.66 7.43
CA ALA I 88 9.15 -15.01 7.17
C ALA I 88 9.29 -15.43 5.71
N LEU I 89 9.25 -14.46 4.81
CA LEU I 89 9.46 -14.73 3.39
C LEU I 89 10.94 -15.01 3.13
N ILE I 90 11.79 -14.34 3.91
CA ILE I 90 13.22 -14.55 3.80
C ILE I 90 13.59 -15.93 4.33
N ALA I 91 12.99 -16.31 5.45
CA ALA I 91 13.24 -17.61 6.06
C ALA I 91 12.82 -18.74 5.12
N ALA I 92 11.86 -18.47 4.24
CA ALA I 92 11.43 -19.47 3.28
C ALA I 92 12.05 -19.22 1.91
N ASN I 93 13.08 -18.36 1.86
CA ASN I 93 13.82 -18.05 0.63
C ASN I 93 12.92 -17.56 -0.50
N ALA I 94 12.07 -16.60 -0.19
CA ALA I 94 11.04 -16.18 -1.14
C ALA I 94 11.17 -14.70 -1.47
N LEU I 95 12.33 -14.12 -1.18
CA LEU I 95 12.62 -12.71 -1.49
C LEU I 95 14.01 -12.54 -2.07
N ASP I 96 14.16 -11.64 -3.04
CA ASP I 96 15.45 -11.42 -3.71
C ASP I 96 16.10 -10.12 -3.27
N LEU I 97 15.28 -9.20 -2.78
CA LEU I 97 15.73 -7.85 -2.53
C LEU I 97 14.81 -7.18 -1.52
N VAL I 98 15.40 -6.44 -0.59
CA VAL I 98 14.64 -5.69 0.38
C VAL I 98 15.10 -4.24 0.39
N ILE I 99 14.16 -3.32 0.15
CA ILE I 99 14.41 -1.90 0.34
C ILE I 99 13.73 -1.50 1.64
N PHE I 100 14.54 -1.20 2.65
CA PHE I 100 14.05 -0.96 4.00
C PHE I 100 14.39 0.46 4.44
N LEU I 101 13.55 1.43 4.10
CA LEU I 101 13.81 2.81 4.52
C LEU I 101 13.36 3.02 5.97
N ARG I 102 14.19 2.53 6.90
CA ARG I 102 13.97 2.77 8.32
C ARG I 102 14.25 4.23 8.67
N ASP I 103 13.76 4.67 9.81
CA ASP I 103 13.98 6.03 10.25
C ASP I 103 15.00 6.01 11.39
N PRO I 104 16.23 6.43 11.11
CA PRO I 104 17.31 6.35 12.09
C PRO I 104 17.29 7.51 13.08
N LEU I 105 16.29 8.39 12.96
CA LEU I 105 16.25 9.59 13.80
C LEU I 105 15.04 9.66 14.72
N THR I 106 14.21 8.62 14.70
CA THR I 106 13.05 8.56 15.57
C THR I 106 13.01 7.20 16.25
N ALA I 107 12.95 7.18 17.57
CA ALA I 107 12.78 5.94 18.31
C ALA I 107 11.53 5.22 17.84
N GLN I 108 11.68 3.94 17.51
CA GLN I 108 10.58 3.13 17.00
C GLN I 108 10.09 2.18 18.09
N PRO I 109 8.76 2.03 18.19
CA PRO I 109 8.20 1.09 19.17
C PRO I 109 8.51 -0.38 18.80
N HIS I 110 8.82 -0.63 17.54
CA HIS I 110 9.15 -1.98 17.10
C HIS I 110 10.61 -2.08 16.67
N GLU I 111 11.50 -1.47 17.45
CA GLU I 111 12.92 -1.53 17.17
C GLU I 111 13.43 -2.98 17.07
N PRO I 112 13.05 -3.87 18.00
CA PRO I 112 13.56 -5.24 17.80
C PRO I 112 13.13 -5.85 16.47
N ASP I 113 11.89 -5.62 16.05
CA ASP I 113 11.44 -6.12 14.74
C ASP I 113 12.33 -5.55 13.63
N VAL I 114 12.68 -4.28 13.79
CA VAL I 114 13.48 -3.58 12.77
C VAL I 114 14.87 -4.23 12.71
N SER I 115 15.48 -4.39 13.88
CA SER I 115 16.80 -5.02 13.98
C SER I 115 16.79 -6.48 13.53
N ALA I 116 15.69 -7.18 13.79
CA ALA I 116 15.56 -8.61 13.48
C ALA I 116 15.45 -8.88 11.97
N LEU I 117 14.75 -8.00 11.27
CA LEU I 117 14.62 -8.15 9.83
C LEU I 117 15.98 -7.93 9.15
N ILE I 118 16.68 -6.89 9.58
CA ILE I 118 17.98 -6.57 9.04
C ILE I 118 18.92 -7.74 9.32
N ARG I 119 18.86 -8.27 10.55
CA ARG I 119 19.67 -9.41 10.93
C ARG I 119 19.36 -10.63 10.06
N LEU I 120 18.08 -10.87 9.78
CA LEU I 120 17.69 -12.09 9.08
C LEU I 120 18.15 -12.02 7.61
N CYS I 121 18.02 -10.84 7.01
CA CYS I 121 18.54 -10.58 5.67
C CYS I 121 20.01 -10.97 5.59
N ASP I 122 20.76 -10.58 6.62
CA ASP I 122 22.19 -10.80 6.63
C ASP I 122 22.49 -12.28 6.81
N VAL I 123 21.65 -12.97 7.58
CA VAL I 123 21.76 -14.41 7.71
C VAL I 123 21.75 -15.07 6.32
N TYR I 124 20.82 -14.65 5.47
CA TYR I 124 20.68 -15.30 4.17
C TYR I 124 21.39 -14.56 3.03
N SER I 125 22.19 -13.55 3.37
CA SER I 125 22.85 -12.69 2.37
C SER I 125 21.87 -12.07 1.37
N ILE I 126 20.69 -11.71 1.84
CA ILE I 126 19.73 -11.05 0.94
C ILE I 126 20.12 -9.57 0.77
N PRO I 127 20.31 -9.16 -0.50
CA PRO I 127 20.57 -7.76 -0.83
C PRO I 127 19.58 -6.84 -0.13
N LEU I 128 20.12 -5.90 0.64
CA LEU I 128 19.33 -5.11 1.56
C LEU I 128 19.78 -3.66 1.54
N ALA I 129 18.85 -2.77 1.22
CA ALA I 129 19.09 -1.35 1.34
C ALA I 129 18.45 -0.85 2.63
N THR I 130 19.24 -0.25 3.51
CA THR I 130 18.71 0.30 4.75
C THR I 130 18.55 1.81 4.67
N ASN I 131 18.99 2.38 3.55
CA ASN I 131 18.81 3.79 3.27
C ASN I 131 18.74 4.01 1.77
N MET I 132 18.44 5.25 1.35
CA MET I 132 18.24 5.58 -0.06
C MET I 132 19.53 5.55 -0.88
N GLY I 133 20.67 5.85 -0.26
CA GLY I 133 21.95 5.74 -0.94
C GLY I 133 22.12 4.34 -1.50
N THR I 134 21.89 3.36 -0.63
CA THR I 134 22.01 1.96 -1.01
C THR I 134 20.91 1.57 -2.00
N ALA I 135 19.68 2.02 -1.72
CA ALA I 135 18.50 1.67 -2.50
C ALA I 135 18.62 2.00 -4.00
N GLU I 136 19.07 3.20 -4.33
CA GLU I 136 19.05 3.57 -5.74
C GLU I 136 20.21 2.93 -6.48
N ILE I 137 21.22 2.49 -5.76
CA ILE I 137 22.26 1.69 -6.40
C ILE I 137 21.71 0.31 -6.72
N LEU I 138 21.07 -0.32 -5.74
CA LEU I 138 20.47 -1.64 -5.92
C LEU I 138 19.43 -1.65 -7.06
N VAL I 139 18.56 -0.66 -7.09
CA VAL I 139 17.53 -0.61 -8.12
C VAL I 139 18.08 -0.38 -9.54
N ARG I 140 19.17 0.36 -9.65
CA ARG I 140 19.77 0.62 -10.95
C ARG I 140 20.27 -0.67 -11.58
N THR I 141 20.85 -1.54 -10.76
CA THR I 141 21.37 -2.84 -11.22
C THR I 141 20.28 -3.76 -11.75
N LEU I 142 19.10 -3.61 -11.18
CA LEU I 142 17.94 -4.39 -11.54
C LEU I 142 17.56 -4.12 -12.99
N ASP I 143 17.77 -2.89 -13.41
CA ASP I 143 17.45 -2.46 -14.76
C ASP I 143 18.25 -3.22 -15.79
N GLU I 144 19.52 -3.43 -15.47
CA GLU I 144 20.43 -4.15 -16.35
C GLU I 144 20.57 -5.59 -15.90
N SER J 21 50.20 21.26 29.16
CA SER J 21 50.86 20.05 29.63
C SER J 21 50.04 19.36 30.71
N SER J 22 49.47 20.15 31.60
CA SER J 22 48.66 19.61 32.68
C SER J 22 47.19 19.54 32.31
N VAL J 23 46.84 20.03 31.12
CA VAL J 23 45.46 20.04 30.68
C VAL J 23 44.88 18.68 30.32
N MET J 24 43.67 18.43 30.78
CA MET J 24 42.99 17.19 30.49
C MET J 24 42.08 17.41 29.31
N LYS J 25 41.82 16.33 28.60
CA LYS J 25 40.83 16.36 27.51
C LYS J 25 39.49 15.87 28.04
N ILE J 26 38.50 16.77 28.08
CA ILE J 26 37.19 16.49 28.66
C ILE J 26 36.05 16.63 27.65
N ALA J 27 35.23 15.59 27.53
CA ALA J 27 34.08 15.63 26.65
C ALA J 27 32.85 15.99 27.49
N LEU J 28 32.05 16.93 27.00
CA LEU J 28 30.82 17.31 27.69
C LEU J 28 29.62 17.05 26.80
N ILE J 29 28.76 16.16 27.25
CA ILE J 29 27.58 15.79 26.50
C ILE J 29 26.34 15.90 27.37
N ALA J 30 25.28 16.46 26.81
CA ALA J 30 24.01 16.51 27.50
C ALA J 30 22.86 16.29 26.52
N HIS J 31 21.95 15.40 26.89
CA HIS J 31 20.70 15.26 26.15
C HIS J 31 19.87 16.51 26.41
N ASP J 32 18.82 16.72 25.63
CA ASP J 32 18.09 18.00 25.64
C ASP J 32 17.54 18.41 27.00
N LYS J 33 16.94 17.46 27.71
CA LYS J 33 16.35 17.77 29.01
C LYS J 33 17.42 17.94 30.08
N LYS J 34 18.68 17.73 29.70
CA LYS J 34 19.82 17.83 30.62
C LYS J 34 20.70 19.01 30.27
N LYS J 35 20.35 19.77 29.23
CA LYS J 35 21.21 20.84 28.77
C LYS J 35 21.33 21.99 29.78
N GLN J 36 20.24 22.33 30.45
CA GLN J 36 20.31 23.37 31.47
C GLN J 36 21.19 22.91 32.63
N ASP J 37 21.08 21.63 32.99
CA ASP J 37 21.93 21.04 34.01
C ASP J 37 23.41 21.16 33.65
N MET J 38 23.73 20.94 32.39
CA MET J 38 25.11 21.03 31.96
C MET J 38 25.59 22.49 32.03
N VAL J 39 24.72 23.40 31.59
CA VAL J 39 25.02 24.81 31.65
C VAL J 39 25.32 25.25 33.10
N GLN J 40 24.50 24.81 34.04
CA GLN J 40 24.72 25.17 35.44
C GLN J 40 26.00 24.55 35.99
N PHE J 41 26.28 23.33 35.54
CA PHE J 41 27.48 22.59 35.90
C PHE J 41 28.74 23.36 35.47
N THR J 42 28.75 23.80 34.22
CA THR J 42 29.90 24.48 33.68
C THR J 42 29.99 25.91 34.23
N THR J 43 28.85 26.48 34.60
CA THR J 43 28.86 27.77 35.27
C THR J 43 29.49 27.62 36.65
N ALA J 44 29.04 26.60 37.38
CA ALA J 44 29.50 26.37 38.74
C ALA J 44 31.00 26.12 38.79
N TYR J 45 31.51 25.43 37.78
CA TYR J 45 32.90 24.95 37.79
C TYR J 45 33.73 25.55 36.66
N ARG J 46 33.33 26.73 36.22
CA ARG J 46 34.07 27.47 35.20
C ARG J 46 35.55 27.66 35.54
N ASP J 47 35.84 27.97 36.80
CA ASP J 47 37.22 28.25 37.20
C ASP J 47 38.10 27.01 37.12
N ILE J 48 37.47 25.84 37.14
CA ILE J 48 38.19 24.58 36.97
C ILE J 48 38.31 24.20 35.49
N LEU J 49 37.22 24.37 34.76
CA LEU J 49 37.16 23.93 33.37
C LEU J 49 38.04 24.77 32.45
N LYS J 50 38.29 26.02 32.83
CA LYS J 50 39.13 26.91 32.04
C LYS J 50 40.55 26.37 31.86
N ASN J 51 41.00 25.55 32.79
CA ASN J 51 42.35 24.99 32.74
C ASN J 51 42.48 23.81 31.78
N HIS J 52 41.39 23.43 31.12
CA HIS J 52 41.42 22.20 30.33
C HIS J 52 40.84 22.38 28.94
N ASP J 53 41.08 21.38 28.08
CA ASP J 53 40.55 21.38 26.72
C ASP J 53 39.20 20.69 26.71
N LEU J 54 38.17 21.43 26.32
CA LEU J 54 36.80 20.93 26.36
C LEU J 54 36.25 20.57 24.98
N TYR J 55 35.58 19.43 24.92
CA TYR J 55 34.92 18.97 23.71
C TYR J 55 33.44 18.81 24.03
N ALA J 56 32.58 19.21 23.11
CA ALA J 56 31.16 19.08 23.33
C ALA J 56 30.42 18.79 22.05
N THR J 57 29.34 18.03 22.16
CA THR J 57 28.54 17.67 21.01
C THR J 57 27.31 18.58 20.90
N GLY J 58 26.83 18.78 19.67
CA GLY J 58 25.62 19.53 19.44
C GLY J 58 25.61 20.95 19.98
N THR J 59 24.41 21.47 20.22
CA THR J 59 24.22 22.84 20.70
C THR J 59 24.73 23.05 22.11
N THR J 60 25.07 21.95 22.78
CA THR J 60 25.59 21.99 24.15
C THR J 60 26.85 22.86 24.23
N GLY J 61 27.72 22.70 23.24
CA GLY J 61 28.92 23.51 23.16
C GLY J 61 28.58 24.98 23.09
N LEU J 62 27.58 25.32 22.28
CA LEU J 62 27.17 26.72 22.19
C LEU J 62 26.67 27.24 23.52
N LYS J 63 25.82 26.46 24.19
CA LYS J 63 25.19 26.90 25.43
C LYS J 63 26.19 27.03 26.58
N ILE J 64 27.16 26.12 26.63
CA ILE J 64 28.25 26.20 27.60
C ILE J 64 29.08 27.46 27.36
N HIS J 65 29.46 27.70 26.12
CA HIS J 65 30.28 28.86 25.76
C HIS J 65 29.57 30.16 26.09
N GLU J 66 28.27 30.23 25.80
CA GLU J 66 27.50 31.42 26.10
C GLU J 66 27.48 31.70 27.60
N ALA J 67 27.38 30.63 28.38
CA ALA J 67 27.27 30.78 29.82
C ALA J 67 28.61 31.12 30.48
N THR J 68 29.71 30.65 29.90
CA THR J 68 30.99 30.64 30.59
C THR J 68 32.14 31.36 29.87
N GLY J 69 32.07 31.46 28.56
CA GLY J 69 33.17 32.05 27.79
C GLY J 69 34.24 31.03 27.41
N LEU J 70 34.13 29.82 27.95
CA LEU J 70 35.07 28.75 27.65
C LEU J 70 35.13 28.39 26.17
N GLN J 71 36.34 28.13 25.67
CA GLN J 71 36.51 27.61 24.32
C GLN J 71 36.13 26.13 24.28
N ILE J 72 35.31 25.77 23.31
CA ILE J 72 34.82 24.41 23.16
C ILE J 72 35.13 23.84 21.79
N GLU J 73 35.79 22.69 21.73
CA GLU J 73 35.91 21.97 20.48
C GLU J 73 34.57 21.29 20.19
N ARG J 74 33.94 21.62 19.06
CA ARG J 74 32.55 21.23 18.85
C ARG J 74 32.33 20.14 17.80
N PHE J 75 31.38 19.25 18.10
CA PHE J 75 31.07 18.13 17.24
C PHE J 75 29.57 18.10 16.97
N GLN J 76 29.13 17.20 16.10
CA GLN J 76 27.71 16.99 15.82
C GLN J 76 26.93 16.62 17.08
N SER J 77 25.62 16.83 17.04
CA SER J 77 24.76 16.26 18.06
C SER J 77 24.86 14.73 18.04
N GLY J 78 24.51 14.08 19.14
CA GLY J 78 24.49 12.63 19.21
C GLY J 78 23.78 11.94 18.05
N PRO J 79 22.50 12.31 17.80
CA PRO J 79 21.76 11.70 16.68
C PRO J 79 22.46 11.87 15.33
N LEU J 80 23.24 12.94 15.17
CA LEU J 80 23.90 13.20 13.89
C LEU J 80 25.33 12.70 13.90
N GLY J 81 25.72 11.98 14.95
CA GLY J 81 27.00 11.31 14.96
C GLY J 81 27.95 11.75 16.05
N GLY J 82 27.51 12.67 16.91
CA GLY J 82 28.35 13.20 17.96
C GLY J 82 28.94 12.19 18.93
N ASP J 83 28.16 11.19 19.32
CA ASP J 83 28.66 10.22 20.30
C ASP J 83 29.76 9.34 19.69
N GLN J 84 29.64 9.02 18.41
CA GLN J 84 30.67 8.20 17.78
C GLN J 84 31.93 9.04 17.52
N GLN J 85 31.74 10.34 17.31
CA GLN J 85 32.87 11.24 17.21
C GLN J 85 33.66 11.27 18.54
N ILE J 86 32.94 11.28 19.66
CA ILE J 86 33.57 11.24 20.97
C ILE J 86 34.24 9.88 21.21
N GLY J 87 33.54 8.81 20.85
CA GLY J 87 34.08 7.46 20.94
C GLY J 87 35.38 7.29 20.18
N ALA J 88 35.42 7.83 18.98
CA ALA J 88 36.63 7.80 18.16
C ALA J 88 37.80 8.46 18.88
N LEU J 89 37.52 9.49 19.68
CA LEU J 89 38.58 10.11 20.45
C LEU J 89 39.05 9.14 21.53
N ILE J 90 38.13 8.38 22.10
CA ILE J 90 38.53 7.42 23.12
C ILE J 90 39.33 6.26 22.50
N ALA J 91 38.93 5.85 21.30
CA ALA J 91 39.63 4.77 20.61
C ALA J 91 41.06 5.18 20.28
N ALA J 92 41.29 6.50 20.20
CA ALA J 92 42.60 7.04 19.87
C ALA J 92 43.34 7.53 21.11
N ASN J 93 42.81 7.20 22.28
CA ASN J 93 43.37 7.64 23.56
C ASN J 93 43.53 9.15 23.66
N ALA J 94 42.54 9.89 23.19
CA ALA J 94 42.65 11.35 23.13
C ALA J 94 41.68 12.02 24.09
N LEU J 95 41.20 11.28 25.08
CA LEU J 95 40.26 11.80 26.06
C LEU J 95 40.58 11.28 27.44
N ASP J 96 40.51 12.14 28.44
CA ASP J 96 40.81 11.76 29.81
C ASP J 96 39.56 11.63 30.66
N LEU J 97 38.50 12.32 30.25
CA LEU J 97 37.30 12.41 31.07
C LEU J 97 36.08 12.70 30.21
N VAL J 98 34.99 12.00 30.51
CA VAL J 98 33.73 12.21 29.82
C VAL J 98 32.62 12.52 30.82
N ILE J 99 31.98 13.67 30.68
CA ILE J 99 30.76 13.97 31.42
C ILE J 99 29.56 13.80 30.50
N PHE J 100 28.77 12.75 30.75
CA PHE J 100 27.74 12.34 29.82
C PHE J 100 26.37 12.41 30.48
N LEU J 101 25.75 13.58 30.44
CA LEU J 101 24.44 13.77 31.04
C LEU J 101 23.35 13.29 30.09
N ARG J 102 23.21 11.98 29.99
CA ARG J 102 22.14 11.42 29.17
C ARG J 102 20.80 11.57 29.90
N ASP J 103 19.72 11.47 29.16
CA ASP J 103 18.39 11.56 29.75
C ASP J 103 17.80 10.17 29.90
N PRO J 104 17.74 9.66 31.14
CA PRO J 104 17.29 8.30 31.42
C PRO J 104 15.76 8.18 31.46
N LEU J 105 15.06 9.27 31.17
CA LEU J 105 13.60 9.28 31.23
C LEU J 105 12.94 9.55 29.88
N THR J 106 13.74 9.66 28.83
CA THR J 106 13.22 9.87 27.48
C THR J 106 13.89 8.90 26.52
N ALA J 107 13.09 8.17 25.73
CA ALA J 107 13.64 7.25 24.74
C ALA J 107 14.44 8.02 23.69
N GLN J 108 15.67 7.61 23.45
CA GLN J 108 16.53 8.31 22.49
C GLN J 108 16.53 7.58 21.14
N PRO J 109 16.53 8.36 20.05
CA PRO J 109 16.58 7.73 18.72
C PRO J 109 17.96 7.13 18.48
N HIS J 110 18.96 7.58 19.22
CA HIS J 110 20.32 7.06 19.08
C HIS J 110 20.77 6.28 20.33
N GLU J 111 19.83 5.53 20.90
CA GLU J 111 20.10 4.65 22.03
C GLU J 111 21.33 3.76 21.82
N PRO J 112 21.47 3.12 20.64
CA PRO J 112 22.73 2.35 20.49
C PRO J 112 24.01 3.21 20.56
N ASP J 113 24.00 4.43 20.01
CA ASP J 113 25.19 5.28 20.09
C ASP J 113 25.49 5.57 21.57
N VAL J 114 24.45 5.86 22.33
CA VAL J 114 24.55 6.15 23.76
C VAL J 114 25.19 4.99 24.53
N SER J 115 24.64 3.79 24.33
CA SER J 115 25.18 2.61 24.99
C SER J 115 26.58 2.29 24.52
N ALA J 116 26.86 2.53 23.24
CA ALA J 116 28.17 2.19 22.67
C ALA J 116 29.25 3.07 23.27
N LEU J 117 28.96 4.37 23.40
CA LEU J 117 29.92 5.30 23.96
C LEU J 117 30.23 4.97 25.42
N ILE J 118 29.20 4.65 26.20
CA ILE J 118 29.40 4.27 27.60
C ILE J 118 30.23 2.99 27.69
N ARG J 119 29.89 2.03 26.84
CA ARG J 119 30.63 0.78 26.76
C ARG J 119 32.11 1.01 26.46
N LEU J 120 32.36 1.88 25.48
CA LEU J 120 33.73 2.12 25.05
C LEU J 120 34.56 2.84 26.11
N CYS J 121 33.93 3.74 26.87
CA CYS J 121 34.61 4.36 28.01
C CYS J 121 35.06 3.28 28.97
N ASP J 122 34.19 2.29 29.16
CA ASP J 122 34.48 1.21 30.08
C ASP J 122 35.55 0.26 29.54
N VAL J 123 35.66 0.14 28.22
CA VAL J 123 36.73 -0.64 27.63
C VAL J 123 38.08 -0.06 28.01
N TYR J 124 38.17 1.27 27.96
CA TYR J 124 39.44 1.95 28.16
C TYR J 124 39.59 2.52 29.58
N SER J 125 38.67 2.17 30.46
CA SER J 125 38.66 2.66 31.84
C SER J 125 38.72 4.19 31.90
N ILE J 126 38.03 4.85 30.98
CA ILE J 126 37.94 6.30 30.99
C ILE J 126 36.94 6.78 32.02
N PRO J 127 37.38 7.60 32.98
CA PRO J 127 36.50 8.19 33.99
C PRO J 127 35.25 8.81 33.35
N LEU J 128 34.10 8.30 33.75
CA LEU J 128 32.85 8.62 33.09
C LEU J 128 31.76 8.95 34.08
N ALA J 129 31.20 10.15 33.93
CA ALA J 129 30.01 10.53 34.68
C ALA J 129 28.81 10.37 33.77
N THR J 130 27.88 9.51 34.17
CA THR J 130 26.66 9.34 33.40
C THR J 130 25.52 10.13 34.04
N ASN J 131 25.81 10.82 35.14
CA ASN J 131 24.82 11.68 35.79
C ASN J 131 25.48 12.78 36.63
N MET J 132 24.68 13.73 37.09
CA MET J 132 25.22 14.88 37.80
C MET J 132 25.89 14.49 39.12
N GLY J 133 25.39 13.44 39.76
CA GLY J 133 25.98 12.95 41.00
C GLY J 133 27.44 12.57 40.84
N THR J 134 27.72 11.87 39.75
CA THR J 134 29.08 11.43 39.46
C THR J 134 29.95 12.60 38.98
N ALA J 135 29.36 13.43 38.11
CA ALA J 135 30.07 14.58 37.52
C ALA J 135 30.66 15.54 38.54
N GLU J 136 29.90 15.95 39.55
CA GLU J 136 30.42 16.97 40.44
C GLU J 136 31.52 16.41 41.33
N ILE J 137 31.49 15.11 41.59
CA ILE J 137 32.59 14.47 42.33
C ILE J 137 33.85 14.40 41.46
N LEU J 138 33.69 14.01 40.20
CA LEU J 138 34.82 13.90 39.28
C LEU J 138 35.54 15.22 39.05
N VAL J 139 34.80 16.30 38.83
CA VAL J 139 35.47 17.55 38.47
C VAL J 139 36.03 18.26 39.68
N ARG J 140 35.55 17.91 40.87
CA ARG J 140 36.11 18.52 42.08
C ARG J 140 37.53 18.00 42.29
N THR J 141 37.84 16.84 41.70
CA THR J 141 39.18 16.27 41.85
C THR J 141 40.13 16.78 40.76
N LEU J 142 39.67 17.75 39.96
CA LEU J 142 40.51 18.32 38.91
C LEU J 142 41.34 19.53 39.37
N ASP J 143 41.19 19.93 40.64
CA ASP J 143 42.05 20.97 41.21
C ASP J 143 42.62 20.56 42.57
N SER K 22 -12.41 -25.42 17.44
CA SER K 22 -12.08 -26.45 18.42
C SER K 22 -10.59 -26.75 18.46
N VAL K 23 -9.94 -26.73 17.31
CA VAL K 23 -8.52 -27.01 17.25
C VAL K 23 -7.73 -25.73 17.28
N MET K 24 -7.03 -25.49 18.37
CA MET K 24 -6.21 -24.30 18.51
C MET K 24 -4.92 -24.40 17.72
N LYS K 25 -4.36 -23.25 17.37
CA LYS K 25 -3.09 -23.21 16.68
C LYS K 25 -2.10 -22.80 17.74
N ILE K 26 -1.10 -23.64 17.96
CA ILE K 26 -0.13 -23.44 19.03
C ILE K 26 1.31 -23.48 18.53
N ALA K 27 2.09 -22.46 18.88
CA ALA K 27 3.51 -22.47 18.54
C ALA K 27 4.31 -22.90 19.78
N LEU K 28 5.34 -23.70 19.52
CA LEU K 28 6.19 -24.25 20.58
C LEU K 28 7.63 -23.96 20.25
N ILE K 29 8.29 -23.19 21.11
CA ILE K 29 9.65 -22.75 20.86
C ILE K 29 10.47 -23.01 22.09
N ALA K 30 11.71 -23.43 21.91
CA ALA K 30 12.58 -23.64 23.04
C ALA K 30 14.03 -23.44 22.65
N HIS K 31 14.71 -22.52 23.34
CA HIS K 31 16.15 -22.41 23.20
C HIS K 31 16.80 -23.71 23.67
N ASP K 32 18.05 -23.89 23.29
CA ASP K 32 18.76 -25.17 23.51
C ASP K 32 18.68 -25.69 24.95
N LYS K 33 18.94 -24.83 25.93
CA LYS K 33 18.93 -25.25 27.33
C LYS K 33 17.52 -25.65 27.79
N LYS K 34 16.51 -25.27 27.00
CA LYS K 34 15.12 -25.51 27.36
C LYS K 34 14.50 -26.64 26.54
N LYS K 35 15.25 -27.16 25.56
CA LYS K 35 14.67 -28.14 24.64
C LYS K 35 14.23 -29.40 25.36
N GLN K 36 15.00 -29.81 26.36
CA GLN K 36 14.62 -31.00 27.12
C GLN K 36 13.36 -30.77 27.95
N ASP K 37 13.22 -29.57 28.53
CA ASP K 37 12.00 -29.20 29.24
C ASP K 37 10.79 -29.24 28.33
N MET K 38 10.97 -28.78 27.08
CA MET K 38 9.86 -28.75 26.12
C MET K 38 9.43 -30.17 25.77
N VAL K 39 10.41 -31.05 25.61
CA VAL K 39 10.13 -32.44 25.29
C VAL K 39 9.32 -33.12 26.40
N GLN K 40 9.71 -32.96 27.66
CA GLN K 40 8.91 -33.58 28.72
C GLN K 40 7.58 -32.85 28.89
N PHE K 41 7.53 -31.59 28.48
CA PHE K 41 6.30 -30.83 28.50
C PHE K 41 5.31 -31.44 27.52
N THR K 42 5.76 -31.62 26.29
CA THR K 42 4.88 -32.17 25.28
C THR K 42 4.61 -33.64 25.53
N THR K 43 5.52 -34.34 26.22
CA THR K 43 5.29 -35.73 26.59
C THR K 43 4.19 -35.85 27.65
N ALA K 44 4.24 -34.99 28.66
CA ALA K 44 3.23 -35.04 29.74
C ALA K 44 1.84 -34.66 29.23
N TYR K 45 1.77 -33.62 28.40
CA TYR K 45 0.48 -33.14 27.90
C TYR K 45 0.20 -33.60 26.46
N ARG K 46 0.75 -34.75 26.09
CA ARG K 46 0.57 -35.29 24.74
C ARG K 46 -0.88 -35.47 24.37
N ASP K 47 -1.67 -35.97 25.31
CA ASP K 47 -3.05 -36.33 25.01
C ASP K 47 -3.94 -35.08 24.96
N ILE K 48 -3.39 -33.95 25.39
CA ILE K 48 -4.02 -32.65 25.15
C ILE K 48 -3.56 -32.07 23.80
N LEU K 49 -2.26 -32.07 23.57
CA LEU K 49 -1.69 -31.42 22.39
C LEU K 49 -2.08 -32.10 21.08
N LYS K 50 -2.36 -33.40 21.14
CA LYS K 50 -2.73 -34.12 19.93
C LYS K 50 -4.05 -33.63 19.34
N ASN K 51 -4.81 -32.86 20.11
CA ASN K 51 -6.10 -32.35 19.63
C ASN K 51 -5.98 -30.96 19.02
N HIS K 52 -4.75 -30.50 18.85
CA HIS K 52 -4.53 -29.15 18.34
C HIS K 52 -3.45 -29.15 17.27
N ASP K 53 -3.35 -28.04 16.56
CA ASP K 53 -2.42 -27.90 15.46
C ASP K 53 -1.15 -27.21 15.95
N LEU K 54 -0.01 -27.84 15.74
CA LEU K 54 1.24 -27.41 16.36
C LEU K 54 2.28 -26.87 15.37
N TYR K 55 3.00 -25.84 15.80
CA TYR K 55 4.10 -25.25 15.04
C TYR K 55 5.29 -25.20 15.95
N ALA K 56 6.47 -25.49 15.41
CA ALA K 56 7.68 -25.37 16.20
C ALA K 56 8.82 -24.89 15.33
N THR K 57 9.81 -24.31 15.98
CA THR K 57 11.00 -23.87 15.29
C THR K 57 12.08 -24.93 15.33
N GLY K 58 12.95 -24.94 14.34
CA GLY K 58 14.16 -25.73 14.33
C GLY K 58 14.06 -27.20 14.74
N THR K 59 15.01 -27.64 15.56
CA THR K 59 15.07 -29.02 16.00
C THR K 59 14.05 -29.30 17.13
N THR K 60 13.48 -28.25 17.69
CA THR K 60 12.43 -28.39 18.70
C THR K 60 11.28 -29.25 18.16
N GLY K 61 10.86 -28.99 16.93
CA GLY K 61 9.79 -29.73 16.31
C GLY K 61 10.11 -31.19 16.16
N LEU K 62 11.32 -31.47 15.66
CA LEU K 62 11.74 -32.83 15.42
C LEU K 62 11.90 -33.58 16.74
N LYS K 63 12.43 -32.89 17.75
CA LYS K 63 12.60 -33.51 19.06
C LYS K 63 11.24 -33.85 19.67
N ILE K 64 10.28 -32.93 19.56
CA ILE K 64 8.92 -33.21 20.02
C ILE K 64 8.32 -34.39 19.25
N HIS K 65 8.36 -34.34 17.92
CA HIS K 65 7.77 -35.42 17.14
C HIS K 65 8.42 -36.79 17.38
N GLU K 66 9.74 -36.81 17.57
CA GLU K 66 10.41 -38.08 17.80
C GLU K 66 10.02 -38.63 19.16
N ALA K 67 9.77 -37.75 20.12
CA ALA K 67 9.49 -38.20 21.48
C ALA K 67 8.03 -38.60 21.66
N THR K 68 7.12 -37.97 20.92
CA THR K 68 5.68 -38.07 21.21
C THR K 68 4.81 -38.62 20.08
N GLY K 69 5.31 -38.57 18.86
CA GLY K 69 4.50 -38.88 17.69
C GLY K 69 3.57 -37.74 17.25
N LEU K 70 3.64 -36.60 17.94
CA LEU K 70 2.80 -35.46 17.58
C LEU K 70 3.19 -34.89 16.23
N GLN K 71 2.20 -34.59 15.39
CA GLN K 71 2.52 -33.94 14.13
C GLN K 71 2.80 -32.49 14.38
N ILE K 72 3.81 -31.97 13.69
CA ILE K 72 4.20 -30.60 13.99
C ILE K 72 4.73 -29.93 12.74
N GLU K 73 4.21 -28.74 12.48
CA GLU K 73 4.67 -27.93 11.37
C GLU K 73 5.99 -27.29 11.77
N ARG K 74 7.05 -27.64 11.05
CA ARG K 74 8.39 -27.21 11.42
C ARG K 74 8.82 -25.98 10.64
N PHE K 75 9.39 -25.01 11.34
CA PHE K 75 9.95 -23.83 10.73
C PHE K 75 11.46 -23.84 10.93
N GLN K 76 12.14 -22.82 10.40
CA GLN K 76 13.56 -22.63 10.66
C GLN K 76 13.80 -22.50 12.16
N SER K 77 15.04 -22.72 12.57
CA SER K 77 15.45 -22.36 13.92
C SER K 77 15.29 -20.84 14.13
N GLY K 78 15.16 -20.43 15.40
CA GLY K 78 15.10 -19.02 15.75
C GLY K 78 16.14 -18.13 15.07
N PRO K 79 17.43 -18.44 15.21
CA PRO K 79 18.48 -17.68 14.52
C PRO K 79 18.30 -17.66 13.00
N LEU K 80 17.70 -18.70 12.43
CA LEU K 80 17.52 -18.75 10.98
C LEU K 80 16.12 -18.30 10.53
N GLY K 81 15.38 -17.66 11.43
CA GLY K 81 14.17 -16.99 11.03
C GLY K 81 12.88 -17.53 11.60
N GLY K 82 13.00 -18.62 12.36
CA GLY K 82 11.83 -19.27 12.94
C GLY K 82 10.92 -18.40 13.81
N ASP K 83 11.50 -17.47 14.56
CA ASP K 83 10.69 -16.58 15.40
C ASP K 83 9.80 -15.68 14.53
N GLN K 84 10.37 -15.19 13.43
CA GLN K 84 9.64 -14.32 12.53
C GLN K 84 8.59 -15.10 11.75
N GLN K 85 8.86 -16.38 11.52
CA GLN K 85 7.89 -17.25 10.87
C GLN K 85 6.66 -17.42 11.74
N ILE K 86 6.88 -17.57 13.05
CA ILE K 86 5.79 -17.61 14.02
C ILE K 86 5.07 -16.26 14.11
N GLY K 87 5.85 -15.17 14.19
CA GLY K 87 5.30 -13.83 14.19
C GLY K 87 4.38 -13.57 13.01
N ALA K 88 4.77 -14.05 11.83
CA ALA K 88 3.98 -13.87 10.62
C ALA K 88 2.61 -14.52 10.76
N LEU K 89 2.56 -15.62 11.52
CA LEU K 89 1.29 -16.29 11.79
C LEU K 89 0.40 -15.42 12.68
N ILE K 90 1.00 -14.85 13.71
CA ILE K 90 0.29 -13.89 14.56
C ILE K 90 -0.22 -12.70 13.73
N ALA K 91 0.66 -12.16 12.89
CA ALA K 91 0.30 -11.00 12.09
C ALA K 91 -0.88 -11.30 11.16
N ALA K 92 -1.07 -12.58 10.83
CA ALA K 92 -2.16 -12.95 9.94
C ALA K 92 -3.33 -13.58 10.71
N ASN K 93 -3.36 -13.38 12.02
N ASN K 93 -3.36 -13.28 12.02
CA ASN K 93 -4.39 -13.98 12.88
CA ASN K 93 -4.39 -13.88 12.88
C ASN K 93 -4.53 -15.48 12.66
C ASN K 93 -4.54 -15.37 12.66
N ALA K 94 -3.41 -16.17 12.73
CA ALA K 94 -3.41 -17.61 12.50
C ALA K 94 -2.69 -18.35 13.63
N LEU K 95 -2.72 -17.78 14.84
CA LEU K 95 -2.09 -18.40 16.01
C LEU K 95 -2.88 -18.09 17.26
N ASP K 96 -3.16 -19.10 18.08
CA ASP K 96 -3.96 -18.89 19.28
C ASP K 96 -3.13 -18.84 20.56
N LEU K 97 -1.96 -19.47 20.54
CA LEU K 97 -1.20 -19.67 21.76
C LEU K 97 0.27 -19.91 21.44
N VAL K 98 1.13 -19.31 22.25
CA VAL K 98 2.57 -19.46 22.06
C VAL K 98 3.25 -19.88 23.36
N ILE K 99 3.91 -21.02 23.32
CA ILE K 99 4.77 -21.46 24.42
C ILE K 99 6.22 -21.21 24.01
N PHE K 100 6.82 -20.17 24.57
CA PHE K 100 8.16 -19.71 24.21
C PHE K 100 9.14 -19.90 25.37
N LEU K 101 9.74 -21.09 25.44
CA LEU K 101 10.72 -21.37 26.50
C LEU K 101 12.09 -20.82 26.12
N ARG K 102 12.23 -19.50 26.21
CA ARG K 102 13.50 -18.85 25.95
C ARG K 102 14.44 -19.15 27.08
N ASP K 103 15.74 -18.95 26.84
CA ASP K 103 16.76 -19.17 27.83
C ASP K 103 17.20 -17.83 28.38
N PRO K 104 16.72 -17.45 29.58
CA PRO K 104 17.01 -16.17 30.20
C PRO K 104 18.44 -16.07 30.76
N LEU K 105 19.19 -17.16 30.70
CA LEU K 105 20.56 -17.17 31.24
C LEU K 105 21.63 -17.25 30.17
N THR K 106 21.22 -17.21 28.89
CA THR K 106 22.18 -17.28 27.79
C THR K 106 21.97 -16.11 26.82
N ALA K 107 23.03 -15.37 26.51
CA ALA K 107 22.94 -14.31 25.51
C ALA K 107 22.64 -14.94 24.15
N GLN K 108 21.57 -14.46 23.50
CA GLN K 108 21.10 -15.02 22.22
C GLN K 108 21.59 -14.19 21.04
N PRO K 109 21.98 -14.85 19.95
CA PRO K 109 22.43 -14.13 18.76
C PRO K 109 21.27 -13.41 18.08
N HIS K 110 20.06 -13.92 18.29
CA HIS K 110 18.85 -13.33 17.70
C HIS K 110 17.94 -12.70 18.77
N GLU K 111 18.55 -12.02 19.74
CA GLU K 111 17.80 -11.34 20.77
C GLU K 111 16.68 -10.44 20.20
N PRO K 112 16.95 -9.67 19.13
CA PRO K 112 15.83 -8.85 18.63
C PRO K 112 14.65 -9.69 18.14
N ASP K 113 14.91 -10.81 17.47
CA ASP K 113 13.83 -11.70 17.05
C ASP K 113 13.03 -12.21 18.25
N VAL K 114 13.74 -12.63 19.29
CA VAL K 114 13.08 -13.07 20.51
C VAL K 114 12.19 -11.95 21.10
N SER K 115 12.75 -10.74 21.21
CA SER K 115 12.00 -9.60 21.73
C SER K 115 10.84 -9.21 20.82
N ALA K 116 11.09 -9.28 19.51
CA ALA K 116 10.10 -8.89 18.52
C ALA K 116 8.87 -9.79 18.60
N LEU K 117 9.12 -11.09 18.79
CA LEU K 117 8.05 -12.07 18.84
C LEU K 117 7.18 -11.86 20.07
N ILE K 118 7.83 -11.67 21.21
CA ILE K 118 7.12 -11.39 22.45
C ILE K 118 6.29 -10.11 22.31
N ARG K 119 6.90 -9.08 21.73
CA ARG K 119 6.23 -7.82 21.50
C ARG K 119 4.98 -7.99 20.65
N LEU K 120 5.07 -8.82 19.61
CA LEU K 120 3.95 -8.95 18.68
C LEU K 120 2.81 -9.77 19.31
N CYS K 121 3.16 -10.74 20.16
CA CYS K 121 2.12 -11.44 20.91
C CYS K 121 1.33 -10.44 21.73
N ASP K 122 2.03 -9.47 22.31
CA ASP K 122 1.37 -8.52 23.19
C ASP K 122 0.53 -7.54 22.38
N VAL K 123 0.97 -7.22 21.17
CA VAL K 123 0.18 -6.37 20.28
C VAL K 123 -1.19 -7.02 20.04
N TYR K 124 -1.19 -8.33 19.83
CA TYR K 124 -2.42 -9.04 19.49
C TYR K 124 -3.07 -9.76 20.67
N SER K 125 -2.51 -9.57 21.87
CA SER K 125 -3.03 -10.21 23.07
C SER K 125 -3.07 -11.72 22.91
N ILE K 126 -2.09 -12.27 22.20
CA ILE K 126 -1.96 -13.71 22.11
C ILE K 126 -1.44 -14.27 23.42
N PRO K 127 -2.17 -15.21 24.02
CA PRO K 127 -1.68 -15.94 25.21
C PRO K 127 -0.28 -16.45 24.98
N LEU K 128 0.61 -16.08 25.89
CA LEU K 128 2.03 -16.30 25.69
C LEU K 128 2.67 -16.74 26.99
N ALA K 129 3.28 -17.92 26.94
CA ALA K 129 4.10 -18.42 28.02
C ALA K 129 5.55 -18.17 27.67
N THR K 130 6.25 -17.43 28.52
CA THR K 130 7.67 -17.16 28.31
C THR K 130 8.52 -18.04 29.24
N ASN K 131 7.85 -18.85 30.05
CA ASN K 131 8.53 -19.82 30.92
C ASN K 131 7.59 -20.95 31.30
N MET K 132 8.14 -21.99 31.92
CA MET K 132 7.39 -23.20 32.26
C MET K 132 6.27 -22.94 33.28
N GLY K 133 6.48 -21.98 34.18
CA GLY K 133 5.47 -21.65 35.18
C GLY K 133 4.18 -21.19 34.50
N THR K 134 4.33 -20.34 33.50
CA THR K 134 3.21 -19.86 32.72
C THR K 134 2.64 -20.96 31.82
N ALA K 135 3.55 -21.74 31.22
CA ALA K 135 3.16 -22.75 30.24
C ALA K 135 2.24 -23.80 30.83
N GLU K 136 2.50 -24.20 32.07
CA GLU K 136 1.73 -25.27 32.67
C GLU K 136 0.31 -24.85 32.95
N ILE K 137 0.15 -23.58 33.33
CA ILE K 137 -1.18 -23.06 33.59
C ILE K 137 -1.96 -22.95 32.28
N LEU K 138 -1.31 -22.43 31.24
CA LEU K 138 -1.96 -22.23 29.96
C LEU K 138 -2.41 -23.53 29.29
N VAL K 139 -1.62 -24.61 29.37
CA VAL K 139 -2.06 -25.86 28.73
C VAL K 139 -3.20 -26.52 29.49
N ARG K 140 -3.26 -26.29 30.80
CA ARG K 140 -4.30 -26.90 31.61
C ARG K 140 -5.69 -26.33 31.27
N THR K 141 -5.71 -25.16 30.62
CA THR K 141 -6.97 -24.54 30.25
C THR K 141 -7.42 -24.96 28.86
N LEU K 142 -6.71 -25.91 28.25
CA LEU K 142 -7.08 -26.39 26.92
C LEU K 142 -8.06 -27.57 26.97
N ASP K 143 -8.66 -27.78 28.14
CA ASP K 143 -9.76 -28.75 28.29
C ASP K 143 -10.53 -28.49 29.58
N SER L 22 27.28 8.67 59.50
CA SER L 22 28.03 9.25 58.40
C SER L 22 28.59 8.18 57.47
N VAL L 23 28.03 6.98 57.56
CA VAL L 23 28.52 5.90 56.73
C VAL L 23 27.65 5.72 55.49
N MET L 24 28.28 5.85 54.33
CA MET L 24 27.59 5.71 53.07
C MET L 24 27.28 4.26 52.73
N LYS L 25 26.18 4.06 52.01
CA LYS L 25 25.79 2.73 51.57
C LYS L 25 26.31 2.58 50.15
N ILE L 26 27.15 1.57 49.96
CA ILE L 26 27.84 1.38 48.68
C ILE L 26 27.58 -0.01 48.11
N ALA L 27 27.22 -0.05 46.83
CA ALA L 27 27.03 -1.33 46.15
C ALA L 27 28.26 -1.67 45.33
N LEU L 28 28.72 -2.90 45.49
CA LEU L 28 29.87 -3.42 44.76
C LEU L 28 29.43 -4.53 43.81
N ILE L 29 29.59 -4.28 42.52
CA ILE L 29 29.20 -5.26 41.51
C ILE L 29 30.31 -5.49 40.50
N ALA L 30 30.63 -6.75 40.24
CA ALA L 30 31.62 -7.07 39.22
C ALA L 30 31.19 -8.27 38.39
N HIS L 31 31.30 -8.16 37.06
CA HIS L 31 31.11 -9.30 36.20
C HIS L 31 32.30 -10.24 36.33
N ASP L 32 32.14 -11.48 35.86
CA ASP L 32 33.10 -12.55 36.12
C ASP L 32 34.53 -12.21 35.74
N LYS L 33 34.72 -11.61 34.56
CA LYS L 33 36.08 -11.28 34.11
C LYS L 33 36.63 -10.03 34.83
N LYS L 34 35.79 -9.39 35.63
CA LYS L 34 36.21 -8.21 36.39
C LYS L 34 36.28 -8.49 37.88
N LYS L 35 35.97 -9.73 38.28
CA LYS L 35 35.90 -10.07 39.70
C LYS L 35 37.23 -9.85 40.40
N GLN L 36 38.32 -10.23 39.75
CA GLN L 36 39.63 -10.09 40.34
C GLN L 36 39.98 -8.62 40.50
N ASP L 37 39.61 -7.82 39.51
CA ASP L 37 39.78 -6.38 39.60
C ASP L 37 39.07 -5.81 40.82
N MET L 38 37.88 -6.34 41.12
CA MET L 38 37.10 -5.89 42.27
C MET L 38 37.79 -6.26 43.59
N VAL L 39 38.24 -7.50 43.71
CA VAL L 39 38.98 -7.96 44.88
C VAL L 39 40.22 -7.10 45.16
N GLN L 40 40.98 -6.81 44.11
CA GLN L 40 42.18 -5.97 44.24
C GLN L 40 41.81 -4.53 44.56
N PHE L 41 40.66 -4.10 44.06
CA PHE L 41 40.15 -2.76 44.34
C PHE L 41 39.78 -2.66 45.82
N THR L 42 38.97 -3.60 46.29
CA THR L 42 38.51 -3.58 47.67
C THR L 42 39.65 -3.81 48.64
N THR L 43 40.67 -4.54 48.20
CA THR L 43 41.84 -4.77 49.01
C THR L 43 42.68 -3.51 49.11
N ALA L 44 42.87 -2.83 47.99
CA ALA L 44 43.66 -1.60 47.97
C ALA L 44 43.06 -0.52 48.87
N TYR L 45 41.73 -0.51 48.93
CA TYR L 45 41.00 0.55 49.60
C TYR L 45 40.22 0.06 50.81
N ARG L 46 40.70 -1.04 51.40
CA ARG L 46 40.07 -1.60 52.59
C ARG L 46 39.90 -0.55 53.70
N ASP L 47 40.95 0.24 53.93
CA ASP L 47 40.93 1.19 55.04
C ASP L 47 39.92 2.32 54.83
N ILE L 48 39.52 2.52 53.58
CA ILE L 48 38.45 3.46 53.29
C ILE L 48 37.10 2.76 53.37
N LEU L 49 37.00 1.59 52.74
CA LEU L 49 35.72 0.89 52.65
C LEU L 49 35.20 0.39 54.00
N LYS L 50 36.08 0.20 54.97
CA LYS L 50 35.68 -0.35 56.25
C LYS L 50 34.82 0.61 57.08
N ASN L 51 34.77 1.86 56.66
CA ASN L 51 34.00 2.88 57.38
C ASN L 51 32.61 3.08 56.79
N HIS L 52 32.23 2.21 55.86
CA HIS L 52 30.93 2.32 55.19
C HIS L 52 30.19 1.00 55.15
N ASP L 53 28.91 1.06 54.78
CA ASP L 53 28.09 -0.14 54.64
C ASP L 53 28.18 -0.67 53.21
N LEU L 54 28.59 -1.92 53.06
CA LEU L 54 28.87 -2.49 51.75
C LEU L 54 27.84 -3.53 51.32
N TYR L 55 27.44 -3.46 50.06
CA TYR L 55 26.48 -4.38 49.46
C TYR L 55 27.11 -4.95 48.20
N ALA L 56 26.93 -6.25 47.96
CA ALA L 56 27.55 -6.89 46.81
C ALA L 56 26.67 -8.00 46.28
N THR L 57 26.71 -8.18 44.97
CA THR L 57 25.95 -9.22 44.30
C THR L 57 26.79 -10.49 44.13
N GLY L 58 26.15 -11.64 44.28
CA GLY L 58 26.78 -12.92 43.98
C GLY L 58 28.02 -13.26 44.78
N THR L 59 28.84 -14.14 44.22
CA THR L 59 30.03 -14.66 44.87
C THR L 59 31.09 -13.58 45.04
N THR L 60 30.93 -12.47 44.31
CA THR L 60 31.80 -11.32 44.46
C THR L 60 31.89 -10.89 45.93
N GLY L 61 30.74 -10.85 46.59
CA GLY L 61 30.69 -10.52 48.01
C GLY L 61 31.56 -11.45 48.85
N LEU L 62 31.40 -12.75 48.64
CA LEU L 62 32.21 -13.74 49.34
C LEU L 62 33.69 -13.50 49.11
N LYS L 63 34.09 -13.30 47.85
CA LYS L 63 35.48 -13.06 47.50
C LYS L 63 36.05 -11.80 48.16
N ILE L 64 35.28 -10.72 48.13
CA ILE L 64 35.68 -9.49 48.80
C ILE L 64 35.89 -9.73 50.29
N HIS L 65 34.89 -10.36 50.91
CA HIS L 65 34.91 -10.63 52.35
C HIS L 65 36.15 -11.42 52.79
N GLU L 66 36.57 -12.37 51.96
CA GLU L 66 37.66 -13.25 52.35
C GLU L 66 39.01 -12.60 52.08
N ALA L 67 39.02 -11.63 51.17
CA ALA L 67 40.25 -10.89 50.87
C ALA L 67 40.51 -9.78 51.89
N THR L 68 39.44 -9.22 52.47
CA THR L 68 39.56 -8.03 53.32
C THR L 68 39.05 -8.19 54.76
N GLY L 69 38.13 -9.11 54.97
CA GLY L 69 37.49 -9.23 56.28
C GLY L 69 36.27 -8.34 56.42
N LEU L 70 36.06 -7.47 55.45
CA LEU L 70 34.93 -6.54 55.45
C LEU L 70 33.57 -7.22 55.49
N GLN L 71 32.63 -6.61 56.20
CA GLN L 71 31.25 -7.09 56.27
C GLN L 71 30.49 -6.72 54.99
N ILE L 72 29.87 -7.71 54.37
CA ILE L 72 29.24 -7.52 53.07
C ILE L 72 27.80 -8.04 53.07
N GLU L 73 26.84 -7.16 52.77
CA GLU L 73 25.47 -7.63 52.62
C GLU L 73 25.32 -8.29 51.25
N ARG L 74 24.89 -9.55 51.24
CA ARG L 74 24.96 -10.39 50.06
C ARG L 74 23.65 -10.42 49.30
N PHE L 75 23.73 -10.23 47.98
CA PHE L 75 22.57 -10.36 47.12
C PHE L 75 22.84 -11.41 46.04
N GLN L 76 21.81 -11.74 45.27
CA GLN L 76 21.96 -12.67 44.16
C GLN L 76 23.00 -12.20 43.16
N SER L 77 23.51 -13.11 42.35
CA SER L 77 24.34 -12.71 41.23
C SER L 77 23.49 -11.91 40.25
N GLY L 78 24.15 -11.14 39.40
CA GLY L 78 23.51 -10.46 38.29
C GLY L 78 22.47 -11.28 37.55
N PRO L 79 22.86 -12.41 36.94
CA PRO L 79 21.89 -13.18 36.16
C PRO L 79 20.68 -13.68 36.99
N LEU L 80 20.86 -13.84 38.29
CA LEU L 80 19.77 -14.34 39.15
C LEU L 80 19.04 -13.21 39.88
N GLY L 81 19.34 -11.97 39.49
CA GLY L 81 18.51 -10.85 39.89
C GLY L 81 19.16 -9.81 40.79
N GLY L 82 20.45 -9.96 41.06
CA GLY L 82 21.14 -9.07 41.97
C GLY L 82 21.14 -7.61 41.53
N ASP L 83 21.22 -7.38 40.23
CA ASP L 83 21.22 -6.02 39.69
C ASP L 83 19.90 -5.30 39.98
N GLN L 84 18.81 -6.04 39.93
CA GLN L 84 17.50 -5.49 40.23
C GLN L 84 17.32 -5.28 41.74
N GLN L 85 17.96 -6.15 42.53
CA GLN L 85 17.95 -6.00 43.99
C GLN L 85 18.67 -4.71 44.40
N ILE L 86 19.78 -4.43 43.73
CA ILE L 86 20.51 -3.19 43.94
C ILE L 86 19.65 -2.02 43.46
N GLY L 87 19.07 -2.16 42.27
CA GLY L 87 18.21 -1.14 41.72
C GLY L 87 17.02 -0.84 42.61
N ALA L 88 16.47 -1.88 43.25
CA ALA L 88 15.41 -1.69 44.24
C ALA L 88 15.85 -0.77 45.39
N LEU L 89 17.08 -0.97 45.87
CA LEU L 89 17.61 -0.14 46.95
C LEU L 89 17.68 1.32 46.51
N ILE L 90 18.06 1.51 45.25
CA ILE L 90 18.12 2.86 44.69
C ILE L 90 16.73 3.48 44.60
N ALA L 91 15.76 2.69 44.15
CA ALA L 91 14.37 3.15 44.08
C ALA L 91 13.83 3.57 45.44
N ALA L 92 14.32 2.94 46.50
CA ALA L 92 13.87 3.25 47.85
C ALA L 92 14.85 4.20 48.53
N ASN L 93 15.71 4.80 47.73
CA ASN L 93 16.67 5.80 48.20
C ASN L 93 17.59 5.29 49.28
N ALA L 94 18.08 4.06 49.12
CA ALA L 94 18.85 3.39 50.16
C ALA L 94 20.28 3.10 49.74
N LEU L 95 20.77 3.82 48.72
CA LEU L 95 22.16 3.69 48.28
C LEU L 95 22.78 5.05 47.94
N ASP L 96 24.06 5.19 48.25
CA ASP L 96 24.77 6.44 48.04
C ASP L 96 25.83 6.39 46.92
N LEU L 97 26.22 5.19 46.53
CA LEU L 97 27.30 5.01 45.59
C LEU L 97 27.30 3.61 45.00
N VAL L 98 27.50 3.52 43.70
CA VAL L 98 27.58 2.22 43.05
C VAL L 98 28.89 2.09 42.29
N ILE L 99 29.65 1.03 42.60
CA ILE L 99 30.82 0.64 41.82
C ILE L 99 30.44 -0.57 40.97
N PHE L 100 30.17 -0.33 39.69
CA PHE L 100 29.69 -1.35 38.78
C PHE L 100 30.74 -1.71 37.75
N LEU L 101 31.56 -2.72 38.04
CA LEU L 101 32.60 -3.13 37.11
C LEU L 101 32.04 -4.12 36.10
N ARG L 102 31.26 -3.60 35.16
CA ARG L 102 30.68 -4.43 34.12
C ARG L 102 31.78 -4.84 33.16
N ASP L 103 31.57 -5.97 32.48
CA ASP L 103 32.47 -6.43 31.45
C ASP L 103 31.95 -5.94 30.09
N PRO L 104 32.64 -4.95 29.50
CA PRO L 104 32.22 -4.35 28.23
C PRO L 104 32.67 -5.16 27.03
N LEU L 105 33.41 -6.23 27.24
CA LEU L 105 33.95 -7.01 26.14
C LEU L 105 33.34 -8.41 26.06
N THR L 106 32.29 -8.64 26.85
CA THR L 106 31.59 -9.93 26.83
C THR L 106 30.08 -9.75 26.79
N ALA L 107 29.41 -10.43 25.88
CA ALA L 107 27.96 -10.39 25.79
C ALA L 107 27.34 -11.03 27.03
N GLN L 108 26.60 -10.23 27.78
CA GLN L 108 25.97 -10.71 29.02
C GLN L 108 24.54 -11.16 28.77
N PRO L 109 24.14 -12.28 29.40
CA PRO L 109 22.76 -12.76 29.30
C PRO L 109 21.76 -11.78 29.94
N HIS L 110 22.23 -11.05 30.94
CA HIS L 110 21.36 -10.14 31.67
C HIS L 110 21.69 -8.69 31.33
N GLU L 111 22.15 -8.47 30.09
CA GLU L 111 22.41 -7.12 29.58
C GLU L 111 21.27 -6.13 29.94
N PRO L 112 20.00 -6.53 29.77
CA PRO L 112 18.98 -5.53 30.13
C PRO L 112 19.03 -5.09 31.58
N ASP L 113 19.31 -6.02 32.50
CA ASP L 113 19.44 -5.69 33.92
C ASP L 113 20.58 -4.70 34.13
N VAL L 114 21.68 -4.96 33.43
CA VAL L 114 22.87 -4.12 33.49
C VAL L 114 22.51 -2.71 33.03
N SER L 115 21.89 -2.60 31.86
CA SER L 115 21.50 -1.30 31.32
C SER L 115 20.48 -0.60 32.21
N ALA L 116 19.59 -1.38 32.81
CA ALA L 116 18.52 -0.83 33.67
C ALA L 116 19.08 -0.23 34.98
N LEU L 117 20.04 -0.92 35.58
CA LEU L 117 20.64 -0.44 36.82
C LEU L 117 21.38 0.89 36.58
N ILE L 118 22.19 0.93 35.53
CA ILE L 118 22.87 2.14 35.12
C ILE L 118 21.85 3.26 34.86
N ARG L 119 20.78 2.94 34.13
CA ARG L 119 19.75 3.93 33.86
C ARG L 119 19.11 4.44 35.15
N LEU L 120 18.85 3.54 36.10
CA LEU L 120 18.19 3.93 37.34
C LEU L 120 19.11 4.80 38.22
N CYS L 121 20.40 4.48 38.26
CA CYS L 121 21.36 5.33 38.95
C CYS L 121 21.30 6.75 38.41
N ASP L 122 21.21 6.85 37.09
CA ASP L 122 21.21 8.13 36.42
C ASP L 122 19.93 8.89 36.72
N VAL L 123 18.82 8.16 36.84
CA VAL L 123 17.54 8.77 37.20
C VAL L 123 17.64 9.53 38.54
N TYR L 124 18.33 8.92 39.51
CA TYR L 124 18.41 9.49 40.85
C TYR L 124 19.74 10.20 41.12
N SER L 125 20.51 10.46 40.06
CA SER L 125 21.83 11.10 40.18
C SER L 125 22.72 10.39 41.21
N ILE L 126 22.56 9.09 41.33
CA ILE L 126 23.42 8.32 42.21
C ILE L 126 24.80 8.19 41.56
N PRO L 127 25.84 8.62 42.28
CA PRO L 127 27.24 8.42 41.86
C PRO L 127 27.51 6.98 41.47
N LEU L 128 27.99 6.80 40.25
CA LEU L 128 28.11 5.48 39.65
C LEU L 128 29.40 5.38 38.87
N ALA L 129 30.20 4.38 39.20
CA ALA L 129 31.38 4.07 38.41
C ALA L 129 31.06 2.85 37.56
N THR L 130 31.27 2.95 36.25
CA THR L 130 31.03 1.83 35.36
C THR L 130 32.36 1.19 34.91
N ASN L 131 33.47 1.71 35.43
CA ASN L 131 34.78 1.13 35.16
C ASN L 131 35.78 1.54 36.25
N MET L 132 36.95 0.90 36.24
CA MET L 132 37.94 1.14 37.29
C MET L 132 38.43 2.60 37.36
N GLY L 133 38.47 3.27 36.21
CA GLY L 133 38.95 4.64 36.14
C GLY L 133 38.09 5.58 36.97
N THR L 134 36.78 5.48 36.76
CA THR L 134 35.80 6.22 37.57
C THR L 134 35.82 5.73 39.02
N ALA L 135 35.98 4.42 39.19
CA ALA L 135 35.89 3.81 40.51
C ALA L 135 36.97 4.33 41.45
N GLU L 136 38.21 4.38 40.97
CA GLU L 136 39.29 4.85 41.81
C GLU L 136 39.15 6.33 42.20
N ILE L 137 38.62 7.15 41.30
CA ILE L 137 38.43 8.55 41.63
C ILE L 137 37.31 8.70 42.66
N LEU L 138 36.21 7.96 42.46
CA LEU L 138 35.09 8.04 43.38
C LEU L 138 35.46 7.57 44.78
N VAL L 139 36.16 6.46 44.89
CA VAL L 139 36.52 5.93 46.20
C VAL L 139 37.54 6.79 46.98
N ARG L 140 38.40 7.51 46.27
CA ARG L 140 39.39 8.37 46.92
C ARG L 140 38.73 9.49 47.70
N THR L 141 37.65 10.03 47.14
CA THR L 141 36.90 11.10 47.76
C THR L 141 36.24 10.74 49.07
N LEU L 142 35.90 9.47 49.26
CA LEU L 142 35.27 9.04 50.50
C LEU L 142 36.18 9.28 51.70
N ASP L 143 37.48 9.03 51.53
CA ASP L 143 38.44 9.25 52.59
C ASP L 143 38.52 10.75 52.90
C1 GOL M . 3.89 -7.65 -11.88
O1 GOL M . 2.73 -6.84 -11.75
C2 GOL M . 4.36 -7.73 -13.34
O2 GOL M . 3.70 -8.76 -14.04
C3 GOL M . 5.87 -7.97 -13.41
O3 GOL M . 6.24 -9.26 -12.95
C1 GOL N . -8.30 -5.69 -11.56
O1 GOL N . -8.21 -6.72 -10.59
C2 GOL N . -6.96 -4.99 -11.72
O2 GOL N . -5.88 -5.89 -11.60
C3 GOL N . -6.86 -3.91 -10.65
O3 GOL N . -7.97 -3.03 -10.76
CL CL O . -5.18 -7.35 -14.37
CL CL P . -28.76 19.27 -33.68
CL CL Q . -25.81 19.20 -5.67
CL CL R . -27.51 15.38 -34.02
CL CL R . -28.27 13.31 -34.51
C1 GOL S . -31.81 -8.22 -35.50
O1 GOL S . -33.05 -8.86 -35.68
C2 GOL S . -30.97 -8.95 -34.46
O2 GOL S . -31.74 -10.01 -33.97
C3 GOL S . -30.53 -8.01 -33.33
O3 GOL S . -29.38 -8.46 -32.67
C1 GOL T . -41.00 -21.65 -34.00
O1 GOL T . -40.34 -22.78 -33.46
C2 GOL T . -39.94 -20.75 -34.64
O2 GOL T . -39.00 -21.59 -35.26
C3 GOL T . -40.57 -19.82 -35.65
O3 GOL T . -39.58 -18.93 -36.11
CL CL U . 7.79 2.34 -45.32
C1 GOL V . -30.98 -3.19 -5.49
O1 GOL V . -29.63 -3.23 -5.12
C2 GOL V . -31.10 -2.50 -6.83
O2 GOL V . -32.03 -1.43 -6.74
C3 GOL V . -29.71 -2.05 -7.30
O3 GOL V . -29.75 -1.28 -8.49
CL CL W . -43.97 -7.92 -0.96
CL CL W . -41.65 -7.66 -1.01
CL CL X . -41.03 0.01 -31.51
CL CL Y . -12.12 13.52 -9.43
C1 GOL Z . -20.59 27.30 -11.44
O1 GOL Z . -21.79 27.75 -10.84
C2 GOL Z . -19.43 28.27 -11.18
O2 GOL Z . -19.61 29.45 -11.93
C3 GOL Z . -19.29 28.61 -9.70
O3 GOL Z . -18.67 27.55 -8.98
C1 GOL AA . -4.69 37.90 -14.68
O1 GOL AA . -4.37 38.09 -13.31
C2 GOL AA . -3.83 38.82 -15.54
O2 GOL AA . -3.56 38.21 -16.79
C3 GOL AA . -4.60 40.11 -15.76
O3 GOL AA . -3.96 40.87 -16.76
CL CL BA . 38.21 -6.59 13.87
C1 GOL CA . 48.01 -2.92 6.90
O1 GOL CA . 48.88 -3.52 7.82
C2 GOL CA . 48.75 -1.82 6.15
O2 GOL CA . 48.66 -0.61 6.86
C3 GOL CA . 48.12 -1.65 4.78
O3 GOL CA . 48.60 -0.43 4.23
CL CL DA . 24.61 -8.99 18.72
CL CL EA . 3.29 3.51 36.53
CL CL FA . -2.43 -4.02 -5.63
CL CL FA . -2.48 -3.12 -3.53
CL CL GA . 7.12 4.14 11.45
CL CL HA . 3.82 0.74 7.61
CL CL IA . 42.48 -2.07 26.22
CL CL JA . 15.48 20.46 18.96
CL CL KA . 27.29 21.80 15.77
CL CL LA . 20.13 15.33 21.74
CL CL LA . 18.50 14.72 23.31
C1 GOL MA . 18.36 -21.05 19.98
O1 GOL MA . 18.01 -21.96 18.97
C2 GOL MA . 19.52 -21.59 20.79
O2 GOL MA . 19.11 -21.85 22.11
C3 GOL MA . 20.65 -20.57 20.84
O3 GOL MA . 20.41 -19.55 19.90
CL CL NA . 15.45 -24.29 17.36
#